data_3JBM
# 
_entry.id   3JBM 
# 
_audit_conform.dict_name       mmcif_pdbx.dic 
_audit_conform.dict_version    5.387 
_audit_conform.dict_location   http://mmcif.pdb.org/dictionaries/ascii/mmcif_pdbx.dic 
# 
loop_
_database_2.database_id 
_database_2.database_code 
_database_2.pdbx_database_accession 
_database_2.pdbx_DOI 
RCSB  RCSB160496   ?            ?                   
PDB   3JBM         pdb_00003jbm 10.2210/pdb3jbm/pdb 
WWPDB D_1000160496 ?            ?                   
# 
loop_
_pdbx_audit_revision_history.ordinal 
_pdbx_audit_revision_history.data_content_type 
_pdbx_audit_revision_history.major_revision 
_pdbx_audit_revision_history.minor_revision 
_pdbx_audit_revision_history.revision_date 
1 'Structure model' 1 0 2016-10-19 
2 'Structure model' 1 1 2016-10-26 
3 'Structure model' 1 2 2017-02-22 
4 'Structure model' 1 3 2019-11-06 
5 'Structure model' 1 4 2019-12-18 
6 'Structure model' 1 5 2024-03-20 
# 
_pdbx_audit_revision_details.ordinal             1 
_pdbx_audit_revision_details.revision_ordinal    1 
_pdbx_audit_revision_details.data_content_type   'Structure model' 
_pdbx_audit_revision_details.provider            repository 
_pdbx_audit_revision_details.type                'Initial release' 
_pdbx_audit_revision_details.description         ? 
_pdbx_audit_revision_details.details             ? 
# 
loop_
_pdbx_audit_revision_group.ordinal 
_pdbx_audit_revision_group.revision_ordinal 
_pdbx_audit_revision_group.data_content_type 
_pdbx_audit_revision_group.group 
1  2 'Structure model' Other                        
2  3 'Structure model' 'Database references'        
3  4 'Structure model' 'Author supporting evidence' 
4  4 'Structure model' 'Data collection'            
5  4 'Structure model' 'Database references'        
6  4 'Structure model' 'Source and taxonomy'        
7  5 'Structure model' 'Data collection'            
8  6 'Structure model' 'Data collection'            
9  6 'Structure model' 'Database references'        
10 6 'Structure model' 'Derived calculations'       
11 6 'Structure model' 'Refinement description'     
# 
loop_
_pdbx_audit_revision_category.ordinal 
_pdbx_audit_revision_category.revision_ordinal 
_pdbx_audit_revision_category.data_content_type 
_pdbx_audit_revision_category.category 
1  4 'Structure model' database_2                    
2  4 'Structure model' em_image_scans                
3  4 'Structure model' em_software                   
4  4 'Structure model' em_virus_natural_host         
5  4 'Structure model' entity_src_gen                
6  5 'Structure model' em_software                   
7  6 'Structure model' chem_comp_atom                
8  6 'Structure model' chem_comp_bond                
9  6 'Structure model' database_2                    
10 6 'Structure model' em_3d_fitting_list            
11 6 'Structure model' pdbx_initial_refinement_model 
12 6 'Structure model' pdbx_struct_oper_list         
# 
loop_
_pdbx_audit_revision_item.ordinal 
_pdbx_audit_revision_item.revision_ordinal 
_pdbx_audit_revision_item.data_content_type 
_pdbx_audit_revision_item.item 
1  4 'Structure model' '_em_software.name'                               
2  4 'Structure model' '_em_virus_natural_host.ncbi_tax_id'              
3  4 'Structure model' '_em_virus_natural_host.organism'                 
4  4 'Structure model' '_entity_src_gen.pdbx_gene_src_ncbi_taxonomy_id'  
5  4 'Structure model' '_entity_src_gen.pdbx_gene_src_scientific_name'   
6  5 'Structure model' '_em_software.image_processing_id'                
7  6 'Structure model' '_database_2.pdbx_DOI'                            
8  6 'Structure model' '_database_2.pdbx_database_accession'             
9  6 'Structure model' '_em_3d_fitting_list.accession_code'              
10 6 'Structure model' '_em_3d_fitting_list.initial_refinement_model_id' 
11 6 'Structure model' '_em_3d_fitting_list.source_name'                 
12 6 'Structure model' '_em_3d_fitting_list.type'                        
13 6 'Structure model' '_pdbx_struct_oper_list.name'                     
14 6 'Structure model' '_pdbx_struct_oper_list.symmetry_operation'       
15 6 'Structure model' '_pdbx_struct_oper_list.type'                     
# 
_pdbx_database_status.status_code                     REL 
_pdbx_database_status.entry_id                        3JBM 
_pdbx_database_status.recvd_initial_deposition_date   2015-09-06 
_pdbx_database_status.deposit_site                    RCSB 
_pdbx_database_status.process_site                    PDBJ 
_pdbx_database_status.status_code_sf                  ? 
_pdbx_database_status.status_code_mr                  ? 
_pdbx_database_status.SG_entry                        ? 
_pdbx_database_status.status_code_cs                  ? 
_pdbx_database_status.methods_development_category    ? 
_pdbx_database_status.pdb_format_compatible           Y 
_pdbx_database_status.status_code_nmr_data            ? 
# 
_pdbx_database_related.db_name        EMDB 
_pdbx_database_related.db_id          EMD-6453 
_pdbx_database_related.content_type   'associated EM volume' 
_pdbx_database_related.details        . 
# 
loop_
_audit_author.pdbx_ordinal 
_audit_author.name 
_audit_author.identifier_ORCID 
1  'Xie, J.'   ? 
2  'Li, K.'    ? 
3  'Gao, Y.'   ? 
4  'Huang, R.' ? 
5  'Lai, Y.'   ? 
6  'Shi, Y.'   ? 
7  'Yang, S.'  ? 
8  'Zhu, G.'   ? 
9  'Zhang, Q.' ? 
10 'He, J.'    ? 
# 
_citation.id                        primary 
_citation.title                     
;Structural analysis and insertion study reveal the ideal sites for surface displaying foreign peptides on a betanodavirus-like particle
;
_citation.journal_abbrev            'Vet. Res.' 
_citation.journal_volume            47 
_citation.page_first                16 
_citation.page_last                 16 
_citation.year                      2016 
_citation.journal_id_ASTM           ? 
_citation.country                   ? 
_citation.journal_id_ISSN           1297-9716 
_citation.journal_id_CSD            ? 
_citation.book_publisher            ? 
_citation.pdbx_database_id_PubMed   26754256 
_citation.pdbx_database_id_DOI      10.1186/s13567-015-0294-9 
# 
loop_
_citation_author.citation_id 
_citation_author.name 
_citation_author.ordinal 
_citation_author.identifier_ORCID 
primary 'Xie, J.'   1  ? 
primary 'Li, K.'    2  ? 
primary 'Gao, Y.'   3  ? 
primary 'Huang, R.' 4  ? 
primary 'Lai, Y.'   5  ? 
primary 'Shi, Y.'   6  ? 
primary 'Yang, S.'  7  ? 
primary 'Zhu, G.'   8  ? 
primary 'Zhang, Q.' 9  ? 
primary 'He, J.'    10 ? 
# 
_entity.id                         1 
_entity.type                       polymer 
_entity.src_method                 man 
_entity.pdbx_description           'virus-like particle of orange-spotted grouper nervous necrosis virus' 
_entity.formula_weight             37102.719 
_entity.pdbx_number_of_molecules   3 
_entity.pdbx_ec                    ? 
_entity.pdbx_mutation              ? 
_entity.pdbx_fragment              ? 
_entity.details                    ? 
# 
_entity_poly.entity_id                      1 
_entity_poly.type                           'polypeptide(L)' 
_entity_poly.nstd_linkage                   no 
_entity_poly.nstd_monomer                   no 
_entity_poly.pdbx_seq_one_letter_code       
;MVRKGEKKLAKPATTKAANPQPRRRANNRRRSNRTDAPVSKASTVTGFGRGTNDVHLSGMSRISQAVLPAGTGTDGYVVV
DATIVPDLLPRLGHAARIFQRYAVETLEFEIQPMCPANTGGGYVAGFLPDPTDNDHTFDALQATRGAVVAKWWESRTVRP
QYTRTLLWTSSGKEQRLTSPGRLILLCVGNNTDVVNVSVLCRWSVRLSVPSLETPEETTAPIMTQGSLYNDSLSTNDFKS
ILLGSTPLDIAPDGAVFQLDRPLSIDYSLGTGDVDRAVYWHLKKFAGNAGTPAGWFRWGIWDNFNKTFTDGVAYYSDEQP
RQILLPVGTVCTRVDSEN
;
_entity_poly.pdbx_seq_one_letter_code_can   
;MVRKGEKKLAKPATTKAANPQPRRRANNRRRSNRTDAPVSKASTVTGFGRGTNDVHLSGMSRISQAVLPAGTGTDGYVVV
DATIVPDLLPRLGHAARIFQRYAVETLEFEIQPMCPANTGGGYVAGFLPDPTDNDHTFDALQATRGAVVAKWWESRTVRP
QYTRTLLWTSSGKEQRLTSPGRLILLCVGNNTDVVNVSVLCRWSVRLSVPSLETPEETTAPIMTQGSLYNDSLSTNDFKS
ILLGSTPLDIAPDGAVFQLDRPLSIDYSLGTGDVDRAVYWHLKKFAGNAGTPAGWFRWGIWDNFNKTFTDGVAYYSDEQP
RQILLPVGTVCTRVDSEN
;
_entity_poly.pdbx_strand_id                 A,B,C 
_entity_poly.pdbx_target_identifier         ? 
# 
loop_
_entity_poly_seq.entity_id 
_entity_poly_seq.num 
_entity_poly_seq.mon_id 
_entity_poly_seq.hetero 
1 1   MET n 
1 2   VAL n 
1 3   ARG n 
1 4   LYS n 
1 5   GLY n 
1 6   GLU n 
1 7   LYS n 
1 8   LYS n 
1 9   LEU n 
1 10  ALA n 
1 11  LYS n 
1 12  PRO n 
1 13  ALA n 
1 14  THR n 
1 15  THR n 
1 16  LYS n 
1 17  ALA n 
1 18  ALA n 
1 19  ASN n 
1 20  PRO n 
1 21  GLN n 
1 22  PRO n 
1 23  ARG n 
1 24  ARG n 
1 25  ARG n 
1 26  ALA n 
1 27  ASN n 
1 28  ASN n 
1 29  ARG n 
1 30  ARG n 
1 31  ARG n 
1 32  SER n 
1 33  ASN n 
1 34  ARG n 
1 35  THR n 
1 36  ASP n 
1 37  ALA n 
1 38  PRO n 
1 39  VAL n 
1 40  SER n 
1 41  LYS n 
1 42  ALA n 
1 43  SER n 
1 44  THR n 
1 45  VAL n 
1 46  THR n 
1 47  GLY n 
1 48  PHE n 
1 49  GLY n 
1 50  ARG n 
1 51  GLY n 
1 52  THR n 
1 53  ASN n 
1 54  ASP n 
1 55  VAL n 
1 56  HIS n 
1 57  LEU n 
1 58  SER n 
1 59  GLY n 
1 60  MET n 
1 61  SER n 
1 62  ARG n 
1 63  ILE n 
1 64  SER n 
1 65  GLN n 
1 66  ALA n 
1 67  VAL n 
1 68  LEU n 
1 69  PRO n 
1 70  ALA n 
1 71  GLY n 
1 72  THR n 
1 73  GLY n 
1 74  THR n 
1 75  ASP n 
1 76  GLY n 
1 77  TYR n 
1 78  VAL n 
1 79  VAL n 
1 80  VAL n 
1 81  ASP n 
1 82  ALA n 
1 83  THR n 
1 84  ILE n 
1 85  VAL n 
1 86  PRO n 
1 87  ASP n 
1 88  LEU n 
1 89  LEU n 
1 90  PRO n 
1 91  ARG n 
1 92  LEU n 
1 93  GLY n 
1 94  HIS n 
1 95  ALA n 
1 96  ALA n 
1 97  ARG n 
1 98  ILE n 
1 99  PHE n 
1 100 GLN n 
1 101 ARG n 
1 102 TYR n 
1 103 ALA n 
1 104 VAL n 
1 105 GLU n 
1 106 THR n 
1 107 LEU n 
1 108 GLU n 
1 109 PHE n 
1 110 GLU n 
1 111 ILE n 
1 112 GLN n 
1 113 PRO n 
1 114 MET n 
1 115 CYS n 
1 116 PRO n 
1 117 ALA n 
1 118 ASN n 
1 119 THR n 
1 120 GLY n 
1 121 GLY n 
1 122 GLY n 
1 123 TYR n 
1 124 VAL n 
1 125 ALA n 
1 126 GLY n 
1 127 PHE n 
1 128 LEU n 
1 129 PRO n 
1 130 ASP n 
1 131 PRO n 
1 132 THR n 
1 133 ASP n 
1 134 ASN n 
1 135 ASP n 
1 136 HIS n 
1 137 THR n 
1 138 PHE n 
1 139 ASP n 
1 140 ALA n 
1 141 LEU n 
1 142 GLN n 
1 143 ALA n 
1 144 THR n 
1 145 ARG n 
1 146 GLY n 
1 147 ALA n 
1 148 VAL n 
1 149 VAL n 
1 150 ALA n 
1 151 LYS n 
1 152 TRP n 
1 153 TRP n 
1 154 GLU n 
1 155 SER n 
1 156 ARG n 
1 157 THR n 
1 158 VAL n 
1 159 ARG n 
1 160 PRO n 
1 161 GLN n 
1 162 TYR n 
1 163 THR n 
1 164 ARG n 
1 165 THR n 
1 166 LEU n 
1 167 LEU n 
1 168 TRP n 
1 169 THR n 
1 170 SER n 
1 171 SER n 
1 172 GLY n 
1 173 LYS n 
1 174 GLU n 
1 175 GLN n 
1 176 ARG n 
1 177 LEU n 
1 178 THR n 
1 179 SER n 
1 180 PRO n 
1 181 GLY n 
1 182 ARG n 
1 183 LEU n 
1 184 ILE n 
1 185 LEU n 
1 186 LEU n 
1 187 CYS n 
1 188 VAL n 
1 189 GLY n 
1 190 ASN n 
1 191 ASN n 
1 192 THR n 
1 193 ASP n 
1 194 VAL n 
1 195 VAL n 
1 196 ASN n 
1 197 VAL n 
1 198 SER n 
1 199 VAL n 
1 200 LEU n 
1 201 CYS n 
1 202 ARG n 
1 203 TRP n 
1 204 SER n 
1 205 VAL n 
1 206 ARG n 
1 207 LEU n 
1 208 SER n 
1 209 VAL n 
1 210 PRO n 
1 211 SER n 
1 212 LEU n 
1 213 GLU n 
1 214 THR n 
1 215 PRO n 
1 216 GLU n 
1 217 GLU n 
1 218 THR n 
1 219 THR n 
1 220 ALA n 
1 221 PRO n 
1 222 ILE n 
1 223 MET n 
1 224 THR n 
1 225 GLN n 
1 226 GLY n 
1 227 SER n 
1 228 LEU n 
1 229 TYR n 
1 230 ASN n 
1 231 ASP n 
1 232 SER n 
1 233 LEU n 
1 234 SER n 
1 235 THR n 
1 236 ASN n 
1 237 ASP n 
1 238 PHE n 
1 239 LYS n 
1 240 SER n 
1 241 ILE n 
1 242 LEU n 
1 243 LEU n 
1 244 GLY n 
1 245 SER n 
1 246 THR n 
1 247 PRO n 
1 248 LEU n 
1 249 ASP n 
1 250 ILE n 
1 251 ALA n 
1 252 PRO n 
1 253 ASP n 
1 254 GLY n 
1 255 ALA n 
1 256 VAL n 
1 257 PHE n 
1 258 GLN n 
1 259 LEU n 
1 260 ASP n 
1 261 ARG n 
1 262 PRO n 
1 263 LEU n 
1 264 SER n 
1 265 ILE n 
1 266 ASP n 
1 267 TYR n 
1 268 SER n 
1 269 LEU n 
1 270 GLY n 
1 271 THR n 
1 272 GLY n 
1 273 ASP n 
1 274 VAL n 
1 275 ASP n 
1 276 ARG n 
1 277 ALA n 
1 278 VAL n 
1 279 TYR n 
1 280 TRP n 
1 281 HIS n 
1 282 LEU n 
1 283 LYS n 
1 284 LYS n 
1 285 PHE n 
1 286 ALA n 
1 287 GLY n 
1 288 ASN n 
1 289 ALA n 
1 290 GLY n 
1 291 THR n 
1 292 PRO n 
1 293 ALA n 
1 294 GLY n 
1 295 TRP n 
1 296 PHE n 
1 297 ARG n 
1 298 TRP n 
1 299 GLY n 
1 300 ILE n 
1 301 TRP n 
1 302 ASP n 
1 303 ASN n 
1 304 PHE n 
1 305 ASN n 
1 306 LYS n 
1 307 THR n 
1 308 PHE n 
1 309 THR n 
1 310 ASP n 
1 311 GLY n 
1 312 VAL n 
1 313 ALA n 
1 314 TYR n 
1 315 TYR n 
1 316 SER n 
1 317 ASP n 
1 318 GLU n 
1 319 GLN n 
1 320 PRO n 
1 321 ARG n 
1 322 GLN n 
1 323 ILE n 
1 324 LEU n 
1 325 LEU n 
1 326 PRO n 
1 327 VAL n 
1 328 GLY n 
1 329 THR n 
1 330 VAL n 
1 331 CYS n 
1 332 THR n 
1 333 ARG n 
1 334 VAL n 
1 335 ASP n 
1 336 SER n 
1 337 GLU n 
1 338 ASN n 
# 
_entity_src_gen.entity_id                          1 
_entity_src_gen.pdbx_src_id                        1 
_entity_src_gen.pdbx_alt_source_flag               sample 
_entity_src_gen.pdbx_seq_type                      ? 
_entity_src_gen.pdbx_beg_seq_num                   ? 
_entity_src_gen.pdbx_end_seq_num                   ? 
_entity_src_gen.gene_src_common_name               'orange-spotted grouper' 
_entity_src_gen.gene_src_genus                     ? 
_entity_src_gen.pdbx_gene_src_gene                 ? 
_entity_src_gen.gene_src_species                   ? 
_entity_src_gen.gene_src_strain                    ? 
_entity_src_gen.gene_src_tissue                    ? 
_entity_src_gen.gene_src_tissue_fraction           ? 
_entity_src_gen.gene_src_details                   ? 
_entity_src_gen.pdbx_gene_src_fragment             ? 
_entity_src_gen.pdbx_gene_src_scientific_name      'Orange-spotted grouper nervous necrosis virus' 
_entity_src_gen.pdbx_gene_src_ncbi_taxonomy_id     421750 
_entity_src_gen.pdbx_gene_src_variant              ? 
_entity_src_gen.pdbx_gene_src_cell_line            ? 
_entity_src_gen.pdbx_gene_src_atcc                 ? 
_entity_src_gen.pdbx_gene_src_organ                ? 
_entity_src_gen.pdbx_gene_src_organelle            ? 
_entity_src_gen.pdbx_gene_src_cell                 ? 
_entity_src_gen.pdbx_gene_src_cellular_location    ? 
_entity_src_gen.host_org_common_name               ? 
_entity_src_gen.pdbx_host_org_scientific_name      'Escherichia coli' 
_entity_src_gen.pdbx_host_org_ncbi_taxonomy_id     562 
_entity_src_gen.host_org_genus                     ? 
_entity_src_gen.pdbx_host_org_gene                 ? 
_entity_src_gen.pdbx_host_org_organ                ? 
_entity_src_gen.host_org_species                   ? 
_entity_src_gen.pdbx_host_org_tissue               ? 
_entity_src_gen.pdbx_host_org_tissue_fraction      ? 
_entity_src_gen.pdbx_host_org_strain               ? 
_entity_src_gen.pdbx_host_org_variant              ? 
_entity_src_gen.pdbx_host_org_cell_line            ? 
_entity_src_gen.pdbx_host_org_atcc                 ? 
_entity_src_gen.pdbx_host_org_culture_collection   ? 
_entity_src_gen.pdbx_host_org_cell                 ? 
_entity_src_gen.pdbx_host_org_organelle            ? 
_entity_src_gen.pdbx_host_org_cellular_location    ? 
_entity_src_gen.pdbx_host_org_vector_type          ? 
_entity_src_gen.pdbx_host_org_vector               ? 
_entity_src_gen.host_org_details                   ? 
_entity_src_gen.expression_system_id               ? 
_entity_src_gen.plasmid_name                       ? 
_entity_src_gen.plasmid_details                    ? 
_entity_src_gen.pdbx_description                   ? 
# 
loop_
_chem_comp.id 
_chem_comp.type 
_chem_comp.mon_nstd_flag 
_chem_comp.name 
_chem_comp.pdbx_synonyms 
_chem_comp.formula 
_chem_comp.formula_weight 
ALA 'L-peptide linking' y ALANINE         ? 'C3 H7 N O2'     89.093  
ARG 'L-peptide linking' y ARGININE        ? 'C6 H15 N4 O2 1' 175.209 
ASN 'L-peptide linking' y ASPARAGINE      ? 'C4 H8 N2 O3'    132.118 
ASP 'L-peptide linking' y 'ASPARTIC ACID' ? 'C4 H7 N O4'     133.103 
CYS 'L-peptide linking' y CYSTEINE        ? 'C3 H7 N O2 S'   121.158 
GLN 'L-peptide linking' y GLUTAMINE       ? 'C5 H10 N2 O3'   146.144 
GLU 'L-peptide linking' y 'GLUTAMIC ACID' ? 'C5 H9 N O4'     147.129 
GLY 'peptide linking'   y GLYCINE         ? 'C2 H5 N O2'     75.067  
HIS 'L-peptide linking' y HISTIDINE       ? 'C6 H10 N3 O2 1' 156.162 
ILE 'L-peptide linking' y ISOLEUCINE      ? 'C6 H13 N O2'    131.173 
LEU 'L-peptide linking' y LEUCINE         ? 'C6 H13 N O2'    131.173 
LYS 'L-peptide linking' y LYSINE          ? 'C6 H15 N2 O2 1' 147.195 
MET 'L-peptide linking' y METHIONINE      ? 'C5 H11 N O2 S'  149.211 
PHE 'L-peptide linking' y PHENYLALANINE   ? 'C9 H11 N O2'    165.189 
PRO 'L-peptide linking' y PROLINE         ? 'C5 H9 N O2'     115.130 
SER 'L-peptide linking' y SERINE          ? 'C3 H7 N O3'     105.093 
THR 'L-peptide linking' y THREONINE       ? 'C4 H9 N O3'     119.119 
TRP 'L-peptide linking' y TRYPTOPHAN      ? 'C11 H12 N2 O2'  204.225 
TYR 'L-peptide linking' y TYROSINE        ? 'C9 H11 N O3'    181.189 
VAL 'L-peptide linking' y VALINE          ? 'C5 H11 N O2'    117.146 
# 
loop_
_pdbx_poly_seq_scheme.asym_id 
_pdbx_poly_seq_scheme.entity_id 
_pdbx_poly_seq_scheme.seq_id 
_pdbx_poly_seq_scheme.mon_id 
_pdbx_poly_seq_scheme.ndb_seq_num 
_pdbx_poly_seq_scheme.pdb_seq_num 
_pdbx_poly_seq_scheme.auth_seq_num 
_pdbx_poly_seq_scheme.pdb_mon_id 
_pdbx_poly_seq_scheme.auth_mon_id 
_pdbx_poly_seq_scheme.pdb_strand_id 
_pdbx_poly_seq_scheme.pdb_ins_code 
_pdbx_poly_seq_scheme.hetero 
A 1 1   MET 1   1   ?   ?   ?   A . n 
A 1 2   VAL 2   2   ?   ?   ?   A . n 
A 1 3   ARG 3   3   ?   ?   ?   A . n 
A 1 4   LYS 4   4   ?   ?   ?   A . n 
A 1 5   GLY 5   5   ?   ?   ?   A . n 
A 1 6   GLU 6   6   ?   ?   ?   A . n 
A 1 7   LYS 7   7   ?   ?   ?   A . n 
A 1 8   LYS 8   8   ?   ?   ?   A . n 
A 1 9   LEU 9   9   ?   ?   ?   A . n 
A 1 10  ALA 10  10  ?   ?   ?   A . n 
A 1 11  LYS 11  11  ?   ?   ?   A . n 
A 1 12  PRO 12  12  ?   ?   ?   A . n 
A 1 13  ALA 13  13  ?   ?   ?   A . n 
A 1 14  THR 14  14  ?   ?   ?   A . n 
A 1 15  THR 15  15  ?   ?   ?   A . n 
A 1 16  LYS 16  16  ?   ?   ?   A . n 
A 1 17  ALA 17  17  ?   ?   ?   A . n 
A 1 18  ALA 18  18  ?   ?   ?   A . n 
A 1 19  ASN 19  19  ?   ?   ?   A . n 
A 1 20  PRO 20  20  ?   ?   ?   A . n 
A 1 21  GLN 21  21  ?   ?   ?   A . n 
A 1 22  PRO 22  22  ?   ?   ?   A . n 
A 1 23  ARG 23  23  ?   ?   ?   A . n 
A 1 24  ARG 24  24  ?   ?   ?   A . n 
A 1 25  ARG 25  25  ?   ?   ?   A . n 
A 1 26  ALA 26  26  ?   ?   ?   A . n 
A 1 27  ASN 27  27  ?   ?   ?   A . n 
A 1 28  ASN 28  28  ?   ?   ?   A . n 
A 1 29  ARG 29  29  ?   ?   ?   A . n 
A 1 30  ARG 30  30  ?   ?   ?   A . n 
A 1 31  ARG 31  31  ?   ?   ?   A . n 
A 1 32  SER 32  32  ?   ?   ?   A . n 
A 1 33  ASN 33  33  ?   ?   ?   A . n 
A 1 34  ARG 34  34  ?   ?   ?   A . n 
A 1 35  THR 35  35  ?   ?   ?   A . n 
A 1 36  ASP 36  36  ?   ?   ?   A . n 
A 1 37  ALA 37  37  ?   ?   ?   A . n 
A 1 38  PRO 38  38  ?   ?   ?   A . n 
A 1 39  VAL 39  39  ?   ?   ?   A . n 
A 1 40  SER 40  40  ?   ?   ?   A . n 
A 1 41  LYS 41  41  ?   ?   ?   A . n 
A 1 42  ALA 42  42  ?   ?   ?   A . n 
A 1 43  SER 43  43  ?   ?   ?   A . n 
A 1 44  THR 44  44  ?   ?   ?   A . n 
A 1 45  VAL 45  45  ?   ?   ?   A . n 
A 1 46  THR 46  46  ?   ?   ?   A . n 
A 1 47  GLY 47  47  ?   ?   ?   A . n 
A 1 48  PHE 48  48  ?   ?   ?   A . n 
A 1 49  GLY 49  49  ?   ?   ?   A . n 
A 1 50  ARG 50  50  ?   ?   ?   A . n 
A 1 51  GLY 51  51  51  GLY GLY A . n 
A 1 52  THR 52  52  52  THR THR A . n 
A 1 53  ASN 53  53  53  ASN ASN A . n 
A 1 54  ASP 54  54  54  ASP ASP A . n 
A 1 55  VAL 55  55  55  VAL VAL A . n 
A 1 56  HIS 56  56  56  HIS HIS A . n 
A 1 57  LEU 57  57  57  LEU LEU A . n 
A 1 58  SER 58  58  58  SER SER A . n 
A 1 59  GLY 59  59  59  GLY GLY A . n 
A 1 60  MET 60  60  60  MET MET A . n 
A 1 61  SER 61  61  61  SER SER A . n 
A 1 62  ARG 62  62  62  ARG ARG A . n 
A 1 63  ILE 63  63  63  ILE ILE A . n 
A 1 64  SER 64  64  64  SER SER A . n 
A 1 65  GLN 65  65  65  GLN GLN A . n 
A 1 66  ALA 66  66  66  ALA ALA A . n 
A 1 67  VAL 67  67  67  VAL VAL A . n 
A 1 68  LEU 68  68  68  LEU LEU A . n 
A 1 69  PRO 69  69  69  PRO PRO A . n 
A 1 70  ALA 70  70  70  ALA ALA A . n 
A 1 71  GLY 71  71  71  GLY GLY A . n 
A 1 72  THR 72  72  72  THR THR A . n 
A 1 73  GLY 73  73  73  GLY GLY A . n 
A 1 74  THR 74  74  74  THR THR A . n 
A 1 75  ASP 75  75  75  ASP ASP A . n 
A 1 76  GLY 76  76  76  GLY GLY A . n 
A 1 77  TYR 77  77  77  TYR TYR A . n 
A 1 78  VAL 78  78  78  VAL VAL A . n 
A 1 79  VAL 79  79  79  VAL VAL A . n 
A 1 80  VAL 80  80  80  VAL VAL A . n 
A 1 81  ASP 81  81  81  ASP ASP A . n 
A 1 82  ALA 82  82  82  ALA ALA A . n 
A 1 83  THR 83  83  83  THR THR A . n 
A 1 84  ILE 84  84  84  ILE ILE A . n 
A 1 85  VAL 85  85  85  VAL VAL A . n 
A 1 86  PRO 86  86  86  PRO PRO A . n 
A 1 87  ASP 87  87  87  ASP ASP A . n 
A 1 88  LEU 88  88  88  LEU LEU A . n 
A 1 89  LEU 89  89  89  LEU LEU A . n 
A 1 90  PRO 90  90  90  PRO PRO A . n 
A 1 91  ARG 91  91  91  ARG ARG A . n 
A 1 92  LEU 92  92  92  LEU LEU A . n 
A 1 93  GLY 93  93  93  GLY GLY A . n 
A 1 94  HIS 94  94  94  HIS HIS A . n 
A 1 95  ALA 95  95  95  ALA ALA A . n 
A 1 96  ALA 96  96  96  ALA ALA A . n 
A 1 97  ARG 97  97  97  ARG ARG A . n 
A 1 98  ILE 98  98  98  ILE ILE A . n 
A 1 99  PHE 99  99  99  PHE PHE A . n 
A 1 100 GLN 100 100 100 GLN GLN A . n 
A 1 101 ARG 101 101 101 ARG ARG A . n 
A 1 102 TYR 102 102 102 TYR TYR A . n 
A 1 103 ALA 103 103 103 ALA ALA A . n 
A 1 104 VAL 104 104 104 VAL VAL A . n 
A 1 105 GLU 105 105 105 GLU GLU A . n 
A 1 106 THR 106 106 106 THR THR A . n 
A 1 107 LEU 107 107 107 LEU LEU A . n 
A 1 108 GLU 108 108 108 GLU GLU A . n 
A 1 109 PHE 109 109 109 PHE PHE A . n 
A 1 110 GLU 110 110 110 GLU GLU A . n 
A 1 111 ILE 111 111 111 ILE ILE A . n 
A 1 112 GLN 112 112 112 GLN GLN A . n 
A 1 113 PRO 113 113 113 PRO PRO A . n 
A 1 114 MET 114 114 114 MET MET A . n 
A 1 115 CYS 115 115 115 CYS CYS A . n 
A 1 116 PRO 116 116 116 PRO PRO A . n 
A 1 117 ALA 117 117 117 ALA ALA A . n 
A 1 118 ASN 118 118 118 ASN ASN A . n 
A 1 119 THR 119 119 119 THR THR A . n 
A 1 120 GLY 120 120 120 GLY GLY A . n 
A 1 121 GLY 121 121 121 GLY GLY A . n 
A 1 122 GLY 122 122 122 GLY GLY A . n 
A 1 123 TYR 123 123 123 TYR TYR A . n 
A 1 124 VAL 124 124 124 VAL VAL A . n 
A 1 125 ALA 125 125 125 ALA ALA A . n 
A 1 126 GLY 126 126 126 GLY GLY A . n 
A 1 127 PHE 127 127 127 PHE PHE A . n 
A 1 128 LEU 128 128 128 LEU LEU A . n 
A 1 129 PRO 129 129 129 PRO PRO A . n 
A 1 130 ASP 130 130 130 ASP ASP A . n 
A 1 131 PRO 131 131 131 PRO PRO A . n 
A 1 132 THR 132 132 132 THR THR A . n 
A 1 133 ASP 133 133 133 ASP ASP A . n 
A 1 134 ASN 134 134 134 ASN ASN A . n 
A 1 135 ASP 135 135 135 ASP ASP A . n 
A 1 136 HIS 136 136 136 HIS HIS A . n 
A 1 137 THR 137 137 137 THR THR A . n 
A 1 138 PHE 138 138 138 PHE PHE A . n 
A 1 139 ASP 139 139 139 ASP ASP A . n 
A 1 140 ALA 140 140 140 ALA ALA A . n 
A 1 141 LEU 141 141 141 LEU LEU A . n 
A 1 142 GLN 142 142 142 GLN GLN A . n 
A 1 143 ALA 143 143 143 ALA ALA A . n 
A 1 144 THR 144 144 144 THR THR A . n 
A 1 145 ARG 145 145 145 ARG ARG A . n 
A 1 146 GLY 146 146 146 GLY GLY A . n 
A 1 147 ALA 147 147 147 ALA ALA A . n 
A 1 148 VAL 148 148 148 VAL VAL A . n 
A 1 149 VAL 149 149 149 VAL VAL A . n 
A 1 150 ALA 150 150 150 ALA ALA A . n 
A 1 151 LYS 151 151 151 LYS LYS A . n 
A 1 152 TRP 152 152 152 TRP TRP A . n 
A 1 153 TRP 153 153 153 TRP TRP A . n 
A 1 154 GLU 154 154 154 GLU GLU A . n 
A 1 155 SER 155 155 155 SER SER A . n 
A 1 156 ARG 156 156 156 ARG ARG A . n 
A 1 157 THR 157 157 157 THR THR A . n 
A 1 158 VAL 158 158 158 VAL VAL A . n 
A 1 159 ARG 159 159 159 ARG ARG A . n 
A 1 160 PRO 160 160 160 PRO PRO A . n 
A 1 161 GLN 161 161 161 GLN GLN A . n 
A 1 162 TYR 162 162 162 TYR TYR A . n 
A 1 163 THR 163 163 163 THR THR A . n 
A 1 164 ARG 164 164 164 ARG ARG A . n 
A 1 165 THR 165 165 165 THR THR A . n 
A 1 166 LEU 166 166 166 LEU LEU A . n 
A 1 167 LEU 167 167 167 LEU LEU A . n 
A 1 168 TRP 168 168 168 TRP TRP A . n 
A 1 169 THR 169 169 169 THR THR A . n 
A 1 170 SER 170 170 170 SER SER A . n 
A 1 171 SER 171 171 171 SER SER A . n 
A 1 172 GLY 172 172 172 GLY GLY A . n 
A 1 173 LYS 173 173 173 LYS LYS A . n 
A 1 174 GLU 174 174 174 GLU GLU A . n 
A 1 175 GLN 175 175 175 GLN GLN A . n 
A 1 176 ARG 176 176 176 ARG ARG A . n 
A 1 177 LEU 177 177 177 LEU LEU A . n 
A 1 178 THR 178 178 178 THR THR A . n 
A 1 179 SER 179 179 179 SER SER A . n 
A 1 180 PRO 180 180 180 PRO PRO A . n 
A 1 181 GLY 181 181 181 GLY GLY A . n 
A 1 182 ARG 182 182 182 ARG ARG A . n 
A 1 183 LEU 183 183 183 LEU LEU A . n 
A 1 184 ILE 184 184 184 ILE ILE A . n 
A 1 185 LEU 185 185 185 LEU LEU A . n 
A 1 186 LEU 186 186 186 LEU LEU A . n 
A 1 187 CYS 187 187 187 CYS CYS A . n 
A 1 188 VAL 188 188 188 VAL VAL A . n 
A 1 189 GLY 189 189 189 GLY GLY A . n 
A 1 190 ASN 190 190 190 ASN ASN A . n 
A 1 191 ASN 191 191 191 ASN ASN A . n 
A 1 192 THR 192 192 192 THR THR A . n 
A 1 193 ASP 193 193 193 ASP ASP A . n 
A 1 194 VAL 194 194 194 VAL VAL A . n 
A 1 195 VAL 195 195 195 VAL VAL A . n 
A 1 196 ASN 196 196 196 ASN ASN A . n 
A 1 197 VAL 197 197 197 VAL VAL A . n 
A 1 198 SER 198 198 198 SER SER A . n 
A 1 199 VAL 199 199 199 VAL VAL A . n 
A 1 200 LEU 200 200 200 LEU LEU A . n 
A 1 201 CYS 201 201 201 CYS CYS A . n 
A 1 202 ARG 202 202 202 ARG ARG A . n 
A 1 203 TRP 203 203 203 TRP TRP A . n 
A 1 204 SER 204 204 204 SER SER A . n 
A 1 205 VAL 205 205 205 VAL VAL A . n 
A 1 206 ARG 206 206 206 ARG ARG A . n 
A 1 207 LEU 207 207 207 LEU LEU A . n 
A 1 208 SER 208 208 208 SER SER A . n 
A 1 209 VAL 209 209 209 VAL VAL A . n 
A 1 210 PRO 210 210 210 PRO PRO A . n 
A 1 211 SER 211 211 211 SER SER A . n 
A 1 212 LEU 212 212 212 LEU LEU A . n 
A 1 213 GLU 213 213 213 GLU GLU A . n 
A 1 214 THR 214 214 214 THR THR A . n 
A 1 215 PRO 215 215 215 PRO PRO A . n 
A 1 216 GLU 216 216 216 GLU GLU A . n 
A 1 217 GLU 217 217 217 GLU GLU A . n 
A 1 218 THR 218 218 218 THR THR A . n 
A 1 219 THR 219 219 219 THR THR A . n 
A 1 220 ALA 220 220 220 ALA ALA A . n 
A 1 221 PRO 221 221 ?   ?   ?   A . n 
A 1 222 ILE 222 222 ?   ?   ?   A . n 
A 1 223 MET 223 223 ?   ?   ?   A . n 
A 1 224 THR 224 224 ?   ?   ?   A . n 
A 1 225 GLN 225 225 ?   ?   ?   A . n 
A 1 226 GLY 226 226 ?   ?   ?   A . n 
A 1 227 SER 227 227 ?   ?   ?   A . n 
A 1 228 LEU 228 228 ?   ?   ?   A . n 
A 1 229 TYR 229 229 ?   ?   ?   A . n 
A 1 230 ASN 230 230 ?   ?   ?   A . n 
A 1 231 ASP 231 231 ?   ?   ?   A . n 
A 1 232 SER 232 232 ?   ?   ?   A . n 
A 1 233 LEU 233 233 ?   ?   ?   A . n 
A 1 234 SER 234 234 ?   ?   ?   A . n 
A 1 235 THR 235 235 ?   ?   ?   A . n 
A 1 236 ASN 236 236 ?   ?   ?   A . n 
A 1 237 ASP 237 237 ?   ?   ?   A . n 
A 1 238 PHE 238 238 ?   ?   ?   A . n 
A 1 239 LYS 239 239 ?   ?   ?   A . n 
A 1 240 SER 240 240 ?   ?   ?   A . n 
A 1 241 ILE 241 241 ?   ?   ?   A . n 
A 1 242 LEU 242 242 ?   ?   ?   A . n 
A 1 243 LEU 243 243 ?   ?   ?   A . n 
A 1 244 GLY 244 244 ?   ?   ?   A . n 
A 1 245 SER 245 245 ?   ?   ?   A . n 
A 1 246 THR 246 246 ?   ?   ?   A . n 
A 1 247 PRO 247 247 ?   ?   ?   A . n 
A 1 248 LEU 248 248 ?   ?   ?   A . n 
A 1 249 ASP 249 249 ?   ?   ?   A . n 
A 1 250 ILE 250 250 ?   ?   ?   A . n 
A 1 251 ALA 251 251 ?   ?   ?   A . n 
A 1 252 PRO 252 252 ?   ?   ?   A . n 
A 1 253 ASP 253 253 ?   ?   ?   A . n 
A 1 254 GLY 254 254 ?   ?   ?   A . n 
A 1 255 ALA 255 255 ?   ?   ?   A . n 
A 1 256 VAL 256 256 ?   ?   ?   A . n 
A 1 257 PHE 257 257 ?   ?   ?   A . n 
A 1 258 GLN 258 258 ?   ?   ?   A . n 
A 1 259 LEU 259 259 ?   ?   ?   A . n 
A 1 260 ASP 260 260 ?   ?   ?   A . n 
A 1 261 ARG 261 261 ?   ?   ?   A . n 
A 1 262 PRO 262 262 ?   ?   ?   A . n 
A 1 263 LEU 263 263 ?   ?   ?   A . n 
A 1 264 SER 264 264 ?   ?   ?   A . n 
A 1 265 ILE 265 265 ?   ?   ?   A . n 
A 1 266 ASP 266 266 ?   ?   ?   A . n 
A 1 267 TYR 267 267 ?   ?   ?   A . n 
A 1 268 SER 268 268 ?   ?   ?   A . n 
A 1 269 LEU 269 269 ?   ?   ?   A . n 
A 1 270 GLY 270 270 ?   ?   ?   A . n 
A 1 271 THR 271 271 ?   ?   ?   A . n 
A 1 272 GLY 272 272 ?   ?   ?   A . n 
A 1 273 ASP 273 273 ?   ?   ?   A . n 
A 1 274 VAL 274 274 ?   ?   ?   A . n 
A 1 275 ASP 275 275 ?   ?   ?   A . n 
A 1 276 ARG 276 276 ?   ?   ?   A . n 
A 1 277 ALA 277 277 ?   ?   ?   A . n 
A 1 278 VAL 278 278 ?   ?   ?   A . n 
A 1 279 TYR 279 279 ?   ?   ?   A . n 
A 1 280 TRP 280 280 ?   ?   ?   A . n 
A 1 281 HIS 281 281 ?   ?   ?   A . n 
A 1 282 LEU 282 282 ?   ?   ?   A . n 
A 1 283 LYS 283 283 ?   ?   ?   A . n 
A 1 284 LYS 284 284 ?   ?   ?   A . n 
A 1 285 PHE 285 285 ?   ?   ?   A . n 
A 1 286 ALA 286 286 ?   ?   ?   A . n 
A 1 287 GLY 287 287 ?   ?   ?   A . n 
A 1 288 ASN 288 288 ?   ?   ?   A . n 
A 1 289 ALA 289 289 ?   ?   ?   A . n 
A 1 290 GLY 290 290 ?   ?   ?   A . n 
A 1 291 THR 291 291 ?   ?   ?   A . n 
A 1 292 PRO 292 292 ?   ?   ?   A . n 
A 1 293 ALA 293 293 ?   ?   ?   A . n 
A 1 294 GLY 294 294 ?   ?   ?   A . n 
A 1 295 TRP 295 295 ?   ?   ?   A . n 
A 1 296 PHE 296 296 ?   ?   ?   A . n 
A 1 297 ARG 297 297 ?   ?   ?   A . n 
A 1 298 TRP 298 298 ?   ?   ?   A . n 
A 1 299 GLY 299 299 ?   ?   ?   A . n 
A 1 300 ILE 300 300 ?   ?   ?   A . n 
A 1 301 TRP 301 301 ?   ?   ?   A . n 
A 1 302 ASP 302 302 ?   ?   ?   A . n 
A 1 303 ASN 303 303 ?   ?   ?   A . n 
A 1 304 PHE 304 304 ?   ?   ?   A . n 
A 1 305 ASN 305 305 ?   ?   ?   A . n 
A 1 306 LYS 306 306 ?   ?   ?   A . n 
A 1 307 THR 307 307 ?   ?   ?   A . n 
A 1 308 PHE 308 308 ?   ?   ?   A . n 
A 1 309 THR 309 309 ?   ?   ?   A . n 
A 1 310 ASP 310 310 ?   ?   ?   A . n 
A 1 311 GLY 311 311 ?   ?   ?   A . n 
A 1 312 VAL 312 312 ?   ?   ?   A . n 
A 1 313 ALA 313 313 ?   ?   ?   A . n 
A 1 314 TYR 314 314 ?   ?   ?   A . n 
A 1 315 TYR 315 315 ?   ?   ?   A . n 
A 1 316 SER 316 316 ?   ?   ?   A . n 
A 1 317 ASP 317 317 ?   ?   ?   A . n 
A 1 318 GLU 318 318 ?   ?   ?   A . n 
A 1 319 GLN 319 319 ?   ?   ?   A . n 
A 1 320 PRO 320 320 ?   ?   ?   A . n 
A 1 321 ARG 321 321 ?   ?   ?   A . n 
A 1 322 GLN 322 322 ?   ?   ?   A . n 
A 1 323 ILE 323 323 ?   ?   ?   A . n 
A 1 324 LEU 324 324 ?   ?   ?   A . n 
A 1 325 LEU 325 325 ?   ?   ?   A . n 
A 1 326 PRO 326 326 ?   ?   ?   A . n 
A 1 327 VAL 327 327 ?   ?   ?   A . n 
A 1 328 GLY 328 328 ?   ?   ?   A . n 
A 1 329 THR 329 329 ?   ?   ?   A . n 
A 1 330 VAL 330 330 ?   ?   ?   A . n 
A 1 331 CYS 331 331 ?   ?   ?   A . n 
A 1 332 THR 332 332 ?   ?   ?   A . n 
A 1 333 ARG 333 333 ?   ?   ?   A . n 
A 1 334 VAL 334 334 ?   ?   ?   A . n 
A 1 335 ASP 335 335 ?   ?   ?   A . n 
A 1 336 SER 336 336 ?   ?   ?   A . n 
A 1 337 GLU 337 337 ?   ?   ?   A . n 
A 1 338 ASN 338 338 ?   ?   ?   A . n 
B 1 1   MET 1   1   ?   ?   ?   B . n 
B 1 2   VAL 2   2   ?   ?   ?   B . n 
B 1 3   ARG 3   3   ?   ?   ?   B . n 
B 1 4   LYS 4   4   ?   ?   ?   B . n 
B 1 5   GLY 5   5   ?   ?   ?   B . n 
B 1 6   GLU 6   6   ?   ?   ?   B . n 
B 1 7   LYS 7   7   ?   ?   ?   B . n 
B 1 8   LYS 8   8   ?   ?   ?   B . n 
B 1 9   LEU 9   9   ?   ?   ?   B . n 
B 1 10  ALA 10  10  ?   ?   ?   B . n 
B 1 11  LYS 11  11  ?   ?   ?   B . n 
B 1 12  PRO 12  12  ?   ?   ?   B . n 
B 1 13  ALA 13  13  ?   ?   ?   B . n 
B 1 14  THR 14  14  ?   ?   ?   B . n 
B 1 15  THR 15  15  ?   ?   ?   B . n 
B 1 16  LYS 16  16  ?   ?   ?   B . n 
B 1 17  ALA 17  17  ?   ?   ?   B . n 
B 1 18  ALA 18  18  ?   ?   ?   B . n 
B 1 19  ASN 19  19  ?   ?   ?   B . n 
B 1 20  PRO 20  20  ?   ?   ?   B . n 
B 1 21  GLN 21  21  ?   ?   ?   B . n 
B 1 22  PRO 22  22  ?   ?   ?   B . n 
B 1 23  ARG 23  23  ?   ?   ?   B . n 
B 1 24  ARG 24  24  ?   ?   ?   B . n 
B 1 25  ARG 25  25  ?   ?   ?   B . n 
B 1 26  ALA 26  26  ?   ?   ?   B . n 
B 1 27  ASN 27  27  ?   ?   ?   B . n 
B 1 28  ASN 28  28  ?   ?   ?   B . n 
B 1 29  ARG 29  29  ?   ?   ?   B . n 
B 1 30  ARG 30  30  ?   ?   ?   B . n 
B 1 31  ARG 31  31  ?   ?   ?   B . n 
B 1 32  SER 32  32  ?   ?   ?   B . n 
B 1 33  ASN 33  33  ?   ?   ?   B . n 
B 1 34  ARG 34  34  ?   ?   ?   B . n 
B 1 35  THR 35  35  ?   ?   ?   B . n 
B 1 36  ASP 36  36  ?   ?   ?   B . n 
B 1 37  ALA 37  37  ?   ?   ?   B . n 
B 1 38  PRO 38  38  ?   ?   ?   B . n 
B 1 39  VAL 39  39  ?   ?   ?   B . n 
B 1 40  SER 40  40  ?   ?   ?   B . n 
B 1 41  LYS 41  41  ?   ?   ?   B . n 
B 1 42  ALA 42  42  ?   ?   ?   B . n 
B 1 43  SER 43  43  ?   ?   ?   B . n 
B 1 44  THR 44  44  ?   ?   ?   B . n 
B 1 45  VAL 45  45  ?   ?   ?   B . n 
B 1 46  THR 46  46  ?   ?   ?   B . n 
B 1 47  GLY 47  47  ?   ?   ?   B . n 
B 1 48  PHE 48  48  ?   ?   ?   B . n 
B 1 49  GLY 49  49  ?   ?   ?   B . n 
B 1 50  ARG 50  50  ?   ?   ?   B . n 
B 1 51  GLY 51  51  51  GLY GLY B . n 
B 1 52  THR 52  52  52  THR THR B . n 
B 1 53  ASN 53  53  53  ASN ASN B . n 
B 1 54  ASP 54  54  54  ASP ASP B . n 
B 1 55  VAL 55  55  55  VAL VAL B . n 
B 1 56  HIS 56  56  56  HIS HIS B . n 
B 1 57  LEU 57  57  57  LEU LEU B . n 
B 1 58  SER 58  58  58  SER SER B . n 
B 1 59  GLY 59  59  59  GLY GLY B . n 
B 1 60  MET 60  60  60  MET MET B . n 
B 1 61  SER 61  61  61  SER SER B . n 
B 1 62  ARG 62  62  62  ARG ARG B . n 
B 1 63  ILE 63  63  63  ILE ILE B . n 
B 1 64  SER 64  64  64  SER SER B . n 
B 1 65  GLN 65  65  65  GLN GLN B . n 
B 1 66  ALA 66  66  66  ALA ALA B . n 
B 1 67  VAL 67  67  67  VAL VAL B . n 
B 1 68  LEU 68  68  68  LEU LEU B . n 
B 1 69  PRO 69  69  69  PRO PRO B . n 
B 1 70  ALA 70  70  70  ALA ALA B . n 
B 1 71  GLY 71  71  71  GLY GLY B . n 
B 1 72  THR 72  72  72  THR THR B . n 
B 1 73  GLY 73  73  73  GLY GLY B . n 
B 1 74  THR 74  74  74  THR THR B . n 
B 1 75  ASP 75  75  75  ASP ASP B . n 
B 1 76  GLY 76  76  76  GLY GLY B . n 
B 1 77  TYR 77  77  77  TYR TYR B . n 
B 1 78  VAL 78  78  78  VAL VAL B . n 
B 1 79  VAL 79  79  79  VAL VAL B . n 
B 1 80  VAL 80  80  80  VAL VAL B . n 
B 1 81  ASP 81  81  81  ASP ASP B . n 
B 1 82  ALA 82  82  82  ALA ALA B . n 
B 1 83  THR 83  83  83  THR THR B . n 
B 1 84  ILE 84  84  84  ILE ILE B . n 
B 1 85  VAL 85  85  85  VAL VAL B . n 
B 1 86  PRO 86  86  86  PRO PRO B . n 
B 1 87  ASP 87  87  87  ASP ASP B . n 
B 1 88  LEU 88  88  88  LEU LEU B . n 
B 1 89  LEU 89  89  89  LEU LEU B . n 
B 1 90  PRO 90  90  90  PRO PRO B . n 
B 1 91  ARG 91  91  91  ARG ARG B . n 
B 1 92  LEU 92  92  92  LEU LEU B . n 
B 1 93  GLY 93  93  93  GLY GLY B . n 
B 1 94  HIS 94  94  94  HIS HIS B . n 
B 1 95  ALA 95  95  95  ALA ALA B . n 
B 1 96  ALA 96  96  96  ALA ALA B . n 
B 1 97  ARG 97  97  97  ARG ARG B . n 
B 1 98  ILE 98  98  98  ILE ILE B . n 
B 1 99  PHE 99  99  99  PHE PHE B . n 
B 1 100 GLN 100 100 100 GLN GLN B . n 
B 1 101 ARG 101 101 101 ARG ARG B . n 
B 1 102 TYR 102 102 102 TYR TYR B . n 
B 1 103 ALA 103 103 103 ALA ALA B . n 
B 1 104 VAL 104 104 104 VAL VAL B . n 
B 1 105 GLU 105 105 105 GLU GLU B . n 
B 1 106 THR 106 106 106 THR THR B . n 
B 1 107 LEU 107 107 107 LEU LEU B . n 
B 1 108 GLU 108 108 108 GLU GLU B . n 
B 1 109 PHE 109 109 109 PHE PHE B . n 
B 1 110 GLU 110 110 110 GLU GLU B . n 
B 1 111 ILE 111 111 111 ILE ILE B . n 
B 1 112 GLN 112 112 112 GLN GLN B . n 
B 1 113 PRO 113 113 113 PRO PRO B . n 
B 1 114 MET 114 114 114 MET MET B . n 
B 1 115 CYS 115 115 115 CYS CYS B . n 
B 1 116 PRO 116 116 116 PRO PRO B . n 
B 1 117 ALA 117 117 117 ALA ALA B . n 
B 1 118 ASN 118 118 118 ASN ASN B . n 
B 1 119 THR 119 119 119 THR THR B . n 
B 1 120 GLY 120 120 120 GLY GLY B . n 
B 1 121 GLY 121 121 121 GLY GLY B . n 
B 1 122 GLY 122 122 122 GLY GLY B . n 
B 1 123 TYR 123 123 123 TYR TYR B . n 
B 1 124 VAL 124 124 124 VAL VAL B . n 
B 1 125 ALA 125 125 125 ALA ALA B . n 
B 1 126 GLY 126 126 126 GLY GLY B . n 
B 1 127 PHE 127 127 127 PHE PHE B . n 
B 1 128 LEU 128 128 128 LEU LEU B . n 
B 1 129 PRO 129 129 129 PRO PRO B . n 
B 1 130 ASP 130 130 130 ASP ASP B . n 
B 1 131 PRO 131 131 131 PRO PRO B . n 
B 1 132 THR 132 132 132 THR THR B . n 
B 1 133 ASP 133 133 133 ASP ASP B . n 
B 1 134 ASN 134 134 134 ASN ASN B . n 
B 1 135 ASP 135 135 135 ASP ASP B . n 
B 1 136 HIS 136 136 136 HIS HIS B . n 
B 1 137 THR 137 137 137 THR THR B . n 
B 1 138 PHE 138 138 138 PHE PHE B . n 
B 1 139 ASP 139 139 139 ASP ASP B . n 
B 1 140 ALA 140 140 140 ALA ALA B . n 
B 1 141 LEU 141 141 141 LEU LEU B . n 
B 1 142 GLN 142 142 142 GLN GLN B . n 
B 1 143 ALA 143 143 143 ALA ALA B . n 
B 1 144 THR 144 144 144 THR THR B . n 
B 1 145 ARG 145 145 145 ARG ARG B . n 
B 1 146 GLY 146 146 146 GLY GLY B . n 
B 1 147 ALA 147 147 147 ALA ALA B . n 
B 1 148 VAL 148 148 148 VAL VAL B . n 
B 1 149 VAL 149 149 149 VAL VAL B . n 
B 1 150 ALA 150 150 150 ALA ALA B . n 
B 1 151 LYS 151 151 151 LYS LYS B . n 
B 1 152 TRP 152 152 152 TRP TRP B . n 
B 1 153 TRP 153 153 153 TRP TRP B . n 
B 1 154 GLU 154 154 154 GLU GLU B . n 
B 1 155 SER 155 155 155 SER SER B . n 
B 1 156 ARG 156 156 156 ARG ARG B . n 
B 1 157 THR 157 157 157 THR THR B . n 
B 1 158 VAL 158 158 158 VAL VAL B . n 
B 1 159 ARG 159 159 159 ARG ARG B . n 
B 1 160 PRO 160 160 160 PRO PRO B . n 
B 1 161 GLN 161 161 161 GLN GLN B . n 
B 1 162 TYR 162 162 162 TYR TYR B . n 
B 1 163 THR 163 163 163 THR THR B . n 
B 1 164 ARG 164 164 164 ARG ARG B . n 
B 1 165 THR 165 165 165 THR THR B . n 
B 1 166 LEU 166 166 166 LEU LEU B . n 
B 1 167 LEU 167 167 167 LEU LEU B . n 
B 1 168 TRP 168 168 168 TRP TRP B . n 
B 1 169 THR 169 169 169 THR THR B . n 
B 1 170 SER 170 170 170 SER SER B . n 
B 1 171 SER 171 171 171 SER SER B . n 
B 1 172 GLY 172 172 172 GLY GLY B . n 
B 1 173 LYS 173 173 173 LYS LYS B . n 
B 1 174 GLU 174 174 174 GLU GLU B . n 
B 1 175 GLN 175 175 175 GLN GLN B . n 
B 1 176 ARG 176 176 176 ARG ARG B . n 
B 1 177 LEU 177 177 177 LEU LEU B . n 
B 1 178 THR 178 178 178 THR THR B . n 
B 1 179 SER 179 179 179 SER SER B . n 
B 1 180 PRO 180 180 180 PRO PRO B . n 
B 1 181 GLY 181 181 181 GLY GLY B . n 
B 1 182 ARG 182 182 182 ARG ARG B . n 
B 1 183 LEU 183 183 183 LEU LEU B . n 
B 1 184 ILE 184 184 184 ILE ILE B . n 
B 1 185 LEU 185 185 185 LEU LEU B . n 
B 1 186 LEU 186 186 186 LEU LEU B . n 
B 1 187 CYS 187 187 187 CYS CYS B . n 
B 1 188 VAL 188 188 188 VAL VAL B . n 
B 1 189 GLY 189 189 189 GLY GLY B . n 
B 1 190 ASN 190 190 190 ASN ASN B . n 
B 1 191 ASN 191 191 191 ASN ASN B . n 
B 1 192 THR 192 192 192 THR THR B . n 
B 1 193 ASP 193 193 193 ASP ASP B . n 
B 1 194 VAL 194 194 194 VAL VAL B . n 
B 1 195 VAL 195 195 195 VAL VAL B . n 
B 1 196 ASN 196 196 196 ASN ASN B . n 
B 1 197 VAL 197 197 197 VAL VAL B . n 
B 1 198 SER 198 198 198 SER SER B . n 
B 1 199 VAL 199 199 199 VAL VAL B . n 
B 1 200 LEU 200 200 200 LEU LEU B . n 
B 1 201 CYS 201 201 201 CYS CYS B . n 
B 1 202 ARG 202 202 202 ARG ARG B . n 
B 1 203 TRP 203 203 203 TRP TRP B . n 
B 1 204 SER 204 204 204 SER SER B . n 
B 1 205 VAL 205 205 205 VAL VAL B . n 
B 1 206 ARG 206 206 206 ARG ARG B . n 
B 1 207 LEU 207 207 207 LEU LEU B . n 
B 1 208 SER 208 208 208 SER SER B . n 
B 1 209 VAL 209 209 209 VAL VAL B . n 
B 1 210 PRO 210 210 210 PRO PRO B . n 
B 1 211 SER 211 211 211 SER SER B . n 
B 1 212 LEU 212 212 212 LEU LEU B . n 
B 1 213 GLU 213 213 213 GLU GLU B . n 
B 1 214 THR 214 214 214 THR THR B . n 
B 1 215 PRO 215 215 215 PRO PRO B . n 
B 1 216 GLU 216 216 216 GLU GLU B . n 
B 1 217 GLU 217 217 217 GLU GLU B . n 
B 1 218 THR 218 218 218 THR THR B . n 
B 1 219 THR 219 219 219 THR THR B . n 
B 1 220 ALA 220 220 220 ALA ALA B . n 
B 1 221 PRO 221 221 ?   ?   ?   B . n 
B 1 222 ILE 222 222 ?   ?   ?   B . n 
B 1 223 MET 223 223 ?   ?   ?   B . n 
B 1 224 THR 224 224 ?   ?   ?   B . n 
B 1 225 GLN 225 225 ?   ?   ?   B . n 
B 1 226 GLY 226 226 ?   ?   ?   B . n 
B 1 227 SER 227 227 ?   ?   ?   B . n 
B 1 228 LEU 228 228 ?   ?   ?   B . n 
B 1 229 TYR 229 229 ?   ?   ?   B . n 
B 1 230 ASN 230 230 ?   ?   ?   B . n 
B 1 231 ASP 231 231 ?   ?   ?   B . n 
B 1 232 SER 232 232 ?   ?   ?   B . n 
B 1 233 LEU 233 233 ?   ?   ?   B . n 
B 1 234 SER 234 234 ?   ?   ?   B . n 
B 1 235 THR 235 235 ?   ?   ?   B . n 
B 1 236 ASN 236 236 ?   ?   ?   B . n 
B 1 237 ASP 237 237 ?   ?   ?   B . n 
B 1 238 PHE 238 238 ?   ?   ?   B . n 
B 1 239 LYS 239 239 ?   ?   ?   B . n 
B 1 240 SER 240 240 ?   ?   ?   B . n 
B 1 241 ILE 241 241 ?   ?   ?   B . n 
B 1 242 LEU 242 242 ?   ?   ?   B . n 
B 1 243 LEU 243 243 ?   ?   ?   B . n 
B 1 244 GLY 244 244 ?   ?   ?   B . n 
B 1 245 SER 245 245 ?   ?   ?   B . n 
B 1 246 THR 246 246 ?   ?   ?   B . n 
B 1 247 PRO 247 247 ?   ?   ?   B . n 
B 1 248 LEU 248 248 ?   ?   ?   B . n 
B 1 249 ASP 249 249 ?   ?   ?   B . n 
B 1 250 ILE 250 250 ?   ?   ?   B . n 
B 1 251 ALA 251 251 ?   ?   ?   B . n 
B 1 252 PRO 252 252 ?   ?   ?   B . n 
B 1 253 ASP 253 253 ?   ?   ?   B . n 
B 1 254 GLY 254 254 ?   ?   ?   B . n 
B 1 255 ALA 255 255 ?   ?   ?   B . n 
B 1 256 VAL 256 256 ?   ?   ?   B . n 
B 1 257 PHE 257 257 ?   ?   ?   B . n 
B 1 258 GLN 258 258 ?   ?   ?   B . n 
B 1 259 LEU 259 259 ?   ?   ?   B . n 
B 1 260 ASP 260 260 ?   ?   ?   B . n 
B 1 261 ARG 261 261 ?   ?   ?   B . n 
B 1 262 PRO 262 262 ?   ?   ?   B . n 
B 1 263 LEU 263 263 ?   ?   ?   B . n 
B 1 264 SER 264 264 ?   ?   ?   B . n 
B 1 265 ILE 265 265 ?   ?   ?   B . n 
B 1 266 ASP 266 266 ?   ?   ?   B . n 
B 1 267 TYR 267 267 ?   ?   ?   B . n 
B 1 268 SER 268 268 ?   ?   ?   B . n 
B 1 269 LEU 269 269 ?   ?   ?   B . n 
B 1 270 GLY 270 270 ?   ?   ?   B . n 
B 1 271 THR 271 271 ?   ?   ?   B . n 
B 1 272 GLY 272 272 ?   ?   ?   B . n 
B 1 273 ASP 273 273 ?   ?   ?   B . n 
B 1 274 VAL 274 274 ?   ?   ?   B . n 
B 1 275 ASP 275 275 ?   ?   ?   B . n 
B 1 276 ARG 276 276 ?   ?   ?   B . n 
B 1 277 ALA 277 277 ?   ?   ?   B . n 
B 1 278 VAL 278 278 ?   ?   ?   B . n 
B 1 279 TYR 279 279 ?   ?   ?   B . n 
B 1 280 TRP 280 280 ?   ?   ?   B . n 
B 1 281 HIS 281 281 ?   ?   ?   B . n 
B 1 282 LEU 282 282 ?   ?   ?   B . n 
B 1 283 LYS 283 283 ?   ?   ?   B . n 
B 1 284 LYS 284 284 ?   ?   ?   B . n 
B 1 285 PHE 285 285 ?   ?   ?   B . n 
B 1 286 ALA 286 286 ?   ?   ?   B . n 
B 1 287 GLY 287 287 ?   ?   ?   B . n 
B 1 288 ASN 288 288 ?   ?   ?   B . n 
B 1 289 ALA 289 289 ?   ?   ?   B . n 
B 1 290 GLY 290 290 ?   ?   ?   B . n 
B 1 291 THR 291 291 ?   ?   ?   B . n 
B 1 292 PRO 292 292 ?   ?   ?   B . n 
B 1 293 ALA 293 293 ?   ?   ?   B . n 
B 1 294 GLY 294 294 ?   ?   ?   B . n 
B 1 295 TRP 295 295 ?   ?   ?   B . n 
B 1 296 PHE 296 296 ?   ?   ?   B . n 
B 1 297 ARG 297 297 ?   ?   ?   B . n 
B 1 298 TRP 298 298 ?   ?   ?   B . n 
B 1 299 GLY 299 299 ?   ?   ?   B . n 
B 1 300 ILE 300 300 ?   ?   ?   B . n 
B 1 301 TRP 301 301 ?   ?   ?   B . n 
B 1 302 ASP 302 302 ?   ?   ?   B . n 
B 1 303 ASN 303 303 ?   ?   ?   B . n 
B 1 304 PHE 304 304 ?   ?   ?   B . n 
B 1 305 ASN 305 305 ?   ?   ?   B . n 
B 1 306 LYS 306 306 ?   ?   ?   B . n 
B 1 307 THR 307 307 ?   ?   ?   B . n 
B 1 308 PHE 308 308 ?   ?   ?   B . n 
B 1 309 THR 309 309 ?   ?   ?   B . n 
B 1 310 ASP 310 310 ?   ?   ?   B . n 
B 1 311 GLY 311 311 ?   ?   ?   B . n 
B 1 312 VAL 312 312 ?   ?   ?   B . n 
B 1 313 ALA 313 313 ?   ?   ?   B . n 
B 1 314 TYR 314 314 ?   ?   ?   B . n 
B 1 315 TYR 315 315 ?   ?   ?   B . n 
B 1 316 SER 316 316 ?   ?   ?   B . n 
B 1 317 ASP 317 317 ?   ?   ?   B . n 
B 1 318 GLU 318 318 ?   ?   ?   B . n 
B 1 319 GLN 319 319 ?   ?   ?   B . n 
B 1 320 PRO 320 320 ?   ?   ?   B . n 
B 1 321 ARG 321 321 ?   ?   ?   B . n 
B 1 322 GLN 322 322 ?   ?   ?   B . n 
B 1 323 ILE 323 323 ?   ?   ?   B . n 
B 1 324 LEU 324 324 ?   ?   ?   B . n 
B 1 325 LEU 325 325 ?   ?   ?   B . n 
B 1 326 PRO 326 326 ?   ?   ?   B . n 
B 1 327 VAL 327 327 ?   ?   ?   B . n 
B 1 328 GLY 328 328 ?   ?   ?   B . n 
B 1 329 THR 329 329 ?   ?   ?   B . n 
B 1 330 VAL 330 330 ?   ?   ?   B . n 
B 1 331 CYS 331 331 ?   ?   ?   B . n 
B 1 332 THR 332 332 ?   ?   ?   B . n 
B 1 333 ARG 333 333 ?   ?   ?   B . n 
B 1 334 VAL 334 334 ?   ?   ?   B . n 
B 1 335 ASP 335 335 ?   ?   ?   B . n 
B 1 336 SER 336 336 ?   ?   ?   B . n 
B 1 337 GLU 337 337 ?   ?   ?   B . n 
B 1 338 ASN 338 338 ?   ?   ?   B . n 
C 1 1   MET 1   1   ?   ?   ?   C . n 
C 1 2   VAL 2   2   ?   ?   ?   C . n 
C 1 3   ARG 3   3   ?   ?   ?   C . n 
C 1 4   LYS 4   4   ?   ?   ?   C . n 
C 1 5   GLY 5   5   ?   ?   ?   C . n 
C 1 6   GLU 6   6   ?   ?   ?   C . n 
C 1 7   LYS 7   7   ?   ?   ?   C . n 
C 1 8   LYS 8   8   ?   ?   ?   C . n 
C 1 9   LEU 9   9   ?   ?   ?   C . n 
C 1 10  ALA 10  10  ?   ?   ?   C . n 
C 1 11  LYS 11  11  ?   ?   ?   C . n 
C 1 12  PRO 12  12  ?   ?   ?   C . n 
C 1 13  ALA 13  13  ?   ?   ?   C . n 
C 1 14  THR 14  14  ?   ?   ?   C . n 
C 1 15  THR 15  15  ?   ?   ?   C . n 
C 1 16  LYS 16  16  ?   ?   ?   C . n 
C 1 17  ALA 17  17  ?   ?   ?   C . n 
C 1 18  ALA 18  18  ?   ?   ?   C . n 
C 1 19  ASN 19  19  ?   ?   ?   C . n 
C 1 20  PRO 20  20  ?   ?   ?   C . n 
C 1 21  GLN 21  21  ?   ?   ?   C . n 
C 1 22  PRO 22  22  ?   ?   ?   C . n 
C 1 23  ARG 23  23  ?   ?   ?   C . n 
C 1 24  ARG 24  24  ?   ?   ?   C . n 
C 1 25  ARG 25  25  ?   ?   ?   C . n 
C 1 26  ALA 26  26  ?   ?   ?   C . n 
C 1 27  ASN 27  27  ?   ?   ?   C . n 
C 1 28  ASN 28  28  ?   ?   ?   C . n 
C 1 29  ARG 29  29  ?   ?   ?   C . n 
C 1 30  ARG 30  30  ?   ?   ?   C . n 
C 1 31  ARG 31  31  ?   ?   ?   C . n 
C 1 32  SER 32  32  ?   ?   ?   C . n 
C 1 33  ASN 33  33  ?   ?   ?   C . n 
C 1 34  ARG 34  34  ?   ?   ?   C . n 
C 1 35  THR 35  35  35  THR THR C . n 
C 1 36  ASP 36  36  36  ASP ASP C . n 
C 1 37  ALA 37  37  37  ALA ALA C . n 
C 1 38  PRO 38  38  38  PRO PRO C . n 
C 1 39  VAL 39  39  39  VAL VAL C . n 
C 1 40  SER 40  40  40  SER SER C . n 
C 1 41  LYS 41  41  41  LYS LYS C . n 
C 1 42  ALA 42  42  42  ALA ALA C . n 
C 1 43  SER 43  43  43  SER SER C . n 
C 1 44  THR 44  44  44  THR THR C . n 
C 1 45  VAL 45  45  45  VAL VAL C . n 
C 1 46  THR 46  46  46  THR THR C . n 
C 1 47  GLY 47  47  47  GLY GLY C . n 
C 1 48  PHE 48  48  48  PHE PHE C . n 
C 1 49  GLY 49  49  49  GLY GLY C . n 
C 1 50  ARG 50  50  50  ARG ARG C . n 
C 1 51  GLY 51  51  51  GLY GLY C . n 
C 1 52  THR 52  52  52  THR THR C . n 
C 1 53  ASN 53  53  53  ASN ASN C . n 
C 1 54  ASP 54  54  54  ASP ASP C . n 
C 1 55  VAL 55  55  55  VAL VAL C . n 
C 1 56  HIS 56  56  56  HIS HIS C . n 
C 1 57  LEU 57  57  57  LEU LEU C . n 
C 1 58  SER 58  58  58  SER SER C . n 
C 1 59  GLY 59  59  59  GLY GLY C . n 
C 1 60  MET 60  60  60  MET MET C . n 
C 1 61  SER 61  61  61  SER SER C . n 
C 1 62  ARG 62  62  62  ARG ARG C . n 
C 1 63  ILE 63  63  63  ILE ILE C . n 
C 1 64  SER 64  64  64  SER SER C . n 
C 1 65  GLN 65  65  65  GLN GLN C . n 
C 1 66  ALA 66  66  66  ALA ALA C . n 
C 1 67  VAL 67  67  67  VAL VAL C . n 
C 1 68  LEU 68  68  68  LEU LEU C . n 
C 1 69  PRO 69  69  69  PRO PRO C . n 
C 1 70  ALA 70  70  70  ALA ALA C . n 
C 1 71  GLY 71  71  71  GLY GLY C . n 
C 1 72  THR 72  72  72  THR THR C . n 
C 1 73  GLY 73  73  73  GLY GLY C . n 
C 1 74  THR 74  74  74  THR THR C . n 
C 1 75  ASP 75  75  75  ASP ASP C . n 
C 1 76  GLY 76  76  76  GLY GLY C . n 
C 1 77  TYR 77  77  77  TYR TYR C . n 
C 1 78  VAL 78  78  78  VAL VAL C . n 
C 1 79  VAL 79  79  79  VAL VAL C . n 
C 1 80  VAL 80  80  80  VAL VAL C . n 
C 1 81  ASP 81  81  81  ASP ASP C . n 
C 1 82  ALA 82  82  82  ALA ALA C . n 
C 1 83  THR 83  83  83  THR THR C . n 
C 1 84  ILE 84  84  84  ILE ILE C . n 
C 1 85  VAL 85  85  85  VAL VAL C . n 
C 1 86  PRO 86  86  86  PRO PRO C . n 
C 1 87  ASP 87  87  87  ASP ASP C . n 
C 1 88  LEU 88  88  88  LEU LEU C . n 
C 1 89  LEU 89  89  89  LEU LEU C . n 
C 1 90  PRO 90  90  90  PRO PRO C . n 
C 1 91  ARG 91  91  91  ARG ARG C . n 
C 1 92  LEU 92  92  92  LEU LEU C . n 
C 1 93  GLY 93  93  93  GLY GLY C . n 
C 1 94  HIS 94  94  94  HIS HIS C . n 
C 1 95  ALA 95  95  95  ALA ALA C . n 
C 1 96  ALA 96  96  96  ALA ALA C . n 
C 1 97  ARG 97  97  97  ARG ARG C . n 
C 1 98  ILE 98  98  98  ILE ILE C . n 
C 1 99  PHE 99  99  99  PHE PHE C . n 
C 1 100 GLN 100 100 100 GLN GLN C . n 
C 1 101 ARG 101 101 101 ARG ARG C . n 
C 1 102 TYR 102 102 102 TYR TYR C . n 
C 1 103 ALA 103 103 103 ALA ALA C . n 
C 1 104 VAL 104 104 104 VAL VAL C . n 
C 1 105 GLU 105 105 105 GLU GLU C . n 
C 1 106 THR 106 106 106 THR THR C . n 
C 1 107 LEU 107 107 107 LEU LEU C . n 
C 1 108 GLU 108 108 108 GLU GLU C . n 
C 1 109 PHE 109 109 109 PHE PHE C . n 
C 1 110 GLU 110 110 110 GLU GLU C . n 
C 1 111 ILE 111 111 111 ILE ILE C . n 
C 1 112 GLN 112 112 112 GLN GLN C . n 
C 1 113 PRO 113 113 113 PRO PRO C . n 
C 1 114 MET 114 114 114 MET MET C . n 
C 1 115 CYS 115 115 115 CYS CYS C . n 
C 1 116 PRO 116 116 116 PRO PRO C . n 
C 1 117 ALA 117 117 117 ALA ALA C . n 
C 1 118 ASN 118 118 118 ASN ASN C . n 
C 1 119 THR 119 119 119 THR THR C . n 
C 1 120 GLY 120 120 120 GLY GLY C . n 
C 1 121 GLY 121 121 121 GLY GLY C . n 
C 1 122 GLY 122 122 122 GLY GLY C . n 
C 1 123 TYR 123 123 123 TYR TYR C . n 
C 1 124 VAL 124 124 124 VAL VAL C . n 
C 1 125 ALA 125 125 125 ALA ALA C . n 
C 1 126 GLY 126 126 126 GLY GLY C . n 
C 1 127 PHE 127 127 127 PHE PHE C . n 
C 1 128 LEU 128 128 128 LEU LEU C . n 
C 1 129 PRO 129 129 129 PRO PRO C . n 
C 1 130 ASP 130 130 130 ASP ASP C . n 
C 1 131 PRO 131 131 131 PRO PRO C . n 
C 1 132 THR 132 132 132 THR THR C . n 
C 1 133 ASP 133 133 133 ASP ASP C . n 
C 1 134 ASN 134 134 134 ASN ASN C . n 
C 1 135 ASP 135 135 135 ASP ASP C . n 
C 1 136 HIS 136 136 136 HIS HIS C . n 
C 1 137 THR 137 137 137 THR THR C . n 
C 1 138 PHE 138 138 138 PHE PHE C . n 
C 1 139 ASP 139 139 139 ASP ASP C . n 
C 1 140 ALA 140 140 140 ALA ALA C . n 
C 1 141 LEU 141 141 141 LEU LEU C . n 
C 1 142 GLN 142 142 142 GLN GLN C . n 
C 1 143 ALA 143 143 143 ALA ALA C . n 
C 1 144 THR 144 144 144 THR THR C . n 
C 1 145 ARG 145 145 145 ARG ARG C . n 
C 1 146 GLY 146 146 146 GLY GLY C . n 
C 1 147 ALA 147 147 147 ALA ALA C . n 
C 1 148 VAL 148 148 148 VAL VAL C . n 
C 1 149 VAL 149 149 149 VAL VAL C . n 
C 1 150 ALA 150 150 150 ALA ALA C . n 
C 1 151 LYS 151 151 151 LYS LYS C . n 
C 1 152 TRP 152 152 152 TRP TRP C . n 
C 1 153 TRP 153 153 153 TRP TRP C . n 
C 1 154 GLU 154 154 154 GLU GLU C . n 
C 1 155 SER 155 155 155 SER SER C . n 
C 1 156 ARG 156 156 156 ARG ARG C . n 
C 1 157 THR 157 157 157 THR THR C . n 
C 1 158 VAL 158 158 158 VAL VAL C . n 
C 1 159 ARG 159 159 159 ARG ARG C . n 
C 1 160 PRO 160 160 160 PRO PRO C . n 
C 1 161 GLN 161 161 161 GLN GLN C . n 
C 1 162 TYR 162 162 162 TYR TYR C . n 
C 1 163 THR 163 163 163 THR THR C . n 
C 1 164 ARG 164 164 164 ARG ARG C . n 
C 1 165 THR 165 165 165 THR THR C . n 
C 1 166 LEU 166 166 166 LEU LEU C . n 
C 1 167 LEU 167 167 167 LEU LEU C . n 
C 1 168 TRP 168 168 168 TRP TRP C . n 
C 1 169 THR 169 169 169 THR THR C . n 
C 1 170 SER 170 170 170 SER SER C . n 
C 1 171 SER 171 171 171 SER SER C . n 
C 1 172 GLY 172 172 172 GLY GLY C . n 
C 1 173 LYS 173 173 173 LYS LYS C . n 
C 1 174 GLU 174 174 174 GLU GLU C . n 
C 1 175 GLN 175 175 175 GLN GLN C . n 
C 1 176 ARG 176 176 176 ARG ARG C . n 
C 1 177 LEU 177 177 177 LEU LEU C . n 
C 1 178 THR 178 178 178 THR THR C . n 
C 1 179 SER 179 179 179 SER SER C . n 
C 1 180 PRO 180 180 180 PRO PRO C . n 
C 1 181 GLY 181 181 181 GLY GLY C . n 
C 1 182 ARG 182 182 182 ARG ARG C . n 
C 1 183 LEU 183 183 183 LEU LEU C . n 
C 1 184 ILE 184 184 184 ILE ILE C . n 
C 1 185 LEU 185 185 185 LEU LEU C . n 
C 1 186 LEU 186 186 186 LEU LEU C . n 
C 1 187 CYS 187 187 187 CYS CYS C . n 
C 1 188 VAL 188 188 188 VAL VAL C . n 
C 1 189 GLY 189 189 189 GLY GLY C . n 
C 1 190 ASN 190 190 190 ASN ASN C . n 
C 1 191 ASN 191 191 191 ASN ASN C . n 
C 1 192 THR 192 192 192 THR THR C . n 
C 1 193 ASP 193 193 193 ASP ASP C . n 
C 1 194 VAL 194 194 194 VAL VAL C . n 
C 1 195 VAL 195 195 195 VAL VAL C . n 
C 1 196 ASN 196 196 196 ASN ASN C . n 
C 1 197 VAL 197 197 197 VAL VAL C . n 
C 1 198 SER 198 198 198 SER SER C . n 
C 1 199 VAL 199 199 199 VAL VAL C . n 
C 1 200 LEU 200 200 200 LEU LEU C . n 
C 1 201 CYS 201 201 201 CYS CYS C . n 
C 1 202 ARG 202 202 202 ARG ARG C . n 
C 1 203 TRP 203 203 203 TRP TRP C . n 
C 1 204 SER 204 204 204 SER SER C . n 
C 1 205 VAL 205 205 205 VAL VAL C . n 
C 1 206 ARG 206 206 206 ARG ARG C . n 
C 1 207 LEU 207 207 207 LEU LEU C . n 
C 1 208 SER 208 208 208 SER SER C . n 
C 1 209 VAL 209 209 209 VAL VAL C . n 
C 1 210 PRO 210 210 210 PRO PRO C . n 
C 1 211 SER 211 211 211 SER SER C . n 
C 1 212 LEU 212 212 212 LEU LEU C . n 
C 1 213 GLU 213 213 213 GLU GLU C . n 
C 1 214 THR 214 214 214 THR THR C . n 
C 1 215 PRO 215 215 215 PRO PRO C . n 
C 1 216 GLU 216 216 216 GLU GLU C . n 
C 1 217 GLU 217 217 217 GLU GLU C . n 
C 1 218 THR 218 218 218 THR THR C . n 
C 1 219 THR 219 219 219 THR THR C . n 
C 1 220 ALA 220 220 220 ALA ALA C . n 
C 1 221 PRO 221 221 ?   ?   ?   C . n 
C 1 222 ILE 222 222 ?   ?   ?   C . n 
C 1 223 MET 223 223 ?   ?   ?   C . n 
C 1 224 THR 224 224 ?   ?   ?   C . n 
C 1 225 GLN 225 225 ?   ?   ?   C . n 
C 1 226 GLY 226 226 ?   ?   ?   C . n 
C 1 227 SER 227 227 ?   ?   ?   C . n 
C 1 228 LEU 228 228 ?   ?   ?   C . n 
C 1 229 TYR 229 229 ?   ?   ?   C . n 
C 1 230 ASN 230 230 ?   ?   ?   C . n 
C 1 231 ASP 231 231 ?   ?   ?   C . n 
C 1 232 SER 232 232 ?   ?   ?   C . n 
C 1 233 LEU 233 233 ?   ?   ?   C . n 
C 1 234 SER 234 234 ?   ?   ?   C . n 
C 1 235 THR 235 235 ?   ?   ?   C . n 
C 1 236 ASN 236 236 ?   ?   ?   C . n 
C 1 237 ASP 237 237 ?   ?   ?   C . n 
C 1 238 PHE 238 238 ?   ?   ?   C . n 
C 1 239 LYS 239 239 ?   ?   ?   C . n 
C 1 240 SER 240 240 ?   ?   ?   C . n 
C 1 241 ILE 241 241 ?   ?   ?   C . n 
C 1 242 LEU 242 242 ?   ?   ?   C . n 
C 1 243 LEU 243 243 ?   ?   ?   C . n 
C 1 244 GLY 244 244 ?   ?   ?   C . n 
C 1 245 SER 245 245 ?   ?   ?   C . n 
C 1 246 THR 246 246 ?   ?   ?   C . n 
C 1 247 PRO 247 247 ?   ?   ?   C . n 
C 1 248 LEU 248 248 ?   ?   ?   C . n 
C 1 249 ASP 249 249 ?   ?   ?   C . n 
C 1 250 ILE 250 250 ?   ?   ?   C . n 
C 1 251 ALA 251 251 ?   ?   ?   C . n 
C 1 252 PRO 252 252 ?   ?   ?   C . n 
C 1 253 ASP 253 253 ?   ?   ?   C . n 
C 1 254 GLY 254 254 ?   ?   ?   C . n 
C 1 255 ALA 255 255 ?   ?   ?   C . n 
C 1 256 VAL 256 256 ?   ?   ?   C . n 
C 1 257 PHE 257 257 ?   ?   ?   C . n 
C 1 258 GLN 258 258 ?   ?   ?   C . n 
C 1 259 LEU 259 259 ?   ?   ?   C . n 
C 1 260 ASP 260 260 ?   ?   ?   C . n 
C 1 261 ARG 261 261 ?   ?   ?   C . n 
C 1 262 PRO 262 262 ?   ?   ?   C . n 
C 1 263 LEU 263 263 ?   ?   ?   C . n 
C 1 264 SER 264 264 ?   ?   ?   C . n 
C 1 265 ILE 265 265 ?   ?   ?   C . n 
C 1 266 ASP 266 266 ?   ?   ?   C . n 
C 1 267 TYR 267 267 ?   ?   ?   C . n 
C 1 268 SER 268 268 ?   ?   ?   C . n 
C 1 269 LEU 269 269 ?   ?   ?   C . n 
C 1 270 GLY 270 270 ?   ?   ?   C . n 
C 1 271 THR 271 271 ?   ?   ?   C . n 
C 1 272 GLY 272 272 ?   ?   ?   C . n 
C 1 273 ASP 273 273 ?   ?   ?   C . n 
C 1 274 VAL 274 274 ?   ?   ?   C . n 
C 1 275 ASP 275 275 ?   ?   ?   C . n 
C 1 276 ARG 276 276 ?   ?   ?   C . n 
C 1 277 ALA 277 277 ?   ?   ?   C . n 
C 1 278 VAL 278 278 ?   ?   ?   C . n 
C 1 279 TYR 279 279 ?   ?   ?   C . n 
C 1 280 TRP 280 280 ?   ?   ?   C . n 
C 1 281 HIS 281 281 ?   ?   ?   C . n 
C 1 282 LEU 282 282 ?   ?   ?   C . n 
C 1 283 LYS 283 283 ?   ?   ?   C . n 
C 1 284 LYS 284 284 ?   ?   ?   C . n 
C 1 285 PHE 285 285 ?   ?   ?   C . n 
C 1 286 ALA 286 286 ?   ?   ?   C . n 
C 1 287 GLY 287 287 ?   ?   ?   C . n 
C 1 288 ASN 288 288 ?   ?   ?   C . n 
C 1 289 ALA 289 289 ?   ?   ?   C . n 
C 1 290 GLY 290 290 ?   ?   ?   C . n 
C 1 291 THR 291 291 ?   ?   ?   C . n 
C 1 292 PRO 292 292 ?   ?   ?   C . n 
C 1 293 ALA 293 293 ?   ?   ?   C . n 
C 1 294 GLY 294 294 ?   ?   ?   C . n 
C 1 295 TRP 295 295 ?   ?   ?   C . n 
C 1 296 PHE 296 296 ?   ?   ?   C . n 
C 1 297 ARG 297 297 ?   ?   ?   C . n 
C 1 298 TRP 298 298 ?   ?   ?   C . n 
C 1 299 GLY 299 299 ?   ?   ?   C . n 
C 1 300 ILE 300 300 ?   ?   ?   C . n 
C 1 301 TRP 301 301 ?   ?   ?   C . n 
C 1 302 ASP 302 302 ?   ?   ?   C . n 
C 1 303 ASN 303 303 ?   ?   ?   C . n 
C 1 304 PHE 304 304 ?   ?   ?   C . n 
C 1 305 ASN 305 305 ?   ?   ?   C . n 
C 1 306 LYS 306 306 ?   ?   ?   C . n 
C 1 307 THR 307 307 ?   ?   ?   C . n 
C 1 308 PHE 308 308 ?   ?   ?   C . n 
C 1 309 THR 309 309 ?   ?   ?   C . n 
C 1 310 ASP 310 310 ?   ?   ?   C . n 
C 1 311 GLY 311 311 ?   ?   ?   C . n 
C 1 312 VAL 312 312 ?   ?   ?   C . n 
C 1 313 ALA 313 313 ?   ?   ?   C . n 
C 1 314 TYR 314 314 ?   ?   ?   C . n 
C 1 315 TYR 315 315 ?   ?   ?   C . n 
C 1 316 SER 316 316 ?   ?   ?   C . n 
C 1 317 ASP 317 317 ?   ?   ?   C . n 
C 1 318 GLU 318 318 ?   ?   ?   C . n 
C 1 319 GLN 319 319 ?   ?   ?   C . n 
C 1 320 PRO 320 320 ?   ?   ?   C . n 
C 1 321 ARG 321 321 ?   ?   ?   C . n 
C 1 322 GLN 322 322 ?   ?   ?   C . n 
C 1 323 ILE 323 323 ?   ?   ?   C . n 
C 1 324 LEU 324 324 ?   ?   ?   C . n 
C 1 325 LEU 325 325 ?   ?   ?   C . n 
C 1 326 PRO 326 326 ?   ?   ?   C . n 
C 1 327 VAL 327 327 ?   ?   ?   C . n 
C 1 328 GLY 328 328 ?   ?   ?   C . n 
C 1 329 THR 329 329 ?   ?   ?   C . n 
C 1 330 VAL 330 330 ?   ?   ?   C . n 
C 1 331 CYS 331 331 ?   ?   ?   C . n 
C 1 332 THR 332 332 ?   ?   ?   C . n 
C 1 333 ARG 333 333 ?   ?   ?   C . n 
C 1 334 VAL 334 334 ?   ?   ?   C . n 
C 1 335 ASP 335 335 ?   ?   ?   C . n 
C 1 336 SER 336 336 ?   ?   ?   C . n 
C 1 337 GLU 337 337 ?   ?   ?   C . n 
C 1 338 ASN 338 338 ?   ?   ?   C . n 
# 
_cell.entry_id           3JBM 
_cell.length_a           1 
_cell.length_b           1 
_cell.length_c           1 
_cell.angle_alpha        90 
_cell.angle_beta         90 
_cell.angle_gamma        90 
_cell.Z_PDB              1 
_cell.pdbx_unique_axis   ? 
_cell.length_a_esd       ? 
_cell.length_b_esd       ? 
_cell.length_c_esd       ? 
_cell.angle_alpha_esd    ? 
_cell.angle_beta_esd     ? 
_cell.angle_gamma_esd    ? 
# 
_symmetry.entry_id                         3JBM 
_symmetry.space_group_name_H-M             'P 1' 
_symmetry.pdbx_full_space_group_name_H-M   ? 
_symmetry.cell_setting                     ? 
_symmetry.Int_Tables_number                1 
# 
_exptl.entry_id          3JBM 
_exptl.method            'ELECTRON MICROSCOPY' 
_exptl.crystals_number   ? 
# 
_refine_hist.pdbx_refine_id                   'ELECTRON MICROSCOPY' 
_refine_hist.cycle_id                         LAST 
_refine_hist.pdbx_number_atoms_protein        526 
_refine_hist.pdbx_number_atoms_nucleic_acid   0 
_refine_hist.pdbx_number_atoms_ligand         0 
_refine_hist.number_atoms_solvent             0 
_refine_hist.number_atoms_total               526 
_refine_hist.d_res_high                       . 
_refine_hist.d_res_low                        . 
# 
loop_
_struct_ncs_oper.id 
_struct_ncs_oper.code 
_struct_ncs_oper.details 
_struct_ncs_oper.matrix[1][1] 
_struct_ncs_oper.matrix[1][2] 
_struct_ncs_oper.matrix[1][3] 
_struct_ncs_oper.matrix[2][1] 
_struct_ncs_oper.matrix[2][2] 
_struct_ncs_oper.matrix[2][3] 
_struct_ncs_oper.matrix[3][1] 
_struct_ncs_oper.matrix[3][2] 
_struct_ncs_oper.matrix[3][3] 
_struct_ncs_oper.vector[1] 
_struct_ncs_oper.vector[2] 
_struct_ncs_oper.vector[3] 
1  given    ? 1.00000000  0.00000000  0.00000000  0.00000000  1.00000000  0.00000000  0.00000000  0.00000000  1.00000000  0.00000   0.00000    0.00000    
2  generate ? 0.64897510  -0.42135598 0.63347490  -0.26492368 0.65536834  0.70732438  -0.71319475 -0.62685843 0.31369055  -12.47439 -6.46349   -50.74991  
3  generate ? 0.08100489  -0.94669199 0.31178917  -0.85001152 0.09774258  0.51761648  -0.52049844 -0.30695386 -0.79678146 -49.99532 -43.29135  -53.72131  
4  generate ? 0.08100490  -0.85001152 -0.52049845 -0.94669199 0.09774258  -0.30695384 0.31178918  0.51761647  -0.79678146 -60.71014 -59.58872  -4.80783   
5  generate ? 0.64897511  -0.26492369 -0.71319475 -0.42135598 0.65536832  -0.62685842 0.63347490  0.70732439  0.31369055  -29.81133 -32.83320  28.39377   
6  generate ? -0.88490864 -0.44737434 -0.12958744 -0.44737435 0.73899930  0.50372238  -0.12958743 0.50372238  -0.85409066 49.00236  7.85565    16.40076   
7  generate ? -0.36334253 0.16089954  -0.91765655 -0.84536539 0.35705797  0.39732476  0.39158596  0.92012007  0.00628455  69.50920  -16.90401  58.10650   
8  generate ? 0.37604147  0.83378576  -0.40422038 -0.92658414 0.34113787  -0.15832492 0.00588582  0.43408095  0.90085465  119.57269 -28.83063  46.95558   
9  generate ? 0.31143980  0.64137842  0.70116972  -0.57878904 0.71324004  -0.39533769 -0.75366338 -0.28270546 0.59335415  130.00679 -11.44202  -1.64182   
10 generate ? -0.46787022 -0.15042207 0.87090221  -0.28262110 0.95913193  0.01383005  -0.83739046 -0.23966468 -0.49126171 86.39192  11.23134   -20.52572  
11 generate ? 0.78997505  0.30670156  0.53091767  0.30670155  -0.94744852 0.09096958  0.53091769  0.09096958  -0.84252654 60.73095  -238.28359 -67.10068  
12 generate ? 0.05277394  -0.46466844 0.88391071  0.38516421  -0.80718334 -0.44732940 0.92133786  0.36405810  0.13637542  21.95011  -240.60237 -31.55339  
13 generate ? -0.47304983 -0.88085248 -0.01796592 0.78283695  -0.41088143 -0.46727162 0.40421548  -0.23510714 0.88393126  -20.56322 -217.48791 -52.32065  
14 generate ? -0.06082567 -0.36669836 -0.92834937 0.95014958  -0.30621856 0.05870241  -0.30580389 -0.87850015 0.36704423  -8.05707  -200.88360 -100.70280 
15 generate ? 0.71976663  0.36725040  -0.58912065 0.65588172  -0.63783525 0.40371444  -0.22749763 -0.67697366 -0.69996536 42.18550  -213.73604 -109.83736 
16 generate ? -0.90506641 0.14067278  -0.40133023 0.14067278  -0.79155078 -0.59469196 -0.40133025 -0.59469196 0.69661719  110.55839 -229.20534 -54.18791  
17 generate ? -0.33840651 0.72512487  -0.59972906 0.72512487  -0.20524297 -0.65731975 -0.59972907 -0.65731974 -0.45635053 141.30677 -195.66341 -80.69104  
18 generate ? 0.01600346  0.99375870  0.11039714  0.99375870  -0.02799902 0.10798006  0.11039713  0.10798006  -0.98800444 171.27754 -170.02339 -45.80146  
19 generate ? -0.33161903 0.57533146  0.74767810  0.57533145  -0.50476406 0.64358912  0.74767809  0.64358914  -0.16361692 159.05211 -187.71893 2.26461    
20 generate ? -0.90087152 0.04809536  0.43141319  0.04809536  -0.97666499 0.20931393  0.43141318  0.20931394  0.87753651  121.52561 -224.29538 -2.91851   
21 generate ? -0.03143393 -0.06337614 0.99749455  -0.99491228 0.09755414  -0.02515441 -0.09571552 -0.99321028 -0.06612020 75.67790  -49.56540  -136.81255 
22 generate ? -0.71501787 -0.65357771 0.24816452  -0.65357770 0.49891439  -0.56914023 0.24816453  -0.56914025 -0.78389652 25.85689  -36.50844  -125.84336 
23 generate ? -0.46787021 -0.28262111 -0.83739046 -0.15042207 0.95913193  -0.23966467 0.87090222  0.01383004  -0.49126172 26.40636  -2.69637   -85.47775  
24 generate ? 0.36845938  0.53684426  -0.75897030 -0.18078937 0.84220175  0.50794825  0.91189522  -0.04994455 0.40737286  76.56697  5.14367    -71.49963  
25 generate ? 0.63819184  0.67234510  0.37505099  -0.70271301 0.30971739  0.64052288  0.31449260  -0.67232969 0.67012476  107.01845 -23.82299  -103.22627 
26 generate ? -0.07309375 0.46968814  -0.87980131 0.84002294  0.50451982  0.19955249  0.53760464  -0.72446726 -0.43142607 89.99937  -97.96465  -150.38958 
27 generate ? 0.45560213  0.89012809  0.00993346  0.26917493  -0.14839354 0.95159035  0.84851137  -0.43087276 -0.30720860 132.52518 -121.83166 -130.51844 
28 generate ? 0.05277394  0.38516421  0.92133786  -0.46466844 -0.80718333 0.36405810  0.88391072  -0.44732940 0.13637541  120.58437 -172.52343 -122.72734 
29 generate ? -0.72488347 -0.34736059 0.59488198  -0.34736059 -0.56142446 -0.75109466 0.59488197  -0.75109467 0.28630793  70.67872  -179.98568 -137.78332 
30 generate ? -0.80267398 -0.29512193 -0.51828324 0.45898304  0.24925268  -0.85276472 0.38085305  -0.92237529 -0.06461268 51.77616  -133.90581 -154.87951 
31 generate ? 0.48531791  0.14114644  -0.86286975 -0.76939079 -0.39985696 -0.49814879 -0.41533640 0.90564458  -0.08546095 21.93781  -131.54504 98.47697   
32 generate ? 0.89296037  0.42890849  0.13659895  -0.03810679 0.37440259  -0.92648289 -0.44851938 0.82210718  0.35067102  58.76203  -94.08189  102.14155  
33 generate ? 0.36845938  -0.18078935 0.91189522  0.53684426  0.84220175  -0.04994454 -0.75897031 0.50794824  0.40737287  37.91826  -49.00756  84.62635   
34 generate ? -0.36334254 -0.84536539 0.39158596  0.16089955  0.35705797  0.92012006  -0.91765654 0.39732476  0.00628456  -11.78811 -58.61324  70.13678   
35 generate ? -0.29111999 -0.64639812 -0.70527912 -0.64639811 -0.41057652 0.64311460  -0.70527912 0.64311461  -0.29830349 -21.66457 -109.62422 78.69694   
36 generate ? -0.38079023 -0.54745845 0.74517652  0.92428013  -0.20221700 0.32375071  -0.02655272 0.81203296  0.58300723  32.67661  -180.55816 83.83732   
37 generate ? -0.63354465 -0.66545887 -0.39469694 0.42250956  -0.72492344 0.54403278  -0.64815652 0.17790584  0.74043410  3.14760   -207.21129 49.33241   
38 generate ? 0.04663690  0.07824624  -0.99584262 0.07824625  -0.99415034 -0.07444888 -0.99584262 -0.07444888 -0.05248657 35.38270  -235.40591 18.69091   
39 generate ? 0.71976663  0.65588172  -0.22749763 0.36725040  -0.63783527 -0.67697365 -0.58912065 0.40371446  -0.69996535 84.83410  -226.17803 34.25832   
40 generate ? 0.45560213  0.26917495  0.84851137  0.89012809  -0.14839354 -0.43087276 0.00993346  0.95159036  -0.30720858 83.16166  -192.28026 74.52101   
41 generate ? -0.03143392 -0.99491228 -0.09571553 -0.06337614 0.09755413  -0.99321027 0.99749455  -0.02515443 -0.06612021 -60.02947 -126.25214 -85.78115  
42 generate ? 0.31143981  -0.57878905 -0.75366338 0.64137841  0.71324004  -0.28270545 0.70116972  -0.39533770 0.59335413  -48.34919 -75.68678  -94.70611  
43 generate ? 0.89296038  -0.03810679 -0.44851938 0.42890849  0.37440261  0.82210717  0.13659896  -0.92648291 0.35067101  -10.24486 -73.95033  -131.01017 
44 generate ? 0.90948611  -0.12007002 0.39801783  -0.40715971 -0.45069635 0.79441409  0.08399988  -0.88456542 -0.45878976 1.62463   -123.44251 -144.52237 
45 generate ? 0.33817902  -0.71140834 0.61606260  -0.71140834 -0.62179812 -0.32751377 0.61606262  -0.32751379 -0.71638090 -29.14395 -155.76681 -116.56929 
46 generate ? 0.48531791  -0.76939081 -0.41533641 0.14114645  -0.39985695 0.90564457  -0.86286975 -0.49814880 -0.08546096 -70.95529 -144.88078 -38.18360  
47 generate ? 0.81500483  -0.44836884 -0.36705927 -0.44836884 -0.88923742 0.09067631  -0.36705926 0.09067630  -0.92576741 -50.95811 -190.01841 -19.86291  
48 generate ? 0.90948612  -0.40715971 0.08399985  -0.12007002 -0.45069636 -0.88456542 0.39801783  0.79441411  -0.45878975 -39.59853 -183.27952 31.11246   
49 generate ? 0.63819184  -0.70271301 0.31449260  0.67234510  0.30971738  -0.67232968 0.37505099  0.64052289  0.67012477  -52.57512 -133.97703 44.29629   
50 generate ? 0.37604146  -0.92658414 0.00588582  0.83378576  0.34113787  0.43408093  -0.40422039 -0.15832492 0.90085465  -71.95467 -110.24531 1.46896    
51 generate ? -0.38079023 0.92428013  -0.02655270 -0.54745845 -0.20221700 0.81203296  0.74517652  0.32375072  0.58300723  181.55536 -86.70151  -14.77177  
52 generate ? -0.47304984 0.78283695  0.40421550  -0.88085247 -0.41088143 -0.23510714 -0.01796592 -0.46727160 0.88393126  181.67896 -119.77587 -55.74751  
53 generate ? -0.80267398 0.45898304  0.38085305  -0.29512192 0.24925268  -0.92237527 -0.51828325 -0.85276472 -0.06461267 162.00621 -94.20037  -97.36262  
54 generate ? -0.91413331 0.40027348  -0.06435392 0.40027348  0.86590242  -0.29999024 -0.06435393 -0.29999025 -0.95176910 149.72418 -45.31949  -82.10643  
55 generate ? -0.65339481 0.68784290  -0.31614452 0.24432092  0.58687881  0.77193299  0.71650715  0.42713629  -0.55151799 161.80623 -40.68494  -31.06247  
56 generate ? -0.07309376 0.84002296  0.53760464  0.46968814  0.50451981  -0.72446725 -0.87980131 0.19955250  -0.43142606 169.72109 -101.79884 33.84868   
57 generate ? -0.65339482 0.24432094  0.71650716  0.68784290  0.58687881  0.42713628  -0.31614454 0.77193299  -0.55151798 137.92002 -74.15223  65.42869   
58 generate ? -0.99977251 -0.01371654 -0.01633353 -0.01371654 -0.17295892 0.98483352  -0.01633354 0.98483353  0.17273142  108.12888 -108.20307 92.37250   
59 generate ? -0.63354464 0.42250955  -0.64815650 -0.66545887 -0.72492345 0.17790583  -0.39469694 0.54403280  0.74043410  121.51801 -156.89425 77.44468   
60 generate ? -0.06082568 0.95014957  -0.30580389 -0.36669834 -0.30621857 -0.87850014 -0.92834937 0.05870242  0.36704424  159.58408 -152.93623 41.27497  
# 
_struct.entry_id                  3JBM 
_struct.title                     
'Electron cryo-microscopy of a virus-like particle of orange-spotted grouper nervous necrosis virus' 
_struct.pdbx_model_details        ? 
_struct.pdbx_CASP_flag            ? 
_struct.pdbx_model_type_details   ? 
# 
_struct_keywords.entry_id        3JBM 
_struct_keywords.pdbx_keywords   VIRUS 
_struct_keywords.text            'virus-like particle, orange-spotted grouper nervous necrosis virus, betanodavirus, VIRUS' 
# 
loop_
_struct_asym.id 
_struct_asym.pdbx_blank_PDB_chainid_flag 
_struct_asym.pdbx_modified 
_struct_asym.entity_id 
_struct_asym.details 
A N N 1 ? 
B N N 1 ? 
C N N 1 ? 
# 
_struct_ref.id                         1 
_struct_ref.db_name                    PDB 
_struct_ref.db_code                    3JBM 
_struct_ref.pdbx_db_accession          3JBM 
_struct_ref.entity_id                  1 
_struct_ref.pdbx_align_begin           ? 
_struct_ref.pdbx_seq_one_letter_code   ? 
_struct_ref.pdbx_db_isoform            ? 
# 
loop_
_struct_ref_seq.align_id 
_struct_ref_seq.ref_id 
_struct_ref_seq.pdbx_PDB_id_code 
_struct_ref_seq.pdbx_strand_id 
_struct_ref_seq.seq_align_beg 
_struct_ref_seq.pdbx_seq_align_beg_ins_code 
_struct_ref_seq.seq_align_end 
_struct_ref_seq.pdbx_seq_align_end_ins_code 
_struct_ref_seq.pdbx_db_accession 
_struct_ref_seq.db_align_beg 
_struct_ref_seq.pdbx_db_align_beg_ins_code 
_struct_ref_seq.db_align_end 
_struct_ref_seq.pdbx_db_align_end_ins_code 
_struct_ref_seq.pdbx_auth_seq_align_beg 
_struct_ref_seq.pdbx_auth_seq_align_end 
1 1 3JBM A 1 ? 338 ? 3JBM 1 ? 338 ? 1 338 
2 1 3JBM B 1 ? 338 ? 3JBM 1 ? 338 ? 1 338 
3 1 3JBM C 1 ? 338 ? 3JBM 1 ? 338 ? 1 338 
# 
loop_
_pdbx_struct_assembly.id 
_pdbx_struct_assembly.details 
_pdbx_struct_assembly.method_details 
_pdbx_struct_assembly.oligomeric_details 
_pdbx_struct_assembly.oligomeric_count 
1 'complete icosahedral assembly'                ? 180-meric      180 
2 'icosahedral asymmetric unit'                  ? trimeric       3   
3 'icosahedral pentamer'                         ? pentadecameric 15  
4 'icosahedral 23 hexamer'                       ? octadecameric  18  
5 'icosahedral asymmetric unit, std point frame' ? trimeric       3   
6 'crystal asymmetric unit, crystal frame'       ? 180-meric      180 
# 
loop_
_pdbx_struct_assembly_gen.assembly_id 
_pdbx_struct_assembly_gen.oper_expression 
_pdbx_struct_assembly_gen.asym_id_list 
1 '(1-60)'           A,B,C 
2 1                  A,B,C 
3 '(1-5)'            A,B,C 
4 '(1,2,6,10,23,24)' A,B,C 
5 P                  A,B,C 
6 '(X0)(1-60)'       A,B,C 
# 
loop_
_pdbx_struct_oper_list.id 
_pdbx_struct_oper_list.type 
_pdbx_struct_oper_list.name 
_pdbx_struct_oper_list.symmetry_operation 
_pdbx_struct_oper_list.matrix[1][1] 
_pdbx_struct_oper_list.matrix[1][2] 
_pdbx_struct_oper_list.matrix[1][3] 
_pdbx_struct_oper_list.vector[1] 
_pdbx_struct_oper_list.matrix[2][1] 
_pdbx_struct_oper_list.matrix[2][2] 
_pdbx_struct_oper_list.matrix[2][3] 
_pdbx_struct_oper_list.vector[2] 
_pdbx_struct_oper_list.matrix[3][1] 
_pdbx_struct_oper_list.matrix[3][2] 
_pdbx_struct_oper_list.matrix[3][3] 
_pdbx_struct_oper_list.vector[3] 
P  'transform to point frame' ?     ?     0.21786876  0.32283836  -0.92103669 0.94676   -0.94603780 -0.16209794 -0.28060066 26.11677   -0.23988681 0.93246965  0.27010122  127.44237  
X0 'identity operation'       1_555 x,y,z 1.00000000  0.00000000  0.00000000  0.00000   0.00000000  1.00000000  0.00000000  0.00000    0.00000000  0.00000000  1.00000000  0.00000    
1  'identity operation'       1_555 x,y,z 1.00000000  0.00000000  0.00000000  0.00000   0.00000000  1.00000000  0.00000000  0.00000    0.00000000  0.00000000  1.00000000  0.00000    
2  'point symmetry operation' ?     ?     0.64897510  -0.42135598 0.63347490  -12.47439 -0.26492368 0.65536834  0.70732438  -6.46349   -0.71319475 -0.62685843 0.31369055  -50.74991  
3  'point symmetry operation' ?     ?     0.08100489  -0.94669199 0.31178917  -49.99532 -0.85001152 0.09774258  0.51761648  -43.29135  -0.52049844 -0.30695386 -0.79678146 -53.72131  
4  'point symmetry operation' ?     ?     0.08100490  -0.85001152 -0.52049845 -60.71014 -0.94669199 0.09774258  -0.30695384 -59.58872  0.31178918  0.51761647  -0.79678146 -4.80783   
5  'point symmetry operation' ?     ?     0.64897511  -0.26492369 -0.71319475 -29.81133 -0.42135598 0.65536832  -0.62685842 -32.83320  0.63347490  0.70732439  0.31369055  28.39377   
6  'point symmetry operation' ?     ?     -0.88490864 -0.44737434 -0.12958744 49.00236  -0.44737435 0.73899930  0.50372238  7.85565    -0.12958743 0.50372238  -0.85409066 16.40076   
7  'point symmetry operation' ?     ?     -0.36334253 0.16089954  -0.91765655 69.50920  -0.84536539 0.35705797  0.39732476  -16.90401  0.39158596  0.92012007  0.00628455  58.10650   
8  'point symmetry operation' ?     ?     0.37604147  0.83378576  -0.40422038 119.57269 -0.92658414 0.34113787  -0.15832492 -28.83063  0.00588582  0.43408095  0.90085465  46.95558   
9  'point symmetry operation' ?     ?     0.31143980  0.64137842  0.70116972  130.00679 -0.57878904 0.71324004  -0.39533769 -11.44202  -0.75366338 -0.28270546 0.59335415  -1.64182   
10 'point symmetry operation' ?     ?     -0.46787022 -0.15042207 0.87090221  86.39192  -0.28262110 0.95913193  0.01383005  11.23134   -0.83739046 -0.23966468 -0.49126171 -20.52572  
11 'point symmetry operation' ?     ?     0.78997505  0.30670156  0.53091767  60.73095  0.30670155  -0.94744852 0.09096958  -238.28359 0.53091769  0.09096958  -0.84252654 -67.10068  
12 'point symmetry operation' ?     ?     0.05277394  -0.46466844 0.88391071  21.95011  0.38516421  -0.80718334 -0.44732940 -240.60237 0.92133786  0.36405810  0.13637542  -31.55339  
13 'point symmetry operation' ?     ?     -0.47304983 -0.88085248 -0.01796592 -20.56322 0.78283695  -0.41088143 -0.46727162 -217.48791 0.40421548  -0.23510714 0.88393126  -52.32065  
14 'point symmetry operation' ?     ?     -0.06082567 -0.36669836 -0.92834937 -8.05707  0.95014958  -0.30621856 0.05870241  -200.88360 -0.30580389 -0.87850015 0.36704423  -100.70280 
15 'point symmetry operation' ?     ?     0.71976663  0.36725040  -0.58912065 42.18550  0.65588172  -0.63783525 0.40371444  -213.73604 -0.22749763 -0.67697366 -0.69996536 -109.83736 
16 'point symmetry operation' ?     ?     -0.90506641 0.14067278  -0.40133023 110.55839 0.14067278  -0.79155078 -0.59469196 -229.20534 -0.40133025 -0.59469196 0.69661719  -54.18791  
17 'point symmetry operation' ?     ?     -0.33840651 0.72512487  -0.59972906 141.30677 0.72512487  -0.20524297 -0.65731975 -195.66341 -0.59972907 -0.65731974 -0.45635053 -80.69104  
18 'point symmetry operation' ?     ?     0.01600346  0.99375870  0.11039714  171.27754 0.99375870  -0.02799902 0.10798006  -170.02339 0.11039713  0.10798006  -0.98800444 -45.80146  
19 'point symmetry operation' ?     ?     -0.33161903 0.57533146  0.74767810  159.05211 0.57533145  -0.50476406 0.64358912  -187.71893 0.74767809  0.64358914  -0.16361692 2.26461    
20 'point symmetry operation' ?     ?     -0.90087152 0.04809536  0.43141319  121.52561 0.04809536  -0.97666499 0.20931393  -224.29538 0.43141318  0.20931394  0.87753651  -2.91851   
21 'point symmetry operation' ?     ?     -0.03143393 -0.06337614 0.99749455  75.67790  -0.99491228 0.09755414  -0.02515441 -49.56540  -0.09571552 -0.99321028 -0.06612020 -136.81255 
22 'point symmetry operation' ?     ?     -0.71501787 -0.65357771 0.24816452  25.85689  -0.65357770 0.49891439  -0.56914023 -36.50844  0.24816453  -0.56914025 -0.78389652 -125.84336 
23 'point symmetry operation' ?     ?     -0.46787021 -0.28262111 -0.83739046 26.40636  -0.15042207 0.95913193  -0.23966467 -2.69637   0.87090222  0.01383004  -0.49126172 -85.47775  
24 'point symmetry operation' ?     ?     0.36845938  0.53684426  -0.75897030 76.56697  -0.18078937 0.84220175  0.50794825  5.14367    0.91189522  -0.04994455 0.40737286  -71.49963  
25 'point symmetry operation' ?     ?     0.63819184  0.67234510  0.37505099  107.01845 -0.70271301 0.30971739  0.64052288  -23.82299  0.31449260  -0.67232969 0.67012476  -103.22627 
26 'point symmetry operation' ?     ?     -0.07309375 0.46968814  -0.87980131 89.99937  0.84002294  0.50451982  0.19955249  -97.96465  0.53760464  -0.72446726 -0.43142607 -150.38958 
27 'point symmetry operation' ?     ?     0.45560213  0.89012809  0.00993346  132.52518 0.26917493  -0.14839354 0.95159035  -121.83166 0.84851137  -0.43087276 -0.30720860 -130.51844 
28 'point symmetry operation' ?     ?     0.05277394  0.38516421  0.92133786  120.58437 -0.46466844 -0.80718333 0.36405810  -172.52343 0.88391072  -0.44732940 0.13637541  -122.72734 
29 'point symmetry operation' ?     ?     -0.72488347 -0.34736059 0.59488198  70.67872  -0.34736059 -0.56142446 -0.75109466 -179.98568 0.59488197  -0.75109467 0.28630793  -137.78332 
30 'point symmetry operation' ?     ?     -0.80267398 -0.29512193 -0.51828324 51.77616  0.45898304  0.24925268  -0.85276472 -133.90581 0.38085305  -0.92237529 -0.06461268 -154.87951 
31 'point symmetry operation' ?     ?     0.48531791  0.14114644  -0.86286975 21.93781  -0.76939079 -0.39985696 -0.49814879 -131.54504 -0.41533640 0.90564458  -0.08546095 98.47697   
32 'point symmetry operation' ?     ?     0.89296037  0.42890849  0.13659895  58.76203  -0.03810679 0.37440259  -0.92648289 -94.08189  -0.44851938 0.82210718  0.35067102  102.14155  
33 'point symmetry operation' ?     ?     0.36845938  -0.18078935 0.91189522  37.91826  0.53684426  0.84220175  -0.04994454 -49.00756  -0.75897031 0.50794824  0.40737287  84.62635   
34 'point symmetry operation' ?     ?     -0.36334254 -0.84536539 0.39158596  -11.78811 0.16089955  0.35705797  0.92012006  -58.61324  -0.91765654 0.39732476  0.00628456  70.13678   
35 'point symmetry operation' ?     ?     -0.29111999 -0.64639812 -0.70527912 -21.66457 -0.64639811 -0.41057652 0.64311460  -109.62422 -0.70527912 0.64311461  -0.29830349 78.69694   
36 'point symmetry operation' ?     ?     -0.38079023 -0.54745845 0.74517652  32.67661  0.92428013  -0.20221700 0.32375071  -180.55816 -0.02655272 0.81203296  0.58300723  83.83732   
37 'point symmetry operation' ?     ?     -0.63354465 -0.66545887 -0.39469694 3.14760   0.42250956  -0.72492344 0.54403278  -207.21129 -0.64815652 0.17790584  0.74043410  49.33241   
38 'point symmetry operation' ?     ?     0.04663690  0.07824624  -0.99584262 35.38270  0.07824625  -0.99415034 -0.07444888 -235.40591 -0.99584262 -0.07444888 -0.05248657 18.69091   
39 'point symmetry operation' ?     ?     0.71976663  0.65588172  -0.22749763 84.83410  0.36725040  -0.63783527 -0.67697365 -226.17803 -0.58912065 0.40371446  -0.69996535 34.25832   
40 'point symmetry operation' ?     ?     0.45560213  0.26917495  0.84851137  83.16166  0.89012809  -0.14839354 -0.43087276 -192.28026 0.00993346  0.95159036  -0.30720858 74.52101   
41 'point symmetry operation' ?     ?     -0.03143392 -0.99491228 -0.09571553 -60.02947 -0.06337614 0.09755413  -0.99321027 -126.25214 0.99749455  -0.02515443 -0.06612021 -85.78115  
42 'point symmetry operation' ?     ?     0.31143981  -0.57878905 -0.75366338 -48.34919 0.64137841  0.71324004  -0.28270545 -75.68678  0.70116972  -0.39533770 0.59335413  -94.70611  
43 'point symmetry operation' ?     ?     0.89296038  -0.03810679 -0.44851938 -10.24486 0.42890849  0.37440261  0.82210717  -73.95033  0.13659896  -0.92648291 0.35067101  -131.01017 
44 'point symmetry operation' ?     ?     0.90948611  -0.12007002 0.39801783  1.62463   -0.40715971 -0.45069635 0.79441409  -123.44251 0.08399988  -0.88456542 -0.45878976 -144.52237 
45 'point symmetry operation' ?     ?     0.33817902  -0.71140834 0.61606260  -29.14395 -0.71140834 -0.62179812 -0.32751377 -155.76681 0.61606262  -0.32751379 -0.71638090 -116.56929 
46 'point symmetry operation' ?     ?     0.48531791  -0.76939081 -0.41533641 -70.95529 0.14114645  -0.39985695 0.90564457  -144.88078 -0.86286975 -0.49814880 -0.08546096 -38.18360  
47 'point symmetry operation' ?     ?     0.81500483  -0.44836884 -0.36705927 -50.95811 -0.44836884 -0.88923742 0.09067631  -190.01841 -0.36705926 0.09067630  -0.92576741 -19.86291  
48 'point symmetry operation' ?     ?     0.90948612  -0.40715971 0.08399985  -39.59853 -0.12007002 -0.45069636 -0.88456542 -183.27952 0.39801783  0.79441411  -0.45878975 31.11246   
49 'point symmetry operation' ?     ?     0.63819184  -0.70271301 0.31449260  -52.57512 0.67234510  0.30971738  -0.67232968 -133.97703 0.37505099  0.64052289  0.67012477  44.29629   
50 'point symmetry operation' ?     ?     0.37604146  -0.92658414 0.00588582  -71.95467 0.83378576  0.34113787  0.43408093  -110.24531 -0.40422039 -0.15832492 0.90085465  1.46896    
51 'point symmetry operation' ?     ?     -0.38079023 0.92428013  -0.02655270 181.55536 -0.54745845 -0.20221700 0.81203296  -86.70151  0.74517652  0.32375072  0.58300723  -14.77177  
52 'point symmetry operation' ?     ?     -0.47304984 0.78283695  0.40421550  181.67896 -0.88085247 -0.41088143 -0.23510714 -119.77587 -0.01796592 -0.46727160 0.88393126  -55.74751  
53 'point symmetry operation' ?     ?     -0.80267398 0.45898304  0.38085305  162.00621 -0.29512192 0.24925268  -0.92237527 -94.20037  -0.51828325 -0.85276472 -0.06461267 -97.36262  
54 'point symmetry operation' ?     ?     -0.91413331 0.40027348  -0.06435392 149.72418 0.40027348  0.86590242  -0.29999024 -45.31949  -0.06435393 -0.29999025 -0.95176910 -82.10643  
55 'point symmetry operation' ?     ?     -0.65339481 0.68784290  -0.31614452 161.80623 0.24432092  0.58687881  0.77193299  -40.68494  0.71650715  0.42713629  -0.55151799 -31.06247  
56 'point symmetry operation' ?     ?     -0.07309376 0.84002296  0.53760464  169.72109 0.46968814  0.50451981  -0.72446725 -101.79884 -0.87980131 0.19955250  -0.43142606 33.84868   
57 'point symmetry operation' ?     ?     -0.65339482 0.24432094  0.71650716  137.92002 0.68784290  0.58687881  0.42713628  -74.15223  -0.31614454 0.77193299  -0.55151798 65.42869   
58 'point symmetry operation' ?     ?     -0.99977251 -0.01371654 -0.01633353 108.12888 -0.01371654 -0.17295892 0.98483352  -108.20307 -0.01633354 0.98483353  0.17273142  92.37250   
59 'point symmetry operation' ?     ?     -0.63354464 0.42250955  -0.64815650 121.51801 -0.66545887 -0.72492345 0.17790583  -156.89425 -0.39469694 0.54403280  0.74043410  77.44468   
60 'point symmetry operation' ?     ?     -0.06082568 0.95014957  -0.30580389 159.58408 -0.36669834 -0.30621857 -0.87850014 -152.93623 -0.92834937 0.05870242  0.36704424  41.27497  
# 
_pdbx_point_symmetry.entry_id             3JBM 
_pdbx_point_symmetry.Schoenflies_symbol   I 
_pdbx_point_symmetry.circular_symmetry    ? 
_pdbx_point_symmetry.H-M_notation         ? 
# 
_pdbx_entry_details.entry_id                 3JBM 
_pdbx_entry_details.nonpolymer_details       ? 
_pdbx_entry_details.sequence_details         
'THE SEQUENCE OF THIS PROTEIN WAS NOT AVAILABLE AT THE UNIPROT KNOWLEDGEBASE DATABASE (UNIPROTKB) AT THE TIME OF DEPOSITION.' 
_pdbx_entry_details.compound_details         ? 
_pdbx_entry_details.source_details           ? 
_pdbx_entry_details.has_ligand_of_interest   ? 
# 
_em_3d_fitting.id                1 
_em_3d_fitting.entry_id          3JBM 
_em_3d_fitting.ref_space         REAL 
_em_3d_fitting.ref_protocol      ? 
_em_3d_fitting.target_criteria   ? 
_em_3d_fitting.overall_b_value   ? 
_em_3d_fitting.method            'Local refinement' 
_em_3d_fitting.details           ? 
# 
_em_3d_fitting_list.id                            1 
_em_3d_fitting_list.3d_fitting_id                 1 
_em_3d_fitting_list.pdb_entry_id                  4NWW 
_em_3d_fitting_list.pdb_chain_id                  ? 
_em_3d_fitting_list.initial_refinement_model_id   1 
_em_3d_fitting_list.chain_id                      ? 
_em_3d_fitting_list.chain_residue_range           ? 
_em_3d_fitting_list.pdb_chain_residue_range       ? 
_em_3d_fitting_list.source_name                   PDB 
_em_3d_fitting_list.type                          'experimental model' 
_em_3d_fitting_list.accession_code                4NWW 
_em_3d_fitting_list.details                       ? 
# 
_em_3d_reconstruction.entry_id                    3JBM 
_em_3d_reconstruction.id                          1 
_em_3d_reconstruction.method                      'Cross-common lines' 
_em_3d_reconstruction.nominal_pixel_size          ? 
_em_3d_reconstruction.actual_pixel_size           0.933 
_em_3d_reconstruction.resolution                  3.9 
_em_3d_reconstruction.magnification_calibration   ? 
_em_3d_reconstruction.details                     
'(Single particle details: The particles were selected manually.) (Single particle--Applied symmetry: I)' 
_em_3d_reconstruction.resolution_method           'FSC 0.143' 
_em_3d_reconstruction.num_particles               32000 
_em_3d_reconstruction.num_class_averages          ? 
_em_3d_reconstruction.image_processing_id         1 
_em_3d_reconstruction.algorithm                   ? 
_em_3d_reconstruction.symmetry_type               POINT 
# 
_em_buffer.id            1 
_em_buffer.specimen_id   1 
_em_buffer.name          'PBS buffer' 
_em_buffer.pH            8.0 
_em_buffer.details       'PBS buffer' 
# 
_em_entity_assembly.id                   1 
_em_entity_assembly.type                 VIRUS 
_em_entity_assembly.name                 'Orange-spotted grouper nervous necrosis virus' 
_em_entity_assembly.details              ? 
_em_entity_assembly.synonym              ? 
_em_entity_assembly.parent_id            0 
_em_entity_assembly.oligomeric_details   ? 
_em_entity_assembly.entity_id_list       ? 
_em_entity_assembly.source               NATURAL 
# 
_em_imaging.entry_id                        3JBM 
_em_imaging.id                              1 
_em_imaging.date                            2011-02-26 
_em_imaging.temperature                     100 
_em_imaging.microscope_model                'FEI TITAN KRIOS' 
_em_imaging.nominal_defocus_min             1000 
_em_imaging.nominal_defocus_max             2910 
_em_imaging.tilt_angle_min                  0.0 
_em_imaging.tilt_angle_max                  0.0 
_em_imaging.nominal_cs                      2.7 
_em_imaging.mode                            'BRIGHT FIELD' 
_em_imaging.illumination_mode               'FLOOD BEAM' 
_em_imaging.nominal_magnification           96000 
_em_imaging.calibrated_magnification        ? 
_em_imaging.electron_source                 'FIELD EMISSION GUN' 
_em_imaging.accelerating_voltage            300 
_em_imaging.details                         'Weak beam illumination' 
_em_imaging.specimen_holder_type            ? 
_em_imaging.specimen_holder_model           'FEI TITAN KRIOS AUTOGRID HOLDER' 
_em_imaging.recording_temperature_minimum   95 
_em_imaging.recording_temperature_maximum   105 
_em_imaging.detector_distance               0.0 
_em_imaging.electron_beam_tilt_params       ? 
_em_imaging.astigmatism                     'Objective lens astigmatism was corrected at 200000 times magnification' 
_em_imaging.citation_id                     ? 
_em_imaging.specimen_id                     1 
_em_imaging.calibrated_defocus_max          ? 
_em_imaging.alignment_procedure             ? 
_em_imaging.c2_aperture_diameter            ? 
_em_imaging.calibrated_defocus_min          ? 
_em_imaging.cryogen                         ? 
_em_imaging.residual_tilt                   ? 
# 
_em_sample_support.id               1 
_em_sample_support.details          '300 mesh Quantifoil copper grid with thin carbon support, glow discharged in air atmosphere' 
_em_sample_support.film_material    ? 
_em_sample_support.grid_material    ? 
_em_sample_support.grid_mesh_size   ? 
_em_sample_support.grid_type        ? 
_em_sample_support.method           ? 
_em_sample_support.specimen_id      1 
# 
_em_virus_entity.id                    1 
_em_virus_entity.entity_assembly_id    1 
_em_virus_entity.virus_host_category   VERTEBRATES 
_em_virus_entity.virus_type            'VIRUS-LIKE PARTICLE' 
_em_virus_entity.virus_isolate         SPECIES 
_em_virus_entity.empty                 NO 
_em_virus_entity.enveloped             NO 
_em_virus_entity.details               ? 
# 
_em_vitrification.entry_id              3JBM 
_em_vitrification.id                    1 
_em_vitrification.details               ? 
_em_vitrification.cryogen_name          ETHANE 
_em_vitrification.humidity              100 
_em_vitrification.temp                  100 
_em_vitrification.instrument            'FEI VITROBOT MARK IV' 
_em_vitrification.method                'blot for 5 min before plunging' 
_em_vitrification.time_resolved_state   ? 
_em_vitrification.citation_id           ? 
_em_vitrification.specimen_id           1 
_em_vitrification.chamber_temperature   ? 
# 
_em_experiment.aggregation_state       PARTICLE 
_em_experiment.entity_assembly_id      1 
_em_experiment.entry_id                3JBM 
_em_experiment.id                      1 
_em_experiment.reconstruction_method   'SINGLE PARTICLE' 
# 
_em_single_particle_entity.entry_id              3JBM 
_em_single_particle_entity.id                    1 
_em_single_particle_entity.image_processing_id   1 
_em_single_particle_entity.point_symmetry        I 
# 
loop_
_pdbx_unobs_or_zero_occ_residues.id 
_pdbx_unobs_or_zero_occ_residues.PDB_model_num 
_pdbx_unobs_or_zero_occ_residues.polymer_flag 
_pdbx_unobs_or_zero_occ_residues.occupancy_flag 
_pdbx_unobs_or_zero_occ_residues.auth_asym_id 
_pdbx_unobs_or_zero_occ_residues.auth_comp_id 
_pdbx_unobs_or_zero_occ_residues.auth_seq_id 
_pdbx_unobs_or_zero_occ_residues.PDB_ins_code 
_pdbx_unobs_or_zero_occ_residues.label_asym_id 
_pdbx_unobs_or_zero_occ_residues.label_comp_id 
_pdbx_unobs_or_zero_occ_residues.label_seq_id 
1   1 Y 1 A MET 1   ? A MET 1   
2   1 Y 1 A VAL 2   ? A VAL 2   
3   1 Y 1 A ARG 3   ? A ARG 3   
4   1 Y 1 A LYS 4   ? A LYS 4   
5   1 Y 1 A GLY 5   ? A GLY 5   
6   1 Y 1 A GLU 6   ? A GLU 6   
7   1 Y 1 A LYS 7   ? A LYS 7   
8   1 Y 1 A LYS 8   ? A LYS 8   
9   1 Y 1 A LEU 9   ? A LEU 9   
10  1 Y 1 A ALA 10  ? A ALA 10  
11  1 Y 1 A LYS 11  ? A LYS 11  
12  1 Y 1 A PRO 12  ? A PRO 12  
13  1 Y 1 A ALA 13  ? A ALA 13  
14  1 Y 1 A THR 14  ? A THR 14  
15  1 Y 1 A THR 15  ? A THR 15  
16  1 Y 1 A LYS 16  ? A LYS 16  
17  1 Y 1 A ALA 17  ? A ALA 17  
18  1 Y 1 A ALA 18  ? A ALA 18  
19  1 Y 1 A ASN 19  ? A ASN 19  
20  1 Y 1 A PRO 20  ? A PRO 20  
21  1 Y 1 A GLN 21  ? A GLN 21  
22  1 Y 1 A PRO 22  ? A PRO 22  
23  1 Y 1 A ARG 23  ? A ARG 23  
24  1 Y 1 A ARG 24  ? A ARG 24  
25  1 Y 1 A ARG 25  ? A ARG 25  
26  1 Y 1 A ALA 26  ? A ALA 26  
27  1 Y 1 A ASN 27  ? A ASN 27  
28  1 Y 1 A ASN 28  ? A ASN 28  
29  1 Y 1 A ARG 29  ? A ARG 29  
30  1 Y 1 A ARG 30  ? A ARG 30  
31  1 Y 1 A ARG 31  ? A ARG 31  
32  1 Y 1 A SER 32  ? A SER 32  
33  1 Y 1 A ASN 33  ? A ASN 33  
34  1 Y 1 A ARG 34  ? A ARG 34  
35  1 Y 1 A THR 35  ? A THR 35  
36  1 Y 1 A ASP 36  ? A ASP 36  
37  1 Y 1 A ALA 37  ? A ALA 37  
38  1 Y 1 A PRO 38  ? A PRO 38  
39  1 Y 1 A VAL 39  ? A VAL 39  
40  1 Y 1 A SER 40  ? A SER 40  
41  1 Y 1 A LYS 41  ? A LYS 41  
42  1 Y 1 A ALA 42  ? A ALA 42  
43  1 Y 1 A SER 43  ? A SER 43  
44  1 Y 1 A THR 44  ? A THR 44  
45  1 Y 1 A VAL 45  ? A VAL 45  
46  1 Y 1 A THR 46  ? A THR 46  
47  1 Y 1 A GLY 47  ? A GLY 47  
48  1 Y 1 A PHE 48  ? A PHE 48  
49  1 Y 1 A GLY 49  ? A GLY 49  
50  1 Y 1 A ARG 50  ? A ARG 50  
51  1 Y 1 A PRO 221 ? A PRO 221 
52  1 Y 1 A ILE 222 ? A ILE 222 
53  1 Y 1 A MET 223 ? A MET 223 
54  1 Y 1 A THR 224 ? A THR 224 
55  1 Y 1 A GLN 225 ? A GLN 225 
56  1 Y 1 A GLY 226 ? A GLY 226 
57  1 Y 1 A SER 227 ? A SER 227 
58  1 Y 1 A LEU 228 ? A LEU 228 
59  1 Y 1 A TYR 229 ? A TYR 229 
60  1 Y 1 A ASN 230 ? A ASN 230 
61  1 Y 1 A ASP 231 ? A ASP 231 
62  1 Y 1 A SER 232 ? A SER 232 
63  1 Y 1 A LEU 233 ? A LEU 233 
64  1 Y 1 A SER 234 ? A SER 234 
65  1 Y 1 A THR 235 ? A THR 235 
66  1 Y 1 A ASN 236 ? A ASN 236 
67  1 Y 1 A ASP 237 ? A ASP 237 
68  1 Y 1 A PHE 238 ? A PHE 238 
69  1 Y 1 A LYS 239 ? A LYS 239 
70  1 Y 1 A SER 240 ? A SER 240 
71  1 Y 1 A ILE 241 ? A ILE 241 
72  1 Y 1 A LEU 242 ? A LEU 242 
73  1 Y 1 A LEU 243 ? A LEU 243 
74  1 Y 1 A GLY 244 ? A GLY 244 
75  1 Y 1 A SER 245 ? A SER 245 
76  1 Y 1 A THR 246 ? A THR 246 
77  1 Y 1 A PRO 247 ? A PRO 247 
78  1 Y 1 A LEU 248 ? A LEU 248 
79  1 Y 1 A ASP 249 ? A ASP 249 
80  1 Y 1 A ILE 250 ? A ILE 250 
81  1 Y 1 A ALA 251 ? A ALA 251 
82  1 Y 1 A PRO 252 ? A PRO 252 
83  1 Y 1 A ASP 253 ? A ASP 253 
84  1 Y 1 A GLY 254 ? A GLY 254 
85  1 Y 1 A ALA 255 ? A ALA 255 
86  1 Y 1 A VAL 256 ? A VAL 256 
87  1 Y 1 A PHE 257 ? A PHE 257 
88  1 Y 1 A GLN 258 ? A GLN 258 
89  1 Y 1 A LEU 259 ? A LEU 259 
90  1 Y 1 A ASP 260 ? A ASP 260 
91  1 Y 1 A ARG 261 ? A ARG 261 
92  1 Y 1 A PRO 262 ? A PRO 262 
93  1 Y 1 A LEU 263 ? A LEU 263 
94  1 Y 1 A SER 264 ? A SER 264 
95  1 Y 1 A ILE 265 ? A ILE 265 
96  1 Y 1 A ASP 266 ? A ASP 266 
97  1 Y 1 A TYR 267 ? A TYR 267 
98  1 Y 1 A SER 268 ? A SER 268 
99  1 Y 1 A LEU 269 ? A LEU 269 
100 1 Y 1 A GLY 270 ? A GLY 270 
101 1 Y 1 A THR 271 ? A THR 271 
102 1 Y 1 A GLY 272 ? A GLY 272 
103 1 Y 1 A ASP 273 ? A ASP 273 
104 1 Y 1 A VAL 274 ? A VAL 274 
105 1 Y 1 A ASP 275 ? A ASP 275 
106 1 Y 1 A ARG 276 ? A ARG 276 
107 1 Y 1 A ALA 277 ? A ALA 277 
108 1 Y 1 A VAL 278 ? A VAL 278 
109 1 Y 1 A TYR 279 ? A TYR 279 
110 1 Y 1 A TRP 280 ? A TRP 280 
111 1 Y 1 A HIS 281 ? A HIS 281 
112 1 Y 1 A LEU 282 ? A LEU 282 
113 1 Y 1 A LYS 283 ? A LYS 283 
114 1 Y 1 A LYS 284 ? A LYS 284 
115 1 Y 1 A PHE 285 ? A PHE 285 
116 1 Y 1 A ALA 286 ? A ALA 286 
117 1 Y 1 A GLY 287 ? A GLY 287 
118 1 Y 1 A ASN 288 ? A ASN 288 
119 1 Y 1 A ALA 289 ? A ALA 289 
120 1 Y 1 A GLY 290 ? A GLY 290 
121 1 Y 1 A THR 291 ? A THR 291 
122 1 Y 1 A PRO 292 ? A PRO 292 
123 1 Y 1 A ALA 293 ? A ALA 293 
124 1 Y 1 A GLY 294 ? A GLY 294 
125 1 Y 1 A TRP 295 ? A TRP 295 
126 1 Y 1 A PHE 296 ? A PHE 296 
127 1 Y 1 A ARG 297 ? A ARG 297 
128 1 Y 1 A TRP 298 ? A TRP 298 
129 1 Y 1 A GLY 299 ? A GLY 299 
130 1 Y 1 A ILE 300 ? A ILE 300 
131 1 Y 1 A TRP 301 ? A TRP 301 
132 1 Y 1 A ASP 302 ? A ASP 302 
133 1 Y 1 A ASN 303 ? A ASN 303 
134 1 Y 1 A PHE 304 ? A PHE 304 
135 1 Y 1 A ASN 305 ? A ASN 305 
136 1 Y 1 A LYS 306 ? A LYS 306 
137 1 Y 1 A THR 307 ? A THR 307 
138 1 Y 1 A PHE 308 ? A PHE 308 
139 1 Y 1 A THR 309 ? A THR 309 
140 1 Y 1 A ASP 310 ? A ASP 310 
141 1 Y 1 A GLY 311 ? A GLY 311 
142 1 Y 1 A VAL 312 ? A VAL 312 
143 1 Y 1 A ALA 313 ? A ALA 313 
144 1 Y 1 A TYR 314 ? A TYR 314 
145 1 Y 1 A TYR 315 ? A TYR 315 
146 1 Y 1 A SER 316 ? A SER 316 
147 1 Y 1 A ASP 317 ? A ASP 317 
148 1 Y 1 A GLU 318 ? A GLU 318 
149 1 Y 1 A GLN 319 ? A GLN 319 
150 1 Y 1 A PRO 320 ? A PRO 320 
151 1 Y 1 A ARG 321 ? A ARG 321 
152 1 Y 1 A GLN 322 ? A GLN 322 
153 1 Y 1 A ILE 323 ? A ILE 323 
154 1 Y 1 A LEU 324 ? A LEU 324 
155 1 Y 1 A LEU 325 ? A LEU 325 
156 1 Y 1 A PRO 326 ? A PRO 326 
157 1 Y 1 A VAL 327 ? A VAL 327 
158 1 Y 1 A GLY 328 ? A GLY 328 
159 1 Y 1 A THR 329 ? A THR 329 
160 1 Y 1 A VAL 330 ? A VAL 330 
161 1 Y 1 A CYS 331 ? A CYS 331 
162 1 Y 1 A THR 332 ? A THR 332 
163 1 Y 1 A ARG 333 ? A ARG 333 
164 1 Y 1 A VAL 334 ? A VAL 334 
165 1 Y 1 A ASP 335 ? A ASP 335 
166 1 Y 1 A SER 336 ? A SER 336 
167 1 Y 1 A GLU 337 ? A GLU 337 
168 1 Y 1 A ASN 338 ? A ASN 338 
169 1 Y 1 B MET 1   ? B MET 1   
170 1 Y 1 B VAL 2   ? B VAL 2   
171 1 Y 1 B ARG 3   ? B ARG 3   
172 1 Y 1 B LYS 4   ? B LYS 4   
173 1 Y 1 B GLY 5   ? B GLY 5   
174 1 Y 1 B GLU 6   ? B GLU 6   
175 1 Y 1 B LYS 7   ? B LYS 7   
176 1 Y 1 B LYS 8   ? B LYS 8   
177 1 Y 1 B LEU 9   ? B LEU 9   
178 1 Y 1 B ALA 10  ? B ALA 10  
179 1 Y 1 B LYS 11  ? B LYS 11  
180 1 Y 1 B PRO 12  ? B PRO 12  
181 1 Y 1 B ALA 13  ? B ALA 13  
182 1 Y 1 B THR 14  ? B THR 14  
183 1 Y 1 B THR 15  ? B THR 15  
184 1 Y 1 B LYS 16  ? B LYS 16  
185 1 Y 1 B ALA 17  ? B ALA 17  
186 1 Y 1 B ALA 18  ? B ALA 18  
187 1 Y 1 B ASN 19  ? B ASN 19  
188 1 Y 1 B PRO 20  ? B PRO 20  
189 1 Y 1 B GLN 21  ? B GLN 21  
190 1 Y 1 B PRO 22  ? B PRO 22  
191 1 Y 1 B ARG 23  ? B ARG 23  
192 1 Y 1 B ARG 24  ? B ARG 24  
193 1 Y 1 B ARG 25  ? B ARG 25  
194 1 Y 1 B ALA 26  ? B ALA 26  
195 1 Y 1 B ASN 27  ? B ASN 27  
196 1 Y 1 B ASN 28  ? B ASN 28  
197 1 Y 1 B ARG 29  ? B ARG 29  
198 1 Y 1 B ARG 30  ? B ARG 30  
199 1 Y 1 B ARG 31  ? B ARG 31  
200 1 Y 1 B SER 32  ? B SER 32  
201 1 Y 1 B ASN 33  ? B ASN 33  
202 1 Y 1 B ARG 34  ? B ARG 34  
203 1 Y 1 B THR 35  ? B THR 35  
204 1 Y 1 B ASP 36  ? B ASP 36  
205 1 Y 1 B ALA 37  ? B ALA 37  
206 1 Y 1 B PRO 38  ? B PRO 38  
207 1 Y 1 B VAL 39  ? B VAL 39  
208 1 Y 1 B SER 40  ? B SER 40  
209 1 Y 1 B LYS 41  ? B LYS 41  
210 1 Y 1 B ALA 42  ? B ALA 42  
211 1 Y 1 B SER 43  ? B SER 43  
212 1 Y 1 B THR 44  ? B THR 44  
213 1 Y 1 B VAL 45  ? B VAL 45  
214 1 Y 1 B THR 46  ? B THR 46  
215 1 Y 1 B GLY 47  ? B GLY 47  
216 1 Y 1 B PHE 48  ? B PHE 48  
217 1 Y 1 B GLY 49  ? B GLY 49  
218 1 Y 1 B ARG 50  ? B ARG 50  
219 1 Y 1 B PRO 221 ? B PRO 221 
220 1 Y 1 B ILE 222 ? B ILE 222 
221 1 Y 1 B MET 223 ? B MET 223 
222 1 Y 1 B THR 224 ? B THR 224 
223 1 Y 1 B GLN 225 ? B GLN 225 
224 1 Y 1 B GLY 226 ? B GLY 226 
225 1 Y 1 B SER 227 ? B SER 227 
226 1 Y 1 B LEU 228 ? B LEU 228 
227 1 Y 1 B TYR 229 ? B TYR 229 
228 1 Y 1 B ASN 230 ? B ASN 230 
229 1 Y 1 B ASP 231 ? B ASP 231 
230 1 Y 1 B SER 232 ? B SER 232 
231 1 Y 1 B LEU 233 ? B LEU 233 
232 1 Y 1 B SER 234 ? B SER 234 
233 1 Y 1 B THR 235 ? B THR 235 
234 1 Y 1 B ASN 236 ? B ASN 236 
235 1 Y 1 B ASP 237 ? B ASP 237 
236 1 Y 1 B PHE 238 ? B PHE 238 
237 1 Y 1 B LYS 239 ? B LYS 239 
238 1 Y 1 B SER 240 ? B SER 240 
239 1 Y 1 B ILE 241 ? B ILE 241 
240 1 Y 1 B LEU 242 ? B LEU 242 
241 1 Y 1 B LEU 243 ? B LEU 243 
242 1 Y 1 B GLY 244 ? B GLY 244 
243 1 Y 1 B SER 245 ? B SER 245 
244 1 Y 1 B THR 246 ? B THR 246 
245 1 Y 1 B PRO 247 ? B PRO 247 
246 1 Y 1 B LEU 248 ? B LEU 248 
247 1 Y 1 B ASP 249 ? B ASP 249 
248 1 Y 1 B ILE 250 ? B ILE 250 
249 1 Y 1 B ALA 251 ? B ALA 251 
250 1 Y 1 B PRO 252 ? B PRO 252 
251 1 Y 1 B ASP 253 ? B ASP 253 
252 1 Y 1 B GLY 254 ? B GLY 254 
253 1 Y 1 B ALA 255 ? B ALA 255 
254 1 Y 1 B VAL 256 ? B VAL 256 
255 1 Y 1 B PHE 257 ? B PHE 257 
256 1 Y 1 B GLN 258 ? B GLN 258 
257 1 Y 1 B LEU 259 ? B LEU 259 
258 1 Y 1 B ASP 260 ? B ASP 260 
259 1 Y 1 B ARG 261 ? B ARG 261 
260 1 Y 1 B PRO 262 ? B PRO 262 
261 1 Y 1 B LEU 263 ? B LEU 263 
262 1 Y 1 B SER 264 ? B SER 264 
263 1 Y 1 B ILE 265 ? B ILE 265 
264 1 Y 1 B ASP 266 ? B ASP 266 
265 1 Y 1 B TYR 267 ? B TYR 267 
266 1 Y 1 B SER 268 ? B SER 268 
267 1 Y 1 B LEU 269 ? B LEU 269 
268 1 Y 1 B GLY 270 ? B GLY 270 
269 1 Y 1 B THR 271 ? B THR 271 
270 1 Y 1 B GLY 272 ? B GLY 272 
271 1 Y 1 B ASP 273 ? B ASP 273 
272 1 Y 1 B VAL 274 ? B VAL 274 
273 1 Y 1 B ASP 275 ? B ASP 275 
274 1 Y 1 B ARG 276 ? B ARG 276 
275 1 Y 1 B ALA 277 ? B ALA 277 
276 1 Y 1 B VAL 278 ? B VAL 278 
277 1 Y 1 B TYR 279 ? B TYR 279 
278 1 Y 1 B TRP 280 ? B TRP 280 
279 1 Y 1 B HIS 281 ? B HIS 281 
280 1 Y 1 B LEU 282 ? B LEU 282 
281 1 Y 1 B LYS 283 ? B LYS 283 
282 1 Y 1 B LYS 284 ? B LYS 284 
283 1 Y 1 B PHE 285 ? B PHE 285 
284 1 Y 1 B ALA 286 ? B ALA 286 
285 1 Y 1 B GLY 287 ? B GLY 287 
286 1 Y 1 B ASN 288 ? B ASN 288 
287 1 Y 1 B ALA 289 ? B ALA 289 
288 1 Y 1 B GLY 290 ? B GLY 290 
289 1 Y 1 B THR 291 ? B THR 291 
290 1 Y 1 B PRO 292 ? B PRO 292 
291 1 Y 1 B ALA 293 ? B ALA 293 
292 1 Y 1 B GLY 294 ? B GLY 294 
293 1 Y 1 B TRP 295 ? B TRP 295 
294 1 Y 1 B PHE 296 ? B PHE 296 
295 1 Y 1 B ARG 297 ? B ARG 297 
296 1 Y 1 B TRP 298 ? B TRP 298 
297 1 Y 1 B GLY 299 ? B GLY 299 
298 1 Y 1 B ILE 300 ? B ILE 300 
299 1 Y 1 B TRP 301 ? B TRP 301 
300 1 Y 1 B ASP 302 ? B ASP 302 
301 1 Y 1 B ASN 303 ? B ASN 303 
302 1 Y 1 B PHE 304 ? B PHE 304 
303 1 Y 1 B ASN 305 ? B ASN 305 
304 1 Y 1 B LYS 306 ? B LYS 306 
305 1 Y 1 B THR 307 ? B THR 307 
306 1 Y 1 B PHE 308 ? B PHE 308 
307 1 Y 1 B THR 309 ? B THR 309 
308 1 Y 1 B ASP 310 ? B ASP 310 
309 1 Y 1 B GLY 311 ? B GLY 311 
310 1 Y 1 B VAL 312 ? B VAL 312 
311 1 Y 1 B ALA 313 ? B ALA 313 
312 1 Y 1 B TYR 314 ? B TYR 314 
313 1 Y 1 B TYR 315 ? B TYR 315 
314 1 Y 1 B SER 316 ? B SER 316 
315 1 Y 1 B ASP 317 ? B ASP 317 
316 1 Y 1 B GLU 318 ? B GLU 318 
317 1 Y 1 B GLN 319 ? B GLN 319 
318 1 Y 1 B PRO 320 ? B PRO 320 
319 1 Y 1 B ARG 321 ? B ARG 321 
320 1 Y 1 B GLN 322 ? B GLN 322 
321 1 Y 1 B ILE 323 ? B ILE 323 
322 1 Y 1 B LEU 324 ? B LEU 324 
323 1 Y 1 B LEU 325 ? B LEU 325 
324 1 Y 1 B PRO 326 ? B PRO 326 
325 1 Y 1 B VAL 327 ? B VAL 327 
326 1 Y 1 B GLY 328 ? B GLY 328 
327 1 Y 1 B THR 329 ? B THR 329 
328 1 Y 1 B VAL 330 ? B VAL 330 
329 1 Y 1 B CYS 331 ? B CYS 331 
330 1 Y 1 B THR 332 ? B THR 332 
331 1 Y 1 B ARG 333 ? B ARG 333 
332 1 Y 1 B VAL 334 ? B VAL 334 
333 1 Y 1 B ASP 335 ? B ASP 335 
334 1 Y 1 B SER 336 ? B SER 336 
335 1 Y 1 B GLU 337 ? B GLU 337 
336 1 Y 1 B ASN 338 ? B ASN 338 
337 1 Y 1 C MET 1   ? C MET 1   
338 1 Y 1 C VAL 2   ? C VAL 2   
339 1 Y 1 C ARG 3   ? C ARG 3   
340 1 Y 1 C LYS 4   ? C LYS 4   
341 1 Y 1 C GLY 5   ? C GLY 5   
342 1 Y 1 C GLU 6   ? C GLU 6   
343 1 Y 1 C LYS 7   ? C LYS 7   
344 1 Y 1 C LYS 8   ? C LYS 8   
345 1 Y 1 C LEU 9   ? C LEU 9   
346 1 Y 1 C ALA 10  ? C ALA 10  
347 1 Y 1 C LYS 11  ? C LYS 11  
348 1 Y 1 C PRO 12  ? C PRO 12  
349 1 Y 1 C ALA 13  ? C ALA 13  
350 1 Y 1 C THR 14  ? C THR 14  
351 1 Y 1 C THR 15  ? C THR 15  
352 1 Y 1 C LYS 16  ? C LYS 16  
353 1 Y 1 C ALA 17  ? C ALA 17  
354 1 Y 1 C ALA 18  ? C ALA 18  
355 1 Y 1 C ASN 19  ? C ASN 19  
356 1 Y 1 C PRO 20  ? C PRO 20  
357 1 Y 1 C GLN 21  ? C GLN 21  
358 1 Y 1 C PRO 22  ? C PRO 22  
359 1 Y 1 C ARG 23  ? C ARG 23  
360 1 Y 1 C ARG 24  ? C ARG 24  
361 1 Y 1 C ARG 25  ? C ARG 25  
362 1 Y 1 C ALA 26  ? C ALA 26  
363 1 Y 1 C ASN 27  ? C ASN 27  
364 1 Y 1 C ASN 28  ? C ASN 28  
365 1 Y 1 C ARG 29  ? C ARG 29  
366 1 Y 1 C ARG 30  ? C ARG 30  
367 1 Y 1 C ARG 31  ? C ARG 31  
368 1 Y 1 C SER 32  ? C SER 32  
369 1 Y 1 C ASN 33  ? C ASN 33  
370 1 Y 1 C ARG 34  ? C ARG 34  
371 1 Y 1 C PRO 221 ? C PRO 221 
372 1 Y 1 C ILE 222 ? C ILE 222 
373 1 Y 1 C MET 223 ? C MET 223 
374 1 Y 1 C THR 224 ? C THR 224 
375 1 Y 1 C GLN 225 ? C GLN 225 
376 1 Y 1 C GLY 226 ? C GLY 226 
377 1 Y 1 C SER 227 ? C SER 227 
378 1 Y 1 C LEU 228 ? C LEU 228 
379 1 Y 1 C TYR 229 ? C TYR 229 
380 1 Y 1 C ASN 230 ? C ASN 230 
381 1 Y 1 C ASP 231 ? C ASP 231 
382 1 Y 1 C SER 232 ? C SER 232 
383 1 Y 1 C LEU 233 ? C LEU 233 
384 1 Y 1 C SER 234 ? C SER 234 
385 1 Y 1 C THR 235 ? C THR 235 
386 1 Y 1 C ASN 236 ? C ASN 236 
387 1 Y 1 C ASP 237 ? C ASP 237 
388 1 Y 1 C PHE 238 ? C PHE 238 
389 1 Y 1 C LYS 239 ? C LYS 239 
390 1 Y 1 C SER 240 ? C SER 240 
391 1 Y 1 C ILE 241 ? C ILE 241 
392 1 Y 1 C LEU 242 ? C LEU 242 
393 1 Y 1 C LEU 243 ? C LEU 243 
394 1 Y 1 C GLY 244 ? C GLY 244 
395 1 Y 1 C SER 245 ? C SER 245 
396 1 Y 1 C THR 246 ? C THR 246 
397 1 Y 1 C PRO 247 ? C PRO 247 
398 1 Y 1 C LEU 248 ? C LEU 248 
399 1 Y 1 C ASP 249 ? C ASP 249 
400 1 Y 1 C ILE 250 ? C ILE 250 
401 1 Y 1 C ALA 251 ? C ALA 251 
402 1 Y 1 C PRO 252 ? C PRO 252 
403 1 Y 1 C ASP 253 ? C ASP 253 
404 1 Y 1 C GLY 254 ? C GLY 254 
405 1 Y 1 C ALA 255 ? C ALA 255 
406 1 Y 1 C VAL 256 ? C VAL 256 
407 1 Y 1 C PHE 257 ? C PHE 257 
408 1 Y 1 C GLN 258 ? C GLN 258 
409 1 Y 1 C LEU 259 ? C LEU 259 
410 1 Y 1 C ASP 260 ? C ASP 260 
411 1 Y 1 C ARG 261 ? C ARG 261 
412 1 Y 1 C PRO 262 ? C PRO 262 
413 1 Y 1 C LEU 263 ? C LEU 263 
414 1 Y 1 C SER 264 ? C SER 264 
415 1 Y 1 C ILE 265 ? C ILE 265 
416 1 Y 1 C ASP 266 ? C ASP 266 
417 1 Y 1 C TYR 267 ? C TYR 267 
418 1 Y 1 C SER 268 ? C SER 268 
419 1 Y 1 C LEU 269 ? C LEU 269 
420 1 Y 1 C GLY 270 ? C GLY 270 
421 1 Y 1 C THR 271 ? C THR 271 
422 1 Y 1 C GLY 272 ? C GLY 272 
423 1 Y 1 C ASP 273 ? C ASP 273 
424 1 Y 1 C VAL 274 ? C VAL 274 
425 1 Y 1 C ASP 275 ? C ASP 275 
426 1 Y 1 C ARG 276 ? C ARG 276 
427 1 Y 1 C ALA 277 ? C ALA 277 
428 1 Y 1 C VAL 278 ? C VAL 278 
429 1 Y 1 C TYR 279 ? C TYR 279 
430 1 Y 1 C TRP 280 ? C TRP 280 
431 1 Y 1 C HIS 281 ? C HIS 281 
432 1 Y 1 C LEU 282 ? C LEU 282 
433 1 Y 1 C LYS 283 ? C LYS 283 
434 1 Y 1 C LYS 284 ? C LYS 284 
435 1 Y 1 C PHE 285 ? C PHE 285 
436 1 Y 1 C ALA 286 ? C ALA 286 
437 1 Y 1 C GLY 287 ? C GLY 287 
438 1 Y 1 C ASN 288 ? C ASN 288 
439 1 Y 1 C ALA 289 ? C ALA 289 
440 1 Y 1 C GLY 290 ? C GLY 290 
441 1 Y 1 C THR 291 ? C THR 291 
442 1 Y 1 C PRO 292 ? C PRO 292 
443 1 Y 1 C ALA 293 ? C ALA 293 
444 1 Y 1 C GLY 294 ? C GLY 294 
445 1 Y 1 C TRP 295 ? C TRP 295 
446 1 Y 1 C PHE 296 ? C PHE 296 
447 1 Y 1 C ARG 297 ? C ARG 297 
448 1 Y 1 C TRP 298 ? C TRP 298 
449 1 Y 1 C GLY 299 ? C GLY 299 
450 1 Y 1 C ILE 300 ? C ILE 300 
451 1 Y 1 C TRP 301 ? C TRP 301 
452 1 Y 1 C ASP 302 ? C ASP 302 
453 1 Y 1 C ASN 303 ? C ASN 303 
454 1 Y 1 C PHE 304 ? C PHE 304 
455 1 Y 1 C ASN 305 ? C ASN 305 
456 1 Y 1 C LYS 306 ? C LYS 306 
457 1 Y 1 C THR 307 ? C THR 307 
458 1 Y 1 C PHE 308 ? C PHE 308 
459 1 Y 1 C THR 309 ? C THR 309 
460 1 Y 1 C ASP 310 ? C ASP 310 
461 1 Y 1 C GLY 311 ? C GLY 311 
462 1 Y 1 C VAL 312 ? C VAL 312 
463 1 Y 1 C ALA 313 ? C ALA 313 
464 1 Y 1 C TYR 314 ? C TYR 314 
465 1 Y 1 C TYR 315 ? C TYR 315 
466 1 Y 1 C SER 316 ? C SER 316 
467 1 Y 1 C ASP 317 ? C ASP 317 
468 1 Y 1 C GLU 318 ? C GLU 318 
469 1 Y 1 C GLN 319 ? C GLN 319 
470 1 Y 1 C PRO 320 ? C PRO 320 
471 1 Y 1 C ARG 321 ? C ARG 321 
472 1 Y 1 C GLN 322 ? C GLN 322 
473 1 Y 1 C ILE 323 ? C ILE 323 
474 1 Y 1 C LEU 324 ? C LEU 324 
475 1 Y 1 C LEU 325 ? C LEU 325 
476 1 Y 1 C PRO 326 ? C PRO 326 
477 1 Y 1 C VAL 327 ? C VAL 327 
478 1 Y 1 C GLY 328 ? C GLY 328 
479 1 Y 1 C THR 329 ? C THR 329 
480 1 Y 1 C VAL 330 ? C VAL 330 
481 1 Y 1 C CYS 331 ? C CYS 331 
482 1 Y 1 C THR 332 ? C THR 332 
483 1 Y 1 C ARG 333 ? C ARG 333 
484 1 Y 1 C VAL 334 ? C VAL 334 
485 1 Y 1 C ASP 335 ? C ASP 335 
486 1 Y 1 C SER 336 ? C SER 336 
487 1 Y 1 C GLU 337 ? C GLU 337 
488 1 Y 1 C ASN 338 ? C ASN 338 
# 
loop_
_chem_comp_atom.comp_id 
_chem_comp_atom.atom_id 
_chem_comp_atom.type_symbol 
_chem_comp_atom.pdbx_aromatic_flag 
_chem_comp_atom.pdbx_stereo_config 
_chem_comp_atom.pdbx_ordinal 
ALA N    N N N 1   
ALA CA   C N S 2   
ALA C    C N N 3   
ALA O    O N N 4   
ALA CB   C N N 5   
ALA OXT  O N N 6   
ALA H    H N N 7   
ALA H2   H N N 8   
ALA HA   H N N 9   
ALA HB1  H N N 10  
ALA HB2  H N N 11  
ALA HB3  H N N 12  
ALA HXT  H N N 13  
ARG N    N N N 14  
ARG CA   C N S 15  
ARG C    C N N 16  
ARG O    O N N 17  
ARG CB   C N N 18  
ARG CG   C N N 19  
ARG CD   C N N 20  
ARG NE   N N N 21  
ARG CZ   C N N 22  
ARG NH1  N N N 23  
ARG NH2  N N N 24  
ARG OXT  O N N 25  
ARG H    H N N 26  
ARG H2   H N N 27  
ARG HA   H N N 28  
ARG HB2  H N N 29  
ARG HB3  H N N 30  
ARG HG2  H N N 31  
ARG HG3  H N N 32  
ARG HD2  H N N 33  
ARG HD3  H N N 34  
ARG HE   H N N 35  
ARG HH11 H N N 36  
ARG HH12 H N N 37  
ARG HH21 H N N 38  
ARG HH22 H N N 39  
ARG HXT  H N N 40  
ASN N    N N N 41  
ASN CA   C N S 42  
ASN C    C N N 43  
ASN O    O N N 44  
ASN CB   C N N 45  
ASN CG   C N N 46  
ASN OD1  O N N 47  
ASN ND2  N N N 48  
ASN OXT  O N N 49  
ASN H    H N N 50  
ASN H2   H N N 51  
ASN HA   H N N 52  
ASN HB2  H N N 53  
ASN HB3  H N N 54  
ASN HD21 H N N 55  
ASN HD22 H N N 56  
ASN HXT  H N N 57  
ASP N    N N N 58  
ASP CA   C N S 59  
ASP C    C N N 60  
ASP O    O N N 61  
ASP CB   C N N 62  
ASP CG   C N N 63  
ASP OD1  O N N 64  
ASP OD2  O N N 65  
ASP OXT  O N N 66  
ASP H    H N N 67  
ASP H2   H N N 68  
ASP HA   H N N 69  
ASP HB2  H N N 70  
ASP HB3  H N N 71  
ASP HD2  H N N 72  
ASP HXT  H N N 73  
CYS N    N N N 74  
CYS CA   C N R 75  
CYS C    C N N 76  
CYS O    O N N 77  
CYS CB   C N N 78  
CYS SG   S N N 79  
CYS OXT  O N N 80  
CYS H    H N N 81  
CYS H2   H N N 82  
CYS HA   H N N 83  
CYS HB2  H N N 84  
CYS HB3  H N N 85  
CYS HG   H N N 86  
CYS HXT  H N N 87  
GLN N    N N N 88  
GLN CA   C N S 89  
GLN C    C N N 90  
GLN O    O N N 91  
GLN CB   C N N 92  
GLN CG   C N N 93  
GLN CD   C N N 94  
GLN OE1  O N N 95  
GLN NE2  N N N 96  
GLN OXT  O N N 97  
GLN H    H N N 98  
GLN H2   H N N 99  
GLN HA   H N N 100 
GLN HB2  H N N 101 
GLN HB3  H N N 102 
GLN HG2  H N N 103 
GLN HG3  H N N 104 
GLN HE21 H N N 105 
GLN HE22 H N N 106 
GLN HXT  H N N 107 
GLU N    N N N 108 
GLU CA   C N S 109 
GLU C    C N N 110 
GLU O    O N N 111 
GLU CB   C N N 112 
GLU CG   C N N 113 
GLU CD   C N N 114 
GLU OE1  O N N 115 
GLU OE2  O N N 116 
GLU OXT  O N N 117 
GLU H    H N N 118 
GLU H2   H N N 119 
GLU HA   H N N 120 
GLU HB2  H N N 121 
GLU HB3  H N N 122 
GLU HG2  H N N 123 
GLU HG3  H N N 124 
GLU HE2  H N N 125 
GLU HXT  H N N 126 
GLY N    N N N 127 
GLY CA   C N N 128 
GLY C    C N N 129 
GLY O    O N N 130 
GLY OXT  O N N 131 
GLY H    H N N 132 
GLY H2   H N N 133 
GLY HA2  H N N 134 
GLY HA3  H N N 135 
GLY HXT  H N N 136 
HIS N    N N N 137 
HIS CA   C N S 138 
HIS C    C N N 139 
HIS O    O N N 140 
HIS CB   C N N 141 
HIS CG   C Y N 142 
HIS ND1  N Y N 143 
HIS CD2  C Y N 144 
HIS CE1  C Y N 145 
HIS NE2  N Y N 146 
HIS OXT  O N N 147 
HIS H    H N N 148 
HIS H2   H N N 149 
HIS HA   H N N 150 
HIS HB2  H N N 151 
HIS HB3  H N N 152 
HIS HD1  H N N 153 
HIS HD2  H N N 154 
HIS HE1  H N N 155 
HIS HE2  H N N 156 
HIS HXT  H N N 157 
ILE N    N N N 158 
ILE CA   C N S 159 
ILE C    C N N 160 
ILE O    O N N 161 
ILE CB   C N S 162 
ILE CG1  C N N 163 
ILE CG2  C N N 164 
ILE CD1  C N N 165 
ILE OXT  O N N 166 
ILE H    H N N 167 
ILE H2   H N N 168 
ILE HA   H N N 169 
ILE HB   H N N 170 
ILE HG12 H N N 171 
ILE HG13 H N N 172 
ILE HG21 H N N 173 
ILE HG22 H N N 174 
ILE HG23 H N N 175 
ILE HD11 H N N 176 
ILE HD12 H N N 177 
ILE HD13 H N N 178 
ILE HXT  H N N 179 
LEU N    N N N 180 
LEU CA   C N S 181 
LEU C    C N N 182 
LEU O    O N N 183 
LEU CB   C N N 184 
LEU CG   C N N 185 
LEU CD1  C N N 186 
LEU CD2  C N N 187 
LEU OXT  O N N 188 
LEU H    H N N 189 
LEU H2   H N N 190 
LEU HA   H N N 191 
LEU HB2  H N N 192 
LEU HB3  H N N 193 
LEU HG   H N N 194 
LEU HD11 H N N 195 
LEU HD12 H N N 196 
LEU HD13 H N N 197 
LEU HD21 H N N 198 
LEU HD22 H N N 199 
LEU HD23 H N N 200 
LEU HXT  H N N 201 
LYS N    N N N 202 
LYS CA   C N S 203 
LYS C    C N N 204 
LYS O    O N N 205 
LYS CB   C N N 206 
LYS CG   C N N 207 
LYS CD   C N N 208 
LYS CE   C N N 209 
LYS NZ   N N N 210 
LYS OXT  O N N 211 
LYS H    H N N 212 
LYS H2   H N N 213 
LYS HA   H N N 214 
LYS HB2  H N N 215 
LYS HB3  H N N 216 
LYS HG2  H N N 217 
LYS HG3  H N N 218 
LYS HD2  H N N 219 
LYS HD3  H N N 220 
LYS HE2  H N N 221 
LYS HE3  H N N 222 
LYS HZ1  H N N 223 
LYS HZ2  H N N 224 
LYS HZ3  H N N 225 
LYS HXT  H N N 226 
MET N    N N N 227 
MET CA   C N S 228 
MET C    C N N 229 
MET O    O N N 230 
MET CB   C N N 231 
MET CG   C N N 232 
MET SD   S N N 233 
MET CE   C N N 234 
MET OXT  O N N 235 
MET H    H N N 236 
MET H2   H N N 237 
MET HA   H N N 238 
MET HB2  H N N 239 
MET HB3  H N N 240 
MET HG2  H N N 241 
MET HG3  H N N 242 
MET HE1  H N N 243 
MET HE2  H N N 244 
MET HE3  H N N 245 
MET HXT  H N N 246 
PHE N    N N N 247 
PHE CA   C N S 248 
PHE C    C N N 249 
PHE O    O N N 250 
PHE CB   C N N 251 
PHE CG   C Y N 252 
PHE CD1  C Y N 253 
PHE CD2  C Y N 254 
PHE CE1  C Y N 255 
PHE CE2  C Y N 256 
PHE CZ   C Y N 257 
PHE OXT  O N N 258 
PHE H    H N N 259 
PHE H2   H N N 260 
PHE HA   H N N 261 
PHE HB2  H N N 262 
PHE HB3  H N N 263 
PHE HD1  H N N 264 
PHE HD2  H N N 265 
PHE HE1  H N N 266 
PHE HE2  H N N 267 
PHE HZ   H N N 268 
PHE HXT  H N N 269 
PRO N    N N N 270 
PRO CA   C N S 271 
PRO C    C N N 272 
PRO O    O N N 273 
PRO CB   C N N 274 
PRO CG   C N N 275 
PRO CD   C N N 276 
PRO OXT  O N N 277 
PRO H    H N N 278 
PRO HA   H N N 279 
PRO HB2  H N N 280 
PRO HB3  H N N 281 
PRO HG2  H N N 282 
PRO HG3  H N N 283 
PRO HD2  H N N 284 
PRO HD3  H N N 285 
PRO HXT  H N N 286 
SER N    N N N 287 
SER CA   C N S 288 
SER C    C N N 289 
SER O    O N N 290 
SER CB   C N N 291 
SER OG   O N N 292 
SER OXT  O N N 293 
SER H    H N N 294 
SER H2   H N N 295 
SER HA   H N N 296 
SER HB2  H N N 297 
SER HB3  H N N 298 
SER HG   H N N 299 
SER HXT  H N N 300 
THR N    N N N 301 
THR CA   C N S 302 
THR C    C N N 303 
THR O    O N N 304 
THR CB   C N R 305 
THR OG1  O N N 306 
THR CG2  C N N 307 
THR OXT  O N N 308 
THR H    H N N 309 
THR H2   H N N 310 
THR HA   H N N 311 
THR HB   H N N 312 
THR HG1  H N N 313 
THR HG21 H N N 314 
THR HG22 H N N 315 
THR HG23 H N N 316 
THR HXT  H N N 317 
TRP N    N N N 318 
TRP CA   C N S 319 
TRP C    C N N 320 
TRP O    O N N 321 
TRP CB   C N N 322 
TRP CG   C Y N 323 
TRP CD1  C Y N 324 
TRP CD2  C Y N 325 
TRP NE1  N Y N 326 
TRP CE2  C Y N 327 
TRP CE3  C Y N 328 
TRP CZ2  C Y N 329 
TRP CZ3  C Y N 330 
TRP CH2  C Y N 331 
TRP OXT  O N N 332 
TRP H    H N N 333 
TRP H2   H N N 334 
TRP HA   H N N 335 
TRP HB2  H N N 336 
TRP HB3  H N N 337 
TRP HD1  H N N 338 
TRP HE1  H N N 339 
TRP HE3  H N N 340 
TRP HZ2  H N N 341 
TRP HZ3  H N N 342 
TRP HH2  H N N 343 
TRP HXT  H N N 344 
TYR N    N N N 345 
TYR CA   C N S 346 
TYR C    C N N 347 
TYR O    O N N 348 
TYR CB   C N N 349 
TYR CG   C Y N 350 
TYR CD1  C Y N 351 
TYR CD2  C Y N 352 
TYR CE1  C Y N 353 
TYR CE2  C Y N 354 
TYR CZ   C Y N 355 
TYR OH   O N N 356 
TYR OXT  O N N 357 
TYR H    H N N 358 
TYR H2   H N N 359 
TYR HA   H N N 360 
TYR HB2  H N N 361 
TYR HB3  H N N 362 
TYR HD1  H N N 363 
TYR HD2  H N N 364 
TYR HE1  H N N 365 
TYR HE2  H N N 366 
TYR HH   H N N 367 
TYR HXT  H N N 368 
VAL N    N N N 369 
VAL CA   C N S 370 
VAL C    C N N 371 
VAL O    O N N 372 
VAL CB   C N N 373 
VAL CG1  C N N 374 
VAL CG2  C N N 375 
VAL OXT  O N N 376 
VAL H    H N N 377 
VAL H2   H N N 378 
VAL HA   H N N 379 
VAL HB   H N N 380 
VAL HG11 H N N 381 
VAL HG12 H N N 382 
VAL HG13 H N N 383 
VAL HG21 H N N 384 
VAL HG22 H N N 385 
VAL HG23 H N N 386 
VAL HXT  H N N 387 
# 
loop_
_chem_comp_bond.comp_id 
_chem_comp_bond.atom_id_1 
_chem_comp_bond.atom_id_2 
_chem_comp_bond.value_order 
_chem_comp_bond.pdbx_aromatic_flag 
_chem_comp_bond.pdbx_stereo_config 
_chem_comp_bond.pdbx_ordinal 
ALA N   CA   sing N N 1   
ALA N   H    sing N N 2   
ALA N   H2   sing N N 3   
ALA CA  C    sing N N 4   
ALA CA  CB   sing N N 5   
ALA CA  HA   sing N N 6   
ALA C   O    doub N N 7   
ALA C   OXT  sing N N 8   
ALA CB  HB1  sing N N 9   
ALA CB  HB2  sing N N 10  
ALA CB  HB3  sing N N 11  
ALA OXT HXT  sing N N 12  
ARG N   CA   sing N N 13  
ARG N   H    sing N N 14  
ARG N   H2   sing N N 15  
ARG CA  C    sing N N 16  
ARG CA  CB   sing N N 17  
ARG CA  HA   sing N N 18  
ARG C   O    doub N N 19  
ARG C   OXT  sing N N 20  
ARG CB  CG   sing N N 21  
ARG CB  HB2  sing N N 22  
ARG CB  HB3  sing N N 23  
ARG CG  CD   sing N N 24  
ARG CG  HG2  sing N N 25  
ARG CG  HG3  sing N N 26  
ARG CD  NE   sing N N 27  
ARG CD  HD2  sing N N 28  
ARG CD  HD3  sing N N 29  
ARG NE  CZ   sing N N 30  
ARG NE  HE   sing N N 31  
ARG CZ  NH1  sing N N 32  
ARG CZ  NH2  doub N N 33  
ARG NH1 HH11 sing N N 34  
ARG NH1 HH12 sing N N 35  
ARG NH2 HH21 sing N N 36  
ARG NH2 HH22 sing N N 37  
ARG OXT HXT  sing N N 38  
ASN N   CA   sing N N 39  
ASN N   H    sing N N 40  
ASN N   H2   sing N N 41  
ASN CA  C    sing N N 42  
ASN CA  CB   sing N N 43  
ASN CA  HA   sing N N 44  
ASN C   O    doub N N 45  
ASN C   OXT  sing N N 46  
ASN CB  CG   sing N N 47  
ASN CB  HB2  sing N N 48  
ASN CB  HB3  sing N N 49  
ASN CG  OD1  doub N N 50  
ASN CG  ND2  sing N N 51  
ASN ND2 HD21 sing N N 52  
ASN ND2 HD22 sing N N 53  
ASN OXT HXT  sing N N 54  
ASP N   CA   sing N N 55  
ASP N   H    sing N N 56  
ASP N   H2   sing N N 57  
ASP CA  C    sing N N 58  
ASP CA  CB   sing N N 59  
ASP CA  HA   sing N N 60  
ASP C   O    doub N N 61  
ASP C   OXT  sing N N 62  
ASP CB  CG   sing N N 63  
ASP CB  HB2  sing N N 64  
ASP CB  HB3  sing N N 65  
ASP CG  OD1  doub N N 66  
ASP CG  OD2  sing N N 67  
ASP OD2 HD2  sing N N 68  
ASP OXT HXT  sing N N 69  
CYS N   CA   sing N N 70  
CYS N   H    sing N N 71  
CYS N   H2   sing N N 72  
CYS CA  C    sing N N 73  
CYS CA  CB   sing N N 74  
CYS CA  HA   sing N N 75  
CYS C   O    doub N N 76  
CYS C   OXT  sing N N 77  
CYS CB  SG   sing N N 78  
CYS CB  HB2  sing N N 79  
CYS CB  HB3  sing N N 80  
CYS SG  HG   sing N N 81  
CYS OXT HXT  sing N N 82  
GLN N   CA   sing N N 83  
GLN N   H    sing N N 84  
GLN N   H2   sing N N 85  
GLN CA  C    sing N N 86  
GLN CA  CB   sing N N 87  
GLN CA  HA   sing N N 88  
GLN C   O    doub N N 89  
GLN C   OXT  sing N N 90  
GLN CB  CG   sing N N 91  
GLN CB  HB2  sing N N 92  
GLN CB  HB3  sing N N 93  
GLN CG  CD   sing N N 94  
GLN CG  HG2  sing N N 95  
GLN CG  HG3  sing N N 96  
GLN CD  OE1  doub N N 97  
GLN CD  NE2  sing N N 98  
GLN NE2 HE21 sing N N 99  
GLN NE2 HE22 sing N N 100 
GLN OXT HXT  sing N N 101 
GLU N   CA   sing N N 102 
GLU N   H    sing N N 103 
GLU N   H2   sing N N 104 
GLU CA  C    sing N N 105 
GLU CA  CB   sing N N 106 
GLU CA  HA   sing N N 107 
GLU C   O    doub N N 108 
GLU C   OXT  sing N N 109 
GLU CB  CG   sing N N 110 
GLU CB  HB2  sing N N 111 
GLU CB  HB3  sing N N 112 
GLU CG  CD   sing N N 113 
GLU CG  HG2  sing N N 114 
GLU CG  HG3  sing N N 115 
GLU CD  OE1  doub N N 116 
GLU CD  OE2  sing N N 117 
GLU OE2 HE2  sing N N 118 
GLU OXT HXT  sing N N 119 
GLY N   CA   sing N N 120 
GLY N   H    sing N N 121 
GLY N   H2   sing N N 122 
GLY CA  C    sing N N 123 
GLY CA  HA2  sing N N 124 
GLY CA  HA3  sing N N 125 
GLY C   O    doub N N 126 
GLY C   OXT  sing N N 127 
GLY OXT HXT  sing N N 128 
HIS N   CA   sing N N 129 
HIS N   H    sing N N 130 
HIS N   H2   sing N N 131 
HIS CA  C    sing N N 132 
HIS CA  CB   sing N N 133 
HIS CA  HA   sing N N 134 
HIS C   O    doub N N 135 
HIS C   OXT  sing N N 136 
HIS CB  CG   sing N N 137 
HIS CB  HB2  sing N N 138 
HIS CB  HB3  sing N N 139 
HIS CG  ND1  sing Y N 140 
HIS CG  CD2  doub Y N 141 
HIS ND1 CE1  doub Y N 142 
HIS ND1 HD1  sing N N 143 
HIS CD2 NE2  sing Y N 144 
HIS CD2 HD2  sing N N 145 
HIS CE1 NE2  sing Y N 146 
HIS CE1 HE1  sing N N 147 
HIS NE2 HE2  sing N N 148 
HIS OXT HXT  sing N N 149 
ILE N   CA   sing N N 150 
ILE N   H    sing N N 151 
ILE N   H2   sing N N 152 
ILE CA  C    sing N N 153 
ILE CA  CB   sing N N 154 
ILE CA  HA   sing N N 155 
ILE C   O    doub N N 156 
ILE C   OXT  sing N N 157 
ILE CB  CG1  sing N N 158 
ILE CB  CG2  sing N N 159 
ILE CB  HB   sing N N 160 
ILE CG1 CD1  sing N N 161 
ILE CG1 HG12 sing N N 162 
ILE CG1 HG13 sing N N 163 
ILE CG2 HG21 sing N N 164 
ILE CG2 HG22 sing N N 165 
ILE CG2 HG23 sing N N 166 
ILE CD1 HD11 sing N N 167 
ILE CD1 HD12 sing N N 168 
ILE CD1 HD13 sing N N 169 
ILE OXT HXT  sing N N 170 
LEU N   CA   sing N N 171 
LEU N   H    sing N N 172 
LEU N   H2   sing N N 173 
LEU CA  C    sing N N 174 
LEU CA  CB   sing N N 175 
LEU CA  HA   sing N N 176 
LEU C   O    doub N N 177 
LEU C   OXT  sing N N 178 
LEU CB  CG   sing N N 179 
LEU CB  HB2  sing N N 180 
LEU CB  HB3  sing N N 181 
LEU CG  CD1  sing N N 182 
LEU CG  CD2  sing N N 183 
LEU CG  HG   sing N N 184 
LEU CD1 HD11 sing N N 185 
LEU CD1 HD12 sing N N 186 
LEU CD1 HD13 sing N N 187 
LEU CD2 HD21 sing N N 188 
LEU CD2 HD22 sing N N 189 
LEU CD2 HD23 sing N N 190 
LEU OXT HXT  sing N N 191 
LYS N   CA   sing N N 192 
LYS N   H    sing N N 193 
LYS N   H2   sing N N 194 
LYS CA  C    sing N N 195 
LYS CA  CB   sing N N 196 
LYS CA  HA   sing N N 197 
LYS C   O    doub N N 198 
LYS C   OXT  sing N N 199 
LYS CB  CG   sing N N 200 
LYS CB  HB2  sing N N 201 
LYS CB  HB3  sing N N 202 
LYS CG  CD   sing N N 203 
LYS CG  HG2  sing N N 204 
LYS CG  HG3  sing N N 205 
LYS CD  CE   sing N N 206 
LYS CD  HD2  sing N N 207 
LYS CD  HD3  sing N N 208 
LYS CE  NZ   sing N N 209 
LYS CE  HE2  sing N N 210 
LYS CE  HE3  sing N N 211 
LYS NZ  HZ1  sing N N 212 
LYS NZ  HZ2  sing N N 213 
LYS NZ  HZ3  sing N N 214 
LYS OXT HXT  sing N N 215 
MET N   CA   sing N N 216 
MET N   H    sing N N 217 
MET N   H2   sing N N 218 
MET CA  C    sing N N 219 
MET CA  CB   sing N N 220 
MET CA  HA   sing N N 221 
MET C   O    doub N N 222 
MET C   OXT  sing N N 223 
MET CB  CG   sing N N 224 
MET CB  HB2  sing N N 225 
MET CB  HB3  sing N N 226 
MET CG  SD   sing N N 227 
MET CG  HG2  sing N N 228 
MET CG  HG3  sing N N 229 
MET SD  CE   sing N N 230 
MET CE  HE1  sing N N 231 
MET CE  HE2  sing N N 232 
MET CE  HE3  sing N N 233 
MET OXT HXT  sing N N 234 
PHE N   CA   sing N N 235 
PHE N   H    sing N N 236 
PHE N   H2   sing N N 237 
PHE CA  C    sing N N 238 
PHE CA  CB   sing N N 239 
PHE CA  HA   sing N N 240 
PHE C   O    doub N N 241 
PHE C   OXT  sing N N 242 
PHE CB  CG   sing N N 243 
PHE CB  HB2  sing N N 244 
PHE CB  HB3  sing N N 245 
PHE CG  CD1  doub Y N 246 
PHE CG  CD2  sing Y N 247 
PHE CD1 CE1  sing Y N 248 
PHE CD1 HD1  sing N N 249 
PHE CD2 CE2  doub Y N 250 
PHE CD2 HD2  sing N N 251 
PHE CE1 CZ   doub Y N 252 
PHE CE1 HE1  sing N N 253 
PHE CE2 CZ   sing Y N 254 
PHE CE2 HE2  sing N N 255 
PHE CZ  HZ   sing N N 256 
PHE OXT HXT  sing N N 257 
PRO N   CA   sing N N 258 
PRO N   CD   sing N N 259 
PRO N   H    sing N N 260 
PRO CA  C    sing N N 261 
PRO CA  CB   sing N N 262 
PRO CA  HA   sing N N 263 
PRO C   O    doub N N 264 
PRO C   OXT  sing N N 265 
PRO CB  CG   sing N N 266 
PRO CB  HB2  sing N N 267 
PRO CB  HB3  sing N N 268 
PRO CG  CD   sing N N 269 
PRO CG  HG2  sing N N 270 
PRO CG  HG3  sing N N 271 
PRO CD  HD2  sing N N 272 
PRO CD  HD3  sing N N 273 
PRO OXT HXT  sing N N 274 
SER N   CA   sing N N 275 
SER N   H    sing N N 276 
SER N   H2   sing N N 277 
SER CA  C    sing N N 278 
SER CA  CB   sing N N 279 
SER CA  HA   sing N N 280 
SER C   O    doub N N 281 
SER C   OXT  sing N N 282 
SER CB  OG   sing N N 283 
SER CB  HB2  sing N N 284 
SER CB  HB3  sing N N 285 
SER OG  HG   sing N N 286 
SER OXT HXT  sing N N 287 
THR N   CA   sing N N 288 
THR N   H    sing N N 289 
THR N   H2   sing N N 290 
THR CA  C    sing N N 291 
THR CA  CB   sing N N 292 
THR CA  HA   sing N N 293 
THR C   O    doub N N 294 
THR C   OXT  sing N N 295 
THR CB  OG1  sing N N 296 
THR CB  CG2  sing N N 297 
THR CB  HB   sing N N 298 
THR OG1 HG1  sing N N 299 
THR CG2 HG21 sing N N 300 
THR CG2 HG22 sing N N 301 
THR CG2 HG23 sing N N 302 
THR OXT HXT  sing N N 303 
TRP N   CA   sing N N 304 
TRP N   H    sing N N 305 
TRP N   H2   sing N N 306 
TRP CA  C    sing N N 307 
TRP CA  CB   sing N N 308 
TRP CA  HA   sing N N 309 
TRP C   O    doub N N 310 
TRP C   OXT  sing N N 311 
TRP CB  CG   sing N N 312 
TRP CB  HB2  sing N N 313 
TRP CB  HB3  sing N N 314 
TRP CG  CD1  doub Y N 315 
TRP CG  CD2  sing Y N 316 
TRP CD1 NE1  sing Y N 317 
TRP CD1 HD1  sing N N 318 
TRP CD2 CE2  doub Y N 319 
TRP CD2 CE3  sing Y N 320 
TRP NE1 CE2  sing Y N 321 
TRP NE1 HE1  sing N N 322 
TRP CE2 CZ2  sing Y N 323 
TRP CE3 CZ3  doub Y N 324 
TRP CE3 HE3  sing N N 325 
TRP CZ2 CH2  doub Y N 326 
TRP CZ2 HZ2  sing N N 327 
TRP CZ3 CH2  sing Y N 328 
TRP CZ3 HZ3  sing N N 329 
TRP CH2 HH2  sing N N 330 
TRP OXT HXT  sing N N 331 
TYR N   CA   sing N N 332 
TYR N   H    sing N N 333 
TYR N   H2   sing N N 334 
TYR CA  C    sing N N 335 
TYR CA  CB   sing N N 336 
TYR CA  HA   sing N N 337 
TYR C   O    doub N N 338 
TYR C   OXT  sing N N 339 
TYR CB  CG   sing N N 340 
TYR CB  HB2  sing N N 341 
TYR CB  HB3  sing N N 342 
TYR CG  CD1  doub Y N 343 
TYR CG  CD2  sing Y N 344 
TYR CD1 CE1  sing Y N 345 
TYR CD1 HD1  sing N N 346 
TYR CD2 CE2  doub Y N 347 
TYR CD2 HD2  sing N N 348 
TYR CE1 CZ   doub Y N 349 
TYR CE1 HE1  sing N N 350 
TYR CE2 CZ   sing Y N 351 
TYR CE2 HE2  sing N N 352 
TYR CZ  OH   sing N N 353 
TYR OH  HH   sing N N 354 
TYR OXT HXT  sing N N 355 
VAL N   CA   sing N N 356 
VAL N   H    sing N N 357 
VAL N   H2   sing N N 358 
VAL CA  C    sing N N 359 
VAL CA  CB   sing N N 360 
VAL CA  HA   sing N N 361 
VAL C   O    doub N N 362 
VAL C   OXT  sing N N 363 
VAL CB  CG1  sing N N 364 
VAL CB  CG2  sing N N 365 
VAL CB  HB   sing N N 366 
VAL CG1 HG11 sing N N 367 
VAL CG1 HG12 sing N N 368 
VAL CG1 HG13 sing N N 369 
VAL CG2 HG21 sing N N 370 
VAL CG2 HG22 sing N N 371 
VAL CG2 HG23 sing N N 372 
VAL OXT HXT  sing N N 373 
# 
_em_ctf_correction.id                       1 
_em_ctf_correction.details                  'Each particle' 
_em_ctf_correction.type                     ? 
_em_ctf_correction.em_image_processing_id   ? 
# 
_em_entity_assembly_molwt.entity_assembly_id   1 
_em_entity_assembly_molwt.experimental_flag    NO 
_em_entity_assembly_molwt.id                   1 
_em_entity_assembly_molwt.units                MEGADALTONS 
_em_entity_assembly_molwt.value                6.8 
# 
_em_image_processing.details              ? 
_em_image_processing.id                   1 
_em_image_processing.image_recording_id   1 
# 
_em_image_recording.imaging_id                    1 
_em_image_recording.film_or_detector_model        'GATAN ULTRASCAN 4000 (4k x 4k)' 
_em_image_recording.avg_electron_dose_per_image   20 
_em_image_recording.details                       ? 
_em_image_recording.id                            1 
_em_image_recording.average_exposure_time         ? 
_em_image_recording.num_grids_imaged              ? 
_em_image_recording.num_diffraction_images        ? 
_em_image_recording.num_real_images               ? 
_em_image_recording.detector_mode                 ? 
# 
loop_
_em_software.category 
_em_software.details 
_em_software.fitting_id 
_em_software.id 
_em_software.image_processing_id 
_em_software.imaging_id 
_em_software.name 
_em_software.version 
RECONSTRUCTION ? ? 1 1 ? EMAN ? 
RECONSTRUCTION ? ? 2 1 ? jspr ? 
# 
_em_specimen.id                      1 
_em_specimen.concentration           1.5 
_em_specimen.details                 ? 
_em_specimen.experiment_id           1 
_em_specimen.embedding_applied       NO 
_em_specimen.shadowing_applied       NO 
_em_specimen.staining_applied        NO 
_em_specimen.vitrification_applied   YES 
# 
_em_virus_natural_host.entity_assembly_id   1 
_em_virus_natural_host.id                   1 
_em_virus_natural_host.ncbi_tax_id          421750 
_em_virus_natural_host.organism             'Orange-spotted grouper nervous necrosis virus' 
_em_virus_natural_host.strain               ? 
# 
loop_
_pdbx_coordinate_model.asym_id 
_pdbx_coordinate_model.type 
A 'CA ATOMS ONLY' 
B 'CA ATOMS ONLY' 
C 'CA ATOMS ONLY' 
# 
_pdbx_initial_refinement_model.id               1 
_pdbx_initial_refinement_model.type             'experimental model' 
_pdbx_initial_refinement_model.source_name      PDB 
_pdbx_initial_refinement_model.accession_code   4NWW 
# 
_atom_sites.entry_id                    3JBM 
_atom_sites.fract_transf_matrix[1][1]   1.000000 
_atom_sites.fract_transf_matrix[1][2]   0.000000 
_atom_sites.fract_transf_matrix[1][3]   0.000000 
_atom_sites.fract_transf_matrix[2][1]   0.000000 
_atom_sites.fract_transf_matrix[2][2]   1.000000 
_atom_sites.fract_transf_matrix[2][3]   0.000000 
_atom_sites.fract_transf_matrix[3][1]   0.000000 
_atom_sites.fract_transf_matrix[3][2]   0.000000 
_atom_sites.fract_transf_matrix[3][3]   1.000000 
_atom_sites.fract_transf_vector[1]      0.00000 
_atom_sites.fract_transf_vector[2]      0.00000 
_atom_sites.fract_transf_vector[3]      0.00000 
# 
_atom_type.symbol   C 
# 
loop_
_atom_site.group_PDB 
_atom_site.id 
_atom_site.type_symbol 
_atom_site.label_atom_id 
_atom_site.label_alt_id 
_atom_site.label_comp_id 
_atom_site.label_asym_id 
_atom_site.label_entity_id 
_atom_site.label_seq_id 
_atom_site.pdbx_PDB_ins_code 
_atom_site.Cartn_x 
_atom_site.Cartn_y 
_atom_site.Cartn_z 
_atom_site.occupancy 
_atom_site.B_iso_or_equiv 
_atom_site.pdbx_formal_charge 
_atom_site.auth_seq_id 
_atom_site.auth_comp_id 
_atom_site.auth_asym_id 
_atom_site.auth_atom_id 
_atom_site.pdbx_PDB_model_num 
ATOM 1   C CA . GLY A 1 51  ? -2.140  -22.664 16.341  1.00 0.00  ? 51  GLY A CA 1 
ATOM 2   C CA . THR A 1 52  ? -4.799  -22.570 15.446  1.00 0.00  ? 52  THR A CA 1 
ATOM 3   C CA . ASN A 1 53  ? -3.883  -21.927 11.799  1.00 0.00  ? 53  ASN A CA 1 
ATOM 4   C CA . ASP A 1 54  ? -6.435  -20.872 9.190   1.00 0.00  ? 54  ASP A CA 1 
ATOM 5   C CA . VAL A 1 55  ? -10.186 -21.373 9.490   1.00 0.00  ? 55  VAL A CA 1 
ATOM 6   C CA . HIS A 1 56  ? -12.924 -20.573 7.027   1.00 0.00  ? 56  HIS A CA 1 
ATOM 7   C CA . LEU A 1 57  ? -16.562 -19.733 7.014   1.00 0.00  ? 57  LEU A CA 1 
ATOM 8   C CA . SER A 1 58  ? -19.556 -19.230 4.781   1.00 0.00  ? 58  SER A CA 1 
ATOM 9   C CA . GLY A 1 59  ? -22.801 -17.352 5.098   1.00 0.00  ? 59  GLY A CA 1 
ATOM 10  C CA . MET A 1 60  ? -25.138 -14.697 3.781   1.00 0.00  ? 60  MET A CA 1 
ATOM 11  C CA . SER A 1 61  ? -26.940 -11.496 4.676   1.00 0.00  ? 61  SER A CA 1 
ATOM 12  C CA . ARG A 1 62  ? -28.650 -8.449  3.274   1.00 0.00  ? 62  ARG A CA 1 
ATOM 13  C CA . ILE A 1 63  ? -26.511 -5.350  3.153   1.00 0.00  ? 63  ILE A CA 1 
ATOM 14  C CA . SER A 1 64  ? -29.133 -2.616  3.217   1.00 0.00  ? 64  SER A CA 1 
ATOM 15  C CA . GLN A 1 65  ? -32.826 -2.073  2.575   1.00 0.00  ? 65  GLN A CA 1 
ATOM 16  C CA . ALA A 1 66  ? -34.000 0.649   0.202   1.00 0.00  ? 66  ALA A CA 1 
ATOM 17  C CA . VAL A 1 67  ? -37.277 2.342   -0.751  1.00 0.00  ? 67  VAL A CA 1 
ATOM 18  C CA . LEU A 1 68  ? -38.197 4.310   -3.885  1.00 0.00  ? 68  LEU A CA 1 
ATOM 19  C CA . PRO A 1 69  ? -41.264 6.604   -3.895  1.00 0.00  ? 69  PRO A CA 1 
ATOM 20  C CA . ALA A 1 70  ? -43.293 7.250   -7.029  1.00 0.00  ? 70  ALA A CA 1 
ATOM 21  C CA . GLY A 1 71  ? -42.453 8.783   -9.267  1.00 0.00  ? 71  GLY A CA 1 
ATOM 22  C CA . THR A 1 72  ? -39.111 9.682   -7.759  1.00 0.00  ? 72  THR A CA 1 
ATOM 23  C CA . GLY A 1 73  ? -35.984 8.377   -9.415  1.00 0.00  ? 73  GLY A CA 1 
ATOM 24  C CA . THR A 1 74  ? -35.874 9.172   -13.105 1.00 0.00  ? 74  THR A CA 1 
ATOM 25  C CA . ASP A 1 75  ? -32.414 8.217   -14.324 1.00 0.00  ? 75  ASP A CA 1 
ATOM 26  C CA . GLY A 1 76  ? -29.101 7.998   -12.536 1.00 0.00  ? 76  GLY A CA 1 
ATOM 27  C CA . TYR A 1 77  ? -30.771 8.322   -9.177  1.00 0.00  ? 77  TYR A CA 1 
ATOM 28  C CA . VAL A 1 78  ? -28.356 6.278   -7.114  1.00 0.00  ? 78  VAL A CA 1 
ATOM 29  C CA . VAL A 1 79  ? -29.856 3.748   -4.724  1.00 0.00  ? 79  VAL A CA 1 
ATOM 30  C CA . VAL A 1 80  ? -27.286 1.819   -2.636  1.00 0.00  ? 80  VAL A CA 1 
ATOM 31  C CA . ASP A 1 81  ? -23.492 1.713   -2.027  1.00 0.00  ? 81  ASP A CA 1 
ATOM 32  C CA . ALA A 1 82  ? -21.470 -0.301  0.527   1.00 0.00  ? 82  ALA A CA 1 
ATOM 33  C CA . THR A 1 83  ? -19.532 -3.489  1.411   1.00 0.00  ? 83  THR A CA 1 
ATOM 34  C CA . ILE A 1 84  ? -17.033 -0.874  2.414   1.00 0.00  ? 84  ILE A CA 1 
ATOM 35  C CA . VAL A 1 85  ? -16.330 -3.019  5.484   1.00 0.00  ? 85  VAL A CA 1 
ATOM 36  C CA . PRO A 1 86  ? -16.603 -6.659  6.593   1.00 0.00  ? 86  PRO A CA 1 
ATOM 37  C CA . ASP A 1 87  ? -17.985 -5.269  9.839   1.00 0.00  ? 87  ASP A CA 1 
ATOM 38  C CA . LEU A 1 88  ? -21.409 -4.439  8.423   1.00 0.00  ? 88  LEU A CA 1 
ATOM 39  C CA . LEU A 1 89  ? -22.339 -8.081  7.757   1.00 0.00  ? 89  LEU A CA 1 
ATOM 40  C CA . PRO A 1 90  ? -24.033 -9.136  10.998  1.00 0.00  ? 90  PRO A CA 1 
ATOM 41  C CA . ARG A 1 91  ? -22.910 -12.739 11.274  1.00 0.00  ? 91  ARG A CA 1 
ATOM 42  C CA . LEU A 1 92  ? -19.411 -11.997 10.139  1.00 0.00  ? 92  LEU A CA 1 
ATOM 43  C CA . GLY A 1 93  ? -19.616 -8.829  12.179  1.00 0.00  ? 93  GLY A CA 1 
ATOM 44  C CA . HIS A 1 94  ? -18.578 -10.644 15.301  1.00 0.00  ? 94  HIS A CA 1 
ATOM 45  C CA . ALA A 1 95  ? -16.271 -13.021 13.510  1.00 0.00  ? 95  ALA A CA 1 
ATOM 46  C CA . ALA A 1 96  ? -14.088 -10.286 12.113  1.00 0.00  ? 96  ALA A CA 1 
ATOM 47  C CA . ARG A 1 97  ? -13.060 -9.049  15.526  1.00 0.00  ? 97  ARG A CA 1 
ATOM 48  C CA . ILE A 1 98  ? -11.265 -12.244 16.500  1.00 0.00  ? 98  ILE A CA 1 
ATOM 49  C CA . PHE A 1 99  ? -8.833  -12.286 13.588  1.00 0.00  ? 99  PHE A CA 1 
ATOM 50  C CA . GLN A 1 100 ? -6.569  -9.480  12.494  1.00 0.00  ? 100 GLN A CA 1 
ATOM 51  C CA . ARG A 1 101 ? -6.678  -10.088 8.739   1.00 0.00  ? 101 ARG A CA 1 
ATOM 52  C CA . TYR A 1 102 ? -8.482  -12.077 6.069   1.00 0.00  ? 102 TYR A CA 1 
ATOM 53  C CA . ALA A 1 103 ? -8.830  -12.961 2.427   1.00 0.00  ? 103 ALA A CA 1 
ATOM 54  C CA . VAL A 1 104 ? -12.128 -13.295 0.606   1.00 0.00  ? 104 VAL A CA 1 
ATOM 55  C CA . GLU A 1 105 ? -12.530 -16.474 -1.354  1.00 0.00  ? 105 GLU A CA 1 
ATOM 56  C CA . THR A 1 106 ? -15.818 -16.774 -3.162  1.00 0.00  ? 106 THR A CA 1 
ATOM 57  C CA . LEU A 1 107 ? -18.476 -14.137 -3.396  1.00 0.00  ? 107 LEU A CA 1 
ATOM 58  C CA . GLU A 1 108 ? -21.920 -13.854 -4.935  1.00 0.00  ? 108 GLU A CA 1 
ATOM 59  C CA . PHE A 1 109 ? -24.665 -11.289 -5.055  1.00 0.00  ? 109 PHE A CA 1 
ATOM 60  C CA . GLU A 1 110 ? -28.388 -11.632 -5.429  1.00 0.00  ? 110 GLU A CA 1 
ATOM 61  C CA . ILE A 1 111 ? -31.119 -9.065  -5.587  1.00 0.00  ? 111 ILE A CA 1 
ATOM 62  C CA . GLN A 1 112 ? -34.766 -9.373  -4.742  1.00 0.00  ? 112 GLN A CA 1 
ATOM 63  C CA . PRO A 1 113 ? -37.242 -6.470  -4.748  1.00 0.00  ? 113 PRO A CA 1 
ATOM 64  C CA . MET A 1 114 ? -41.019 -6.074  -4.745  1.00 0.00  ? 114 MET A CA 1 
ATOM 65  C CA . CYS A 1 115 ? -44.106 -6.031  -6.969  1.00 0.00  ? 115 CYS A CA 1 
ATOM 66  C CA . PRO A 1 116 ? -46.875 -4.974  -8.378  1.00 0.00  ? 116 PRO A CA 1 
ATOM 67  C CA . ALA A 1 117 ? -46.763 -5.879  -12.027 1.00 0.00  ? 117 ALA A CA 1 
ATOM 68  C CA . ASN A 1 118 ? -47.043 -4.151  -14.296 1.00 0.00  ? 118 ASN A CA 1 
ATOM 69  C CA . THR A 1 119 ? -44.600 -1.434  -13.276 1.00 0.00  ? 119 THR A CA 1 
ATOM 70  C CA . GLY A 1 120 ? -42.466 0.930   -15.316 1.00 0.00  ? 120 GLY A CA 1 
ATOM 71  C CA . GLY A 1 121 ? -39.041 -0.606  -14.780 1.00 0.00  ? 121 GLY A CA 1 
ATOM 72  C CA . GLY A 1 122 ? -36.235 -1.019  -14.426 1.00 0.00  ? 122 GLY A CA 1 
ATOM 73  C CA . TYR A 1 123 ? -32.937 -1.271  -12.572 1.00 0.00  ? 123 TYR A CA 1 
ATOM 74  C CA . VAL A 1 124 ? -29.419 -1.985  -13.781 1.00 0.00  ? 124 VAL A CA 1 
ATOM 75  C CA . ALA A 1 125 ? -26.807 -3.043  -11.279 1.00 0.00  ? 125 ALA A CA 1 
ATOM 76  C CA . GLY A 1 126 ? -23.434 -4.589  -10.576 1.00 0.00  ? 126 GLY A CA 1 
ATOM 77  C CA . PHE A 1 127 ? -20.450 -3.879  -8.388  1.00 0.00  ? 127 PHE A CA 1 
ATOM 78  C CA . LEU A 1 128 ? -17.119 -2.147  -8.832  1.00 0.00  ? 128 LEU A CA 1 
ATOM 79  C CA . PRO A 1 129 ? -13.920 -3.768  -7.447  1.00 0.00  ? 129 PRO A CA 1 
ATOM 80  C CA . ASP A 1 130 ? -12.098 -0.464  -6.876  1.00 0.00  ? 130 ASP A CA 1 
ATOM 81  C CA . PRO A 1 131 ? -13.242 1.080   -3.589  1.00 0.00  ? 131 PRO A CA 1 
ATOM 82  C CA . THR A 1 132 ? -11.570 4.460   -4.000  1.00 0.00  ? 132 THR A CA 1 
ATOM 83  C CA . ASP A 1 133 ? -13.493 4.925   -7.240  1.00 0.00  ? 133 ASP A CA 1 
ATOM 84  C CA . ASN A 1 134 ? -16.572 7.081   -6.830  1.00 0.00  ? 134 ASN A CA 1 
ATOM 85  C CA . ASP A 1 135 ? -17.870 7.635   -10.354 1.00 0.00  ? 135 ASP A CA 1 
ATOM 86  C CA . HIS A 1 136 ? -21.193 6.151   -11.419 1.00 0.00  ? 136 HIS A CA 1 
ATOM 87  C CA . THR A 1 137 ? -23.439 6.303   -14.500 1.00 0.00  ? 137 THR A CA 1 
ATOM 88  C CA . PHE A 1 138 ? -24.856 3.376   -16.466 1.00 0.00  ? 138 PHE A CA 1 
ATOM 89  C CA . ASP A 1 139 ? -22.165 2.799   -19.052 1.00 0.00  ? 139 ASP A CA 1 
ATOM 90  C CA . ALA A 1 140 ? -19.388 2.836   -16.498 1.00 0.00  ? 140 ALA A CA 1 
ATOM 91  C CA . LEU A 1 141 ? -21.023 0.321   -14.217 1.00 0.00  ? 141 LEU A CA 1 
ATOM 92  C CA . GLN A 1 142 ? -21.973 -1.801  -17.173 1.00 0.00  ? 142 GLN A CA 1 
ATOM 93  C CA . ALA A 1 143 ? -18.559 -3.017  -18.237 1.00 0.00  ? 143 ALA A CA 1 
ATOM 94  C CA . THR A 1 144 ? -17.746 -5.123  -15.179 1.00 0.00  ? 144 THR A CA 1 
ATOM 95  C CA . ARG A 1 145 ? -17.658 -8.906  -15.476 1.00 0.00  ? 145 ARG A CA 1 
ATOM 96  C CA . GLY A 1 146 ? -21.016 -9.383  -13.842 1.00 0.00  ? 146 GLY A CA 1 
ATOM 97  C CA . ALA A 1 147 ? -23.755 -6.998  -14.792 1.00 0.00  ? 147 ALA A CA 1 
ATOM 98  C CA . VAL A 1 148 ? -27.487 -7.249  -14.605 1.00 0.00  ? 148 VAL A CA 1 
ATOM 99  C CA . VAL A 1 149 ? -30.359 -5.466  -16.268 1.00 0.00  ? 149 VAL A CA 1 
ATOM 100 C CA . ALA A 1 150 ? -33.871 -6.199  -15.089 1.00 0.00  ? 150 ALA A CA 1 
ATOM 101 C CA . LYS A 1 151 ? -37.496 -5.315  -14.508 1.00 0.00  ? 151 LYS A CA 1 
ATOM 102 C CA . TRP A 1 152 ? -38.405 -4.539  -10.930 1.00 0.00  ? 152 TRP A CA 1 
ATOM 103 C CA . TRP A 1 153 ? -40.814 -7.407  -10.672 1.00 0.00  ? 153 TRP A CA 1 
ATOM 104 C CA . GLU A 1 154 ? -38.076 -9.821  -11.667 1.00 0.00  ? 154 GLU A CA 1 
ATOM 105 C CA . SER A 1 155 ? -35.164 -10.705 -9.360  1.00 0.00  ? 155 SER A CA 1 
ATOM 106 C CA . ARG A 1 156 ? -31.684 -11.938 -10.218 1.00 0.00  ? 156 ARG A CA 1 
ATOM 107 C CA . THR A 1 157 ? -28.105 -12.907 -9.463  1.00 0.00  ? 157 THR A CA 1 
ATOM 108 C CA . VAL A 1 158 ? -24.691 -11.303 -9.914  1.00 0.00  ? 158 VAL A CA 1 
ATOM 109 C CA . ARG A 1 159 ? -21.526 -13.363 -10.287 1.00 0.00  ? 159 ARG A CA 1 
ATOM 110 C CA . PRO A 1 160 ? -18.484 -11.261 -9.258  1.00 0.00  ? 160 PRO A CA 1 
ATOM 111 C CA . GLN A 1 161 ? -14.929 -11.157 -10.489 1.00 0.00  ? 161 GLN A CA 1 
ATOM 112 C CA . TYR A 1 162 ? -13.176 -11.740 -7.146  1.00 0.00  ? 162 TYR A CA 1 
ATOM 113 C CA . THR A 1 163 ? -9.440  -11.416 -6.601  1.00 0.00  ? 163 THR A CA 1 
ATOM 114 C CA . ARG A 1 164 ? -8.069  -13.616 -3.824  1.00 0.00  ? 164 ARG A CA 1 
ATOM 115 C CA . THR A 1 165 ? -5.595  -11.038 -2.555  1.00 0.00  ? 165 THR A CA 1 
ATOM 116 C CA . LEU A 1 166 ? -4.904  -10.833 1.206   1.00 0.00  ? 166 LEU A CA 1 
ATOM 117 C CA . LEU A 1 167 ? -6.071  -7.842  3.234   1.00 0.00  ? 167 LEU A CA 1 
ATOM 118 C CA . TRP A 1 168 ? -6.367  -6.237  6.666   1.00 0.00  ? 168 TRP A CA 1 
ATOM 119 C CA . THR A 1 169 ? -9.393  -5.961  8.913   1.00 0.00  ? 169 THR A CA 1 
ATOM 120 C CA . SER A 1 170 ? -9.549  -2.994  11.262  1.00 0.00  ? 170 SER A CA 1 
ATOM 121 C CA . SER A 1 171 ? -10.060 0.077   9.133   1.00 0.00  ? 171 SER A CA 1 
ATOM 122 C CA . GLY A 1 172 ? -7.778  3.083   8.964   1.00 0.00  ? 172 GLY A CA 1 
ATOM 123 C CA . LYS A 1 173 ? -5.921  5.567   6.774   1.00 0.00  ? 173 LYS A CA 1 
ATOM 124 C CA . GLU A 1 174 ? -6.803  4.494   3.250   1.00 0.00  ? 174 GLU A CA 1 
ATOM 125 C CA . GLN A 1 175 ? -10.116 2.880   2.457   1.00 0.00  ? 175 GLN A CA 1 
ATOM 126 C CA . ARG A 1 176 ? -8.465  0.912   -0.228  1.00 0.00  ? 176 ARG A CA 1 
ATOM 127 C CA . LEU A 1 177 ? -6.779  -1.876  1.631   1.00 0.00  ? 177 LEU A CA 1 
ATOM 128 C CA . THR A 1 178 ? -9.848  -3.180  3.443   1.00 0.00  ? 178 THR A CA 1 
ATOM 129 C CA . SER A 1 179 ? -12.614 -4.382  1.168   1.00 0.00  ? 179 SER A CA 1 
ATOM 130 C CA . PRO A 1 180 ? -12.949 -5.880  -2.307  1.00 0.00  ? 180 PRO A CA 1 
ATOM 131 C CA . GLY A 1 181 ? -15.263 -3.146  -3.544  1.00 0.00  ? 181 GLY A CA 1 
ATOM 132 C CA . ARG A 1 182 ? -18.511 -1.222  -3.699  1.00 0.00  ? 182 ARG A CA 1 
ATOM 133 C CA . LEU A 1 183 ? -21.952 -2.495  -4.717  1.00 0.00  ? 183 LEU A CA 1 
ATOM 134 C CA . ILE A 1 184 ? -24.275 -0.447  -6.923  1.00 0.00  ? 184 ILE A CA 1 
ATOM 135 C CA . LEU A 1 185 ? -27.919 -0.247  -7.952  1.00 0.00  ? 185 LEU A CA 1 
ATOM 136 C CA . LEU A 1 186 ? -29.211 2.266   -10.503 1.00 0.00  ? 186 LEU A CA 1 
ATOM 137 C CA . CYS A 1 187 ? -32.534 3.109   -12.082 1.00 0.00  ? 187 CYS A CA 1 
ATOM 138 C CA . VAL A 1 188 ? -33.227 3.809   -15.739 1.00 0.00  ? 188 VAL A CA 1 
ATOM 139 C CA . GLY A 1 189 ? -36.970 4.185   -15.384 1.00 0.00  ? 189 GLY A CA 1 
ATOM 140 C CA . ASN A 1 190 ? -39.179 5.827   -14.829 1.00 0.00  ? 190 ASN A CA 1 
ATOM 141 C CA . ASN A 1 191 ? -40.921 4.808   -12.606 1.00 0.00  ? 191 ASN A CA 1 
ATOM 142 C CA . THR A 1 192 ? -44.539 4.611   -11.453 1.00 0.00  ? 192 THR A CA 1 
ATOM 143 C CA . ASP A 1 193 ? -45.600 3.109   -8.132  1.00 0.00  ? 193 ASP A CA 1 
ATOM 144 C CA . VAL A 1 194 ? -43.464 3.007   -4.993  1.00 0.00  ? 194 VAL A CA 1 
ATOM 145 C CA . VAL A 1 195 ? -41.231 -0.012  -4.574  1.00 0.00  ? 195 VAL A CA 1 
ATOM 146 C CA . ASN A 1 196 ? -39.111 -1.694  -1.917  1.00 0.00  ? 196 ASN A CA 1 
ATOM 147 C CA . VAL A 1 197 ? -35.714 -3.194  -2.736  1.00 0.00  ? 197 VAL A CA 1 
ATOM 148 C CA . SER A 1 198 ? -33.400 -5.607  -0.960  1.00 0.00  ? 198 SER A CA 1 
ATOM 149 C CA . VAL A 1 199 ? -29.878 -6.614  -1.914  1.00 0.00  ? 199 VAL A CA 1 
ATOM 150 C CA . LEU A 1 200 ? -28.122 -9.541  -0.342  1.00 0.00  ? 200 LEU A CA 1 
ATOM 151 C CA . CYS A 1 201 ? -24.698 -11.134 -0.261  1.00 0.00  ? 201 CYS A CA 1 
ATOM 152 C CA . ARG A 1 202 ? -23.446 -14.698 -0.178  1.00 0.00  ? 202 ARG A CA 1 
ATOM 153 C CA . TRP A 1 203 ? -19.884 -14.799 1.104   1.00 0.00  ? 203 TRP A CA 1 
ATOM 154 C CA . SER A 1 204 ? -17.253 -17.469 1.639   1.00 0.00  ? 204 SER A CA 1 
ATOM 155 C CA . VAL A 1 205 ? -14.189 -16.269 3.469   1.00 0.00  ? 205 VAL A CA 1 
ATOM 156 C CA . ARG A 1 206 ? -10.944 -17.487 5.022   1.00 0.00  ? 206 ARG A CA 1 
ATOM 157 C CA . LEU A 1 207 ? -9.482  -16.149 8.287   1.00 0.00  ? 207 LEU A CA 1 
ATOM 158 C CA . SER A 1 208 ? -6.243  -16.349 10.272  1.00 0.00  ? 208 SER A CA 1 
ATOM 159 C CA . VAL A 1 209 ? -4.043  -14.831 13.013  1.00 0.00  ? 209 VAL A CA 1 
ATOM 160 C CA . PRO A 1 210 ? -5.484  -14.398 16.545  1.00 0.00  ? 210 PRO A CA 1 
ATOM 161 C CA . SER A 1 211 ? -6.308  -10.826 17.430  1.00 0.00  ? 211 SER A CA 1 
ATOM 162 C CA . LEU A 1 212 ? -7.188  -7.822  19.531  1.00 0.00  ? 212 LEU A CA 1 
ATOM 163 C CA . GLU A 1 213 ? -10.213 -5.965  18.243  1.00 0.00  ? 213 GLU A CA 1 
ATOM 164 C CA . THR A 1 214 ? -12.309 -4.714  20.201  1.00 0.00  ? 214 THR A CA 1 
ATOM 165 C CA . PRO A 1 215 ? -14.442 -2.472  17.954  1.00 0.00  ? 215 PRO A CA 1 
ATOM 166 C CA . GLU A 1 216 ? -13.474 0.633   16.013  1.00 0.00  ? 216 GLU A CA 1 
ATOM 167 C CA . GLU A 1 217 ? -15.761 3.265   17.531  1.00 0.00  ? 217 GLU A CA 1 
ATOM 168 C CA . THR A 1 218 ? -16.819 6.106   15.215  1.00 0.00  ? 218 THR A CA 1 
ATOM 169 C CA . THR A 1 219 ? -14.936 8.555   15.166  1.00 0.00  ? 219 THR A CA 1 
ATOM 170 C CA . ALA A 1 220 ? -15.207 9.083   11.402  1.00 0.00  ? 220 ALA A CA 1 
ATOM 171 C CA . GLY B 1 51  ? -12.110 -16.921 -17.708 1.00 0.00  ? 51  GLY B CA 1 
ATOM 172 C CA . THR B 1 52  ? -10.839 -15.028 -19.394 1.00 0.00  ? 52  THR B CA 1 
ATOM 173 C CA . ASN B 1 53  ? -7.875  -14.712 -17.021 1.00 0.00  ? 53  ASN B CA 1 
ATOM 174 C CA . ASP B 1 54  ? -4.627  -12.817 -17.545 1.00 0.00  ? 54  ASP B CA 1 
ATOM 175 C CA . VAL B 1 55  ? -3.723  -11.020 -20.770 1.00 0.00  ? 55  VAL B CA 1 
ATOM 176 C CA . HIS B 1 56  ? -0.500  -9.242  -21.601 1.00 0.00  ? 56  HIS B CA 1 
ATOM 177 C CA . LEU B 1 57  ? 1.148   -6.734  -23.845 1.00 0.00  ? 57  LEU B CA 1 
ATOM 178 C CA . SER B 1 58  ? 4.395   -5.348  -25.115 1.00 0.00  ? 58  SER B CA 1 
ATOM 179 C CA . GLY B 1 59  ? 5.525   -2.187  -26.833 1.00 0.00  ? 59  GLY B CA 1 
ATOM 180 C CA . MET B 1 60  ? 7.621   0.956   -26.729 1.00 0.00  ? 60  MET B CA 1 
ATOM 181 C CA . SER B 1 61  ? 6.951   4.681   -26.651 1.00 0.00  ? 61  SER B CA 1 
ATOM 182 C CA . ARG B 1 62  ? 8.464   8.008   -25.695 1.00 0.00  ? 62  ARG B CA 1 
ATOM 183 C CA . ILE B 1 63  ? 7.611   9.596   -22.377 1.00 0.00  ? 63  ILE B CA 1 
ATOM 184 C CA . SER B 1 64  ? 8.346   13.304  -22.424 1.00 0.00  ? 64  SER B CA 1 
ATOM 185 C CA . GLN B 1 65  ? 10.253  15.312  -24.983 1.00 0.00  ? 65  GLN B CA 1 
ATOM 186 C CA . ALA B 1 66  ? 12.167  18.320  -23.676 1.00 0.00  ? 66  ALA B CA 1 
ATOM 187 C CA . VAL B 1 67  ? 14.004  21.373  -24.987 1.00 0.00  ? 67  VAL B CA 1 
ATOM 188 C CA . LEU B 1 68  ? 17.056  23.050  -23.465 1.00 0.00  ? 68  LEU B CA 1 
ATOM 189 C CA . PRO B 1 69  ? 17.812  26.628  -24.566 1.00 0.00  ? 69  PRO B CA 1 
ATOM 190 C CA . ALA B 1 70  ? 21.412  27.825  -24.639 1.00 0.00  ? 70  ALA B CA 1 
ATOM 191 C CA . GLY B 1 71  ? 23.156  28.383  -22.458 1.00 0.00  ? 71  GLY B CA 1 
ATOM 192 C CA . THR B 1 72  ? 20.674  28.114  -19.624 1.00 0.00  ? 72  THR B CA 1 
ATOM 193 C CA . GLY B 1 73  ? 20.843  25.440  -16.962 1.00 0.00  ? 73  GLY B CA 1 
ATOM 194 C CA . THR B 1 74  ? 24.027  25.103  -14.951 1.00 0.00  ? 74  THR B CA 1 
ATOM 195 C CA . ASP B 1 75  ? 23.913  22.161  -12.555 1.00 0.00  ? 75  ASP B CA 1 
ATOM 196 C CA . GLY B 1 76  ? 21.095  20.263  -10.923 1.00 0.00  ? 76  GLY B CA 1 
ATOM 197 C CA . TYR B 1 77  ? 18.721  21.787  -13.418 1.00 0.00  ? 77  TYR B CA 1 
ATOM 198 C CA . VAL B 1 78  ? 16.239  18.942  -13.511 1.00 0.00  ? 78  VAL B CA 1 
ATOM 199 C CA . VAL B 1 79  ? 14.709  18.081  -16.857 1.00 0.00  ? 79  VAL B CA 1 
ATOM 200 C CA . VAL B 1 80  ? 12.331  15.101  -16.580 1.00 0.00  ? 80  VAL B CA 1 
ATOM 201 C CA . ASP B 1 81  ? 10.153  13.056  -14.177 1.00 0.00  ? 81  ASP B CA 1 
ATOM 202 C CA . ALA B 1 82  ? 8.201   9.981   -15.283 1.00 0.00  ? 82  ALA B CA 1 
ATOM 203 C CA . THR B 1 83  ? 6.295   6.656   -15.040 1.00 0.00  ? 83  THR B CA 1 
ATOM 204 C CA . ILE B 1 84  ? 4.450   8.300   -12.229 1.00 0.00  ? 84  ILE B CA 1 
ATOM 205 C CA . VAL B 1 85  ? 1.450   6.606   -13.796 1.00 0.00  ? 85  VAL B CA 1 
ATOM 206 C CA . PRO B 1 86  ? 0.903   4.095   -16.601 1.00 0.00  ? 86  PRO B CA 1 
ATOM 207 C CA . ASP B 1 87  ? -1.679  6.592   -17.826 1.00 0.00  ? 87  ASP B CA 1 
ATOM 208 C CA . LEU B 1 88  ? 0.828   8.985   -19.389 1.00 0.00  ? 88  LEU B CA 1 
ATOM 209 C CA . LEU B 1 89  ? 2.307   6.486   -21.858 1.00 0.00  ? 89  LEU B CA 1 
ATOM 210 C CA . PRO B 1 90  ? 0.818   7.223   -25.298 1.00 0.00  ? 90  PRO B CA 1 
ATOM 211 C CA . ARG B 1 91  ? -0.171  3.717   -26.281 1.00 0.00  ? 91  ARG B CA 1 
ATOM 212 C CA . LEU B 1 92  ? -0.409  1.798   -23.075 1.00 0.00  ? 92  LEU B CA 1 
ATOM 213 C CA . GLY B 1 93  ? -2.413  4.593   -21.539 1.00 0.00  ? 93  GLY B CA 1 
ATOM 214 C CA . HIS B 1 94  ? -5.523  3.522   -23.373 1.00 0.00  ? 94  HIS B CA 1 
ATOM 215 C CA . ALA B 1 95  ? -4.981  -0.080  -22.455 1.00 0.00  ? 95  ALA B CA 1 
ATOM 216 C CA . ALA B 1 96  ? -4.734  0.912   -18.823 1.00 0.00  ? 96  ALA B CA 1 
ATOM 217 C CA . ARG B 1 97  ? -8.207  2.365   -18.872 1.00 0.00  ? 97  ARG B CA 1 
ATOM 218 C CA . ILE B 1 98  ? -9.798  -1.014  -19.419 1.00 0.00  ? 98  ILE B CA 1 
ATOM 219 C CA . PHE B 1 99  ? -8.260  -3.002  -16.586 1.00 0.00  ? 99  PHE B CA 1 
ATOM 220 C CA . GLN B 1 100 ? -8.415  -2.021  -12.951 1.00 0.00  ? 100 GLN B CA 1 
ATOM 221 C CA . ARG B 1 101 ? -4.879  -3.134  -12.059 1.00 0.00  ? 101 ARG B CA 1 
ATOM 222 C CA . TYR B 1 102 ? -1.606  -4.453  -13.462 1.00 0.00  ? 102 TYR B CA 1 
ATOM 223 C CA . ALA B 1 103 ? 1.918   -5.674  -12.961 1.00 0.00  ? 103 ALA B CA 1 
ATOM 224 C CA . VAL B 1 104 ? 5.172   -4.835  -14.696 1.00 0.00  ? 104 VAL B CA 1 
ATOM 225 C CA . GLU B 1 105 ? 6.953   -7.851  -15.981 1.00 0.00  ? 105 GLU B CA 1 
ATOM 226 C CA . THR B 1 106 ? 9.795   -6.305  -17.925 1.00 0.00  ? 106 THR B CA 1 
ATOM 227 C CA . LEU B 1 107 ? 11.060  -2.777  -18.422 1.00 0.00  ? 107 LEU B CA 1 
ATOM 228 C CA . GLU B 1 108 ? 13.896  -0.946  -20.211 1.00 0.00  ? 108 GLU B CA 1 
ATOM 229 C CA . PHE B 1 109 ? 14.815  2.652   -20.807 1.00 0.00  ? 109 PHE B CA 1 
ATOM 230 C CA . GLU B 1 110 ? 16.767  4.210   -23.629 1.00 0.00  ? 110 GLU B CA 1 
ATOM 231 C CA . ILE B 1 111 ? 17.922  7.751   -24.144 1.00 0.00  ? 111 ILE B CA 1 
ATOM 232 C CA . GLN B 1 112 ? 18.786  9.780   -27.167 1.00 0.00  ? 112 GLN B CA 1 
ATOM 233 C CA . PRO B 1 113 ? 19.061  13.450  -28.030 1.00 0.00  ? 113 PRO B CA 1 
ATOM 234 C CA . MET B 1 114 ? 20.541  15.875  -30.526 1.00 0.00  ? 114 MET B CA 1 
ATOM 235 C CA . CYS B 1 115 ? 24.055  17.107  -31.378 1.00 0.00  ? 115 CYS B CA 1 
ATOM 236 C CA . PRO B 1 116 ? 26.168  19.205  -33.004 1.00 0.00  ? 116 PRO B CA 1 
ATOM 237 C CA . ALA B 1 117 ? 29.593  18.358  -31.639 1.00 0.00  ? 117 ALA B CA 1 
ATOM 238 C CA . ASN B 1 118 ? 31.289  19.796  -29.784 1.00 0.00  ? 118 ASN B CA 1 
ATOM 239 C CA . THR B 1 119 ? 28.671  20.373  -27.236 1.00 0.00  ? 119 THR B CA 1 
ATOM 240 C CA . GLY B 1 120 ? 30.119  20.940  -23.791 1.00 0.00  ? 120 GLY B CA 1 
ATOM 241 C CA . GLY B 1 121 ? 28.330  17.924  -22.412 1.00 0.00  ? 121 GLY B CA 1 
ATOM 242 C CA . GLY B 1 122 ? 26.874  16.301  -20.565 1.00 0.00  ? 122 GLY B CA 1 
ATOM 243 C CA . TYR B 1 123 ? 24.285  14.385  -18.604 1.00 0.00  ? 123 TYR B CA 1 
ATOM 244 C CA . VAL B 1 124 ? 23.476  11.799  -15.995 1.00 0.00  ? 124 VAL B CA 1 
ATOM 245 C CA . ALA B 1 125 ? 20.468  9.527   -16.112 1.00 0.00  ? 125 ALA B CA 1 
ATOM 246 C CA . GLY B 1 126 ? 18.854  6.937   -13.911 1.00 0.00  ? 126 GLY B CA 1 
ATOM 247 C CA . PHE B 1 127 ? 15.635  6.215   -12.098 1.00 0.00  ? 127 PHE B CA 1 
ATOM 248 C CA . LEU B 1 128 ? 14.669  6.135   -8.481  1.00 0.00  ? 128 LEU B CA 1 
ATOM 249 C CA . PRO B 1 129 ? 12.707  3.086   -7.193  1.00 0.00  ? 129 PRO B CA 1 
ATOM 250 C CA . ASP B 1 130 ? 10.898  4.914   -4.401  1.00 0.00  ? 130 ASP B CA 1 
ATOM 251 C CA . PRO B 1 131 ? 7.902   6.999   -5.524  1.00 0.00  ? 131 PRO B CA 1 
ATOM 252 C CA . THR B 1 132 ? 7.557   8.765   -2.198  1.00 0.00  ? 132 THR B CA 1 
ATOM 253 C CA . ASP B 1 133 ? 11.008  10.253  -2.496  1.00 0.00  ? 133 ASP B CA 1 
ATOM 254 C CA . ASN B 1 134 ? 11.108  13.783  -3.796  1.00 0.00  ? 134 ASN B CA 1 
ATOM 255 C CA . ASP B 1 135 ? 14.736  14.780  -3.293  1.00 0.00  ? 135 ASP B CA 1 
ATOM 256 C CA . HIS B 1 136 ? 17.116  14.866  -6.231  1.00 0.00  ? 136 HIS B CA 1 
ATOM 257 C CA . THR B 1 137 ? 20.604  16.189  -6.912  1.00 0.00  ? 137 THR B CA 1 
ATOM 258 C CA . PHE B 1 138 ? 23.469  14.195  -8.387  1.00 0.00  ? 138 PHE B CA 1 
ATOM 259 C CA . ASP B 1 139 ? 24.337  12.275  -5.229  1.00 0.00  ? 139 ASP B CA 1 
ATOM 260 C CA . ALA B 1 140 ? 20.863  10.822  -4.849  1.00 0.00  ? 140 ALA B CA 1 
ATOM 261 C CA . LEU B 1 141 ? 20.796  9.371   -8.304  1.00 0.00  ? 141 LEU B CA 1 
ATOM 262 C CA . GLN B 1 142 ? 24.424  8.438   -7.760  1.00 0.00  ? 142 GLN B CA 1 
ATOM 263 C CA . ALA B 1 143 ? 23.556  5.327   -5.797  1.00 0.00  ? 143 ALA B CA 1 
ATOM 264 C CA . THR B 1 144 ? 21.159  3.234   -7.852  1.00 0.00  ? 144 THR B CA 1 
ATOM 265 C CA . ARG B 1 145 ? 21.472  -0.146  -9.554  1.00 0.00  ? 145 ARG B CA 1 
ATOM 266 C CA . GLY B 1 146 ? 21.333  1.389   -12.980 1.00 0.00  ? 146 GLY B CA 1 
ATOM 267 C CA . ALA B 1 147 ? 22.816  4.660   -14.084 1.00 0.00  ? 147 ALA B CA 1 
ATOM 268 C CA . VAL B 1 148 ? 24.578  6.285   -16.992 1.00 0.00  ? 148 VAL B CA 1 
ATOM 269 C CA . VAL B 1 149 ? 26.824  9.278   -17.596 1.00 0.00  ? 149 VAL B CA 1 
ATOM 270 C CA . ALA B 1 150 ? 27.666  10.593  -21.049 1.00 0.00  ? 150 ALA B CA 1 
ATOM 271 C CA . LYS B 1 151 ? 28.093  13.408  -23.548 1.00 0.00  ? 151 LYS B CA 1 
ATOM 272 C CA . TRP B 1 152 ? 24.984  14.563  -25.355 1.00 0.00  ? 152 TRP B CA 1 
ATOM 273 C CA . TRP B 1 153 ? 25.778  13.257  -28.809 1.00 0.00  ? 153 TRP B CA 1 
ATOM 274 C CA . GLU B 1 154 ? 26.186  9.835   -27.247 1.00 0.00  ? 154 GLU B CA 1 
ATOM 275 C CA . SER B 1 155 ? 23.016  7.767   -26.809 1.00 0.00  ? 155 SER B CA 1 
ATOM 276 C CA . ARG B 1 156 ? 22.616  5.016   -24.245 1.00 0.00  ? 156 ARG B CA 1 
ATOM 277 C CA . THR B 1 157 ? 20.668  2.343   -22.387 1.00 0.00  ? 157 THR B CA 1 
ATOM 278 C CA . VAL B 1 158 ? 19.303  2.264   -18.840 1.00 0.00  ? 158 VAL B CA 1 
ATOM 279 C CA . ARG B 1 159 ? 18.698  -1.071  -17.155 1.00 0.00  ? 159 ARG B CA 1 
ATOM 280 C CA . PRO B 1 160 ? 16.082  -1.074  -14.320 1.00 0.00  ? 160 PRO B CA 1 
ATOM 281 C CA . GLN B 1 161 ? 15.731  -2.415  -10.830 1.00 0.00  ? 161 GLN B CA 1 
ATOM 282 C CA . TYR B 1 162 ? 11.920  -2.646  -10.907 1.00 0.00  ? 162 TYR B CA 1 
ATOM 283 C CA . THR B 1 163 ? 9.724   -4.244  -8.244  1.00 0.00  ? 163 THR B CA 1 
ATOM 284 C CA . ARG B 1 164 ? 7.387   -6.844  -9.691  1.00 0.00  ? 164 ARG B CA 1 
ATOM 285 C CA . THR B 1 165 ? 4.558   -6.894  -7.171  1.00 0.00  ? 165 THR B CA 1 
ATOM 286 C CA . LEU B 1 166 ? 1.026   -6.505  -8.575  1.00 0.00  ? 166 LEU B CA 1 
ATOM 287 C CA . LEU B 1 167 ? -0.178  -2.904  -8.377  1.00 0.00  ? 167 LEU B CA 1 
ATOM 288 C CA . TRP B 1 168 ? -3.222  -0.768  -9.137  1.00 0.00  ? 168 TRP B CA 1 
ATOM 289 C CA . THR B 1 169 ? -4.221  1.525   -11.983 1.00 0.00  ? 169 THR B CA 1 
ATOM 290 C CA . SER B 1 170 ? -6.380  4.318   -10.638 1.00 0.00  ? 170 SER B CA 1 
ATOM 291 C CA . SER B 1 171 ? -4.463  7.111   -8.967  1.00 0.00  ? 171 SER B CA 1 
ATOM 292 C CA . GLY B 1 172 ? -5.305  8.183   -5.435  1.00 0.00  ? 172 GLY B CA 1 
ATOM 293 C CA . LYS B 1 173 ? -4.399  8.180   -1.740  1.00 0.00  ? 173 LYS B CA 1 
ATOM 294 C CA . GLU B 1 174 ? -0.919  6.809   -1.172  1.00 0.00  ? 174 GLU B CA 1 
ATOM 295 C CA . GLN B 1 175 ? 1.281   7.274   -4.182  1.00 0.00  ? 175 GLN B CA 1 
ATOM 296 C CA . ARG B 1 176 ? 3.565   4.403   -3.499  1.00 0.00  ? 176 ARG B CA 1 
ATOM 297 C CA . LEU B 1 177 ? 1.209   1.519   -4.095  1.00 0.00  ? 177 LEU B CA 1 
ATOM 298 C CA . THR B 1 178 ? 0.682   2.630   -7.671  1.00 0.00  ? 178 THR B CA 1 
ATOM 299 C CA . SER B 1 179 ? 3.837   2.969   -9.698  1.00 0.00  ? 179 SER B CA 1 
ATOM 300 C CA . PRO B 1 180 ? 7.317   1.459   -10.114 1.00 0.00  ? 180 PRO B CA 1 
ATOM 301 C CA . GLY B 1 181 ? 9.153   4.727   -9.527  1.00 0.00  ? 181 GLY B CA 1 
ATOM 302 C CA . ARG B 1 182 ? 10.400  7.992   -10.977 1.00 0.00  ? 182 ARG B CA 1 
ATOM 303 C CA . LEU B 1 183 ? 12.753  8.614   -13.899 1.00 0.00  ? 183 LEU B CA 1 
ATOM 304 C CA . ILE B 1 184 ? 15.458  11.285  -13.728 1.00 0.00  ? 184 ILE B CA 1 
ATOM 305 C CA . LEU B 1 185 ? 17.775  13.302  -15.963 1.00 0.00  ? 185 LEU B CA 1 
ATOM 306 C CA . LEU B 1 186 ? 20.324  15.871  -14.867 1.00 0.00  ? 186 LEU B CA 1 
ATOM 307 C CA . CYS B 1 187 ? 22.554  18.309  -16.691 1.00 0.00  ? 187 CYS B CA 1 
ATOM 308 C CA . VAL B 1 188 ? 26.187  18.653  -15.685 1.00 0.00  ? 188 VAL B CA 1 
ATOM 309 C CA . GLY B 1 189 ? 27.210  21.143  -18.326 1.00 0.00  ? 189 GLY B CA 1 
ATOM 310 C CA . ASN B 1 190 ? 27.042  23.795  -19.168 1.00 0.00  ? 190 ASN B CA 1 
ATOM 311 C CA . ASN B 1 191 ? 25.903  24.042  -21.902 1.00 0.00  ? 191 ASN B CA 1 
ATOM 312 C CA . THR B 1 192 ? 26.541  25.677  -25.264 1.00 0.00  ? 192 THR B CA 1 
ATOM 313 C CA . ASP B 1 193 ? 24.190  24.951  -28.167 1.00 0.00  ? 193 ASP B CA 1 
ATOM 314 C CA . VAL B 1 194 ? 20.436  24.556  -27.768 1.00 0.00  ? 194 VAL B CA 1 
ATOM 315 C CA . VAL B 1 195 ? 19.515  20.912  -27.457 1.00 0.00  ? 195 VAL B CA 1 
ATOM 316 C CA . ASN B 1 196 ? 16.396  18.875  -28.059 1.00 0.00  ? 196 ASN B CA 1 
ATOM 317 C CA . VAL B 1 197 ? 16.120  15.760  -25.896 1.00 0.00  ? 197 VAL B CA 1 
ATOM 318 C CA . SER B 1 198 ? 14.122  12.555  -25.845 1.00 0.00  ? 198 SER B CA 1 
ATOM 319 C CA . VAL B 1 199 ? 13.926  9.602   -23.528 1.00 0.00  ? 199 VAL B CA 1 
ATOM 320 C CA . LEU B 1 200 ? 11.858  6.648   -24.515 1.00 0.00  ? 200 LEU B CA 1 
ATOM 321 C CA . CYS B 1 201 ? 10.667  3.466   -22.885 1.00 0.00  ? 201 CYS B CA 1 
ATOM 322 C CA . ARG B 1 202 ? 10.277  -0.194  -23.678 1.00 0.00  ? 202 ARG B CA 1 
ATOM 323 C CA . TRP B 1 203 ? 7.862   -2.376  -21.763 1.00 0.00  ? 203 TRP B CA 1 
ATOM 324 C CA . SER B 1 204 ? 6.005   -5.622  -21.350 1.00 0.00  ? 204 SER B CA 1 
ATOM 325 C CA . VAL B 1 205 ? 3.106   -5.731  -18.976 1.00 0.00  ? 205 VAL B CA 1 
ATOM 326 C CA . ARG B 1 206 ? 0.569   -8.159  -17.532 1.00 0.00  ? 206 ARG B CA 1 
ATOM 327 C CA . LEU B 1 207 ? -3.093  -7.211  -17.119 1.00 0.00  ? 207 LEU B CA 1 
ATOM 328 C CA . SER B 1 208 ? -6.273  -8.514  -15.518 1.00 0.00  ? 208 SER B CA 1 
ATOM 329 C CA . VAL B 1 209 ? -9.689  -7.678  -14.036 1.00 0.00  ? 209 VAL B CA 1 
ATOM 330 C CA . PRO B 1 210 ? -12.132 -5.798  -16.325 1.00 0.00  ? 210 PRO B CA 1 
ATOM 331 C CA . SER B 1 211 ? -13.381 -2.257  -15.777 1.00 0.00  ? 211 SER B CA 1 
ATOM 332 C CA . LEU B 1 212 ? -14.037 0.928   -17.735 1.00 0.00  ? 212 LEU B CA 1 
ATOM 333 C CA . GLU B 1 213 ? -12.434 3.691   -15.683 1.00 0.00  ? 213 GLU B CA 1 
ATOM 334 C CA . THR B 1 214 ? -12.766 6.368   -17.437 1.00 0.00  ? 214 THR B CA 1 
ATOM 335 C CA . PRO B 1 215 ? -10.530 9.404   -17.210 1.00 0.00  ? 215 PRO B CA 1 
ATOM 336 C CA . GLU B 1 216 ? -9.565  10.942  -13.919 1.00 0.00  ? 216 GLU B CA 1 
ATOM 337 C CA . GLU B 1 217 ? -11.742 14.039  -13.897 1.00 0.00  ? 217 GLU B CA 1 
ATOM 338 C CA . THR B 1 218 ? -9.349  16.699  -12.706 1.00 0.00  ? 218 THR B CA 1 
ATOM 339 C CA . THR B 1 219 ? -9.828  18.437  -10.253 1.00 0.00  ? 219 THR B CA 1 
ATOM 340 C CA . ALA B 1 220 ? -6.451  17.546  -8.742  1.00 0.00  ? 220 ALA B CA 1 
ATOM 341 C CA . THR C 1 35  ? 45.978  6.969   -33.624 1.00 30.00 ? 35  THR C CA 1 
ATOM 342 C CA . ASP C 1 36  ? 43.163  8.939   -35.261 1.00 30.00 ? 36  ASP C CA 1 
ATOM 343 C CA . ALA C 1 37  ? 41.908  12.210  -33.767 1.00 30.00 ? 37  ALA C CA 1 
ATOM 344 C CA . PRO C 1 38  ? 38.143  12.475  -34.435 1.00 30.00 ? 38  PRO C CA 1 
ATOM 345 C CA . VAL C 1 39  ? 35.943  15.392  -33.466 1.00 30.00 ? 39  VAL C CA 1 
ATOM 346 C CA . SER C 1 40  ? 34.783  14.526  -29.954 1.00 30.00 ? 40  SER C CA 1 
ATOM 347 C CA . LYS C 1 41  ? 35.660  11.223  -28.349 1.00 30.00 ? 41  LYS C CA 1 
ATOM 348 C CA . ALA C 1 42  ? 33.799  8.279   -26.840 1.00 30.00 ? 42  ALA C CA 1 
ATOM 349 C CA . SER C 1 43  ? 32.833  8.711   -23.206 1.00 30.00 ? 43  SER C CA 1 
ATOM 350 C CA . THR C 1 44  ? 34.257  6.307   -20.663 1.00 30.00 ? 44  THR C CA 1 
ATOM 351 C CA . VAL C 1 45  ? 32.535  5.296   -17.473 1.00 30.00 ? 45  VAL C CA 1 
ATOM 352 C CA . THR C 1 46  ? 32.934  1.574   -17.082 1.00 30.00 ? 46  THR C CA 1 
ATOM 353 C CA . GLY C 1 47  ? 32.338  0.142   -14.759 1.00 30.00 ? 47  GLY C CA 1 
ATOM 354 C CA . PHE C 1 48  ? 29.545  1.944   -12.952 1.00 30.00 ? 48  PHE C CA 1 
ATOM 355 C CA . GLY C 1 49  ? 26.393  1.447   -10.926 1.00 30.00 ? 49  GLY C CA 1 
ATOM 356 C CA . ARG C 1 50  ? 27.822  -1.622  -9.218  1.00 30.00 ? 50  ARG C CA 1 
ATOM 357 C CA . GLY C 1 51  ? 26.992  -3.143  -6.949  1.00 0.00  ? 51  GLY C CA 1 
ATOM 358 C CA . THR C 1 52  ? 25.571  -3.564  -4.513  1.00 0.00  ? 52  THR C CA 1 
ATOM 359 C CA . ASN C 1 53  ? 23.540  -6.605  -3.612  1.00 0.00  ? 53  ASN C CA 1 
ATOM 360 C CA . ASP C 1 54  ? 22.502  -6.920  0.007   1.00 0.00  ? 54  ASP C CA 1 
ATOM 361 C CA . VAL C 1 55  ? 23.740  -7.430  3.563   1.00 0.00  ? 55  VAL C CA 1 
ATOM 362 C CA . HIS C 1 56  ? 22.377  -8.467  6.925   1.00 0.00  ? 56  HIS C CA 1 
ATOM 363 C CA . LEU C 1 57  ? 22.849  -7.541  10.545  1.00 0.00  ? 57  LEU C CA 1 
ATOM 364 C CA . SER C 1 58  ? 22.048  -8.459  14.128  1.00 0.00  ? 58  SER C CA 1 
ATOM 365 C CA . GLY C 1 59  ? 21.972  -6.873  17.559  1.00 0.00  ? 59  GLY C CA 1 
ATOM 366 C CA . MET C 1 60  ? 20.423  -6.352  20.967  1.00 0.00  ? 60  MET C CA 1 
ATOM 367 C CA . SER C 1 61  ? 19.133  -3.001  22.180  1.00 0.00  ? 61  SER C CA 1 
ATOM 368 C CA . ARG C 1 62  ? 17.057  -1.378  24.918  1.00 0.00  ? 62  ARG C CA 1 
ATOM 369 C CA . ILE C 1 63  ? 13.932  0.473   23.847  1.00 0.00  ? 63  ILE C CA 1 
ATOM 370 C CA . SER C 1 64  ? 12.123  2.049   26.772  1.00 0.00  ? 64  SER C CA 1 
ATOM 371 C CA . GLN C 1 65  ? 13.407  2.358   30.310  1.00 0.00  ? 65  GLN C CA 1 
ATOM 372 C CA . ALA C 1 66  ? 10.609  3.087   32.758  1.00 0.00  ? 66  ALA C CA 1 
ATOM 373 C CA . VAL C 1 67  ? 10.116  4.015   36.394  1.00 0.00  ? 67  VAL C CA 1 
ATOM 374 C CA . LEU C 1 68  ? 7.119   3.344   38.620  1.00 0.00  ? 68  LEU C CA 1 
ATOM 375 C CA . PRO C 1 69  ? 6.715   5.386   41.815  1.00 0.00  ? 69  PRO C CA 1 
ATOM 376 C CA . ALA C 1 70  ? 4.765   3.946   44.712  1.00 0.00  ? 70  ALA C CA 1 
ATOM 377 C CA . GLY C 1 71  ? 1.931   3.586   44.712  1.00 0.00  ? 71  GLY C CA 1 
ATOM 378 C CA . THR C 1 72  ? 1.260   5.196   41.361  1.00 0.00  ? 72  THR C CA 1 
ATOM 379 C CA . GLY C 1 73  ? -0.205  3.147   38.550  1.00 0.00  ? 73  GLY C CA 1 
ATOM 380 C CA . THR C 1 74  ? -3.197  1.069   39.550  1.00 0.00  ? 74  THR C CA 1 
ATOM 381 C CA . ASP C 1 75  ? -4.631  -1.071  36.768  1.00 0.00  ? 75  ASP C CA 1 
ATOM 382 C CA . GLY C 1 76  ? -4.539  -0.715  33.015  1.00 0.00  ? 76  GLY C CA 1 
ATOM 383 C CA . TYR C 1 77  ? -1.914  1.983   33.322  1.00 0.00  ? 77  TYR C CA 1 
ATOM 384 C CA . VAL C 1 78  ? 0.114   1.978   30.116  1.00 0.00  ? 78  VAL C CA 1 
ATOM 385 C CA . VAL C 1 79  ? 3.888   2.054   30.351  1.00 0.00  ? 79  VAL C CA 1 
ATOM 386 C CA . VAL C 1 80  ? 5.379   1.376   26.905  1.00 0.00  ? 80  VAL C CA 1 
ATOM 387 C CA . ASP C 1 81  ? 4.886   1.740   23.121  1.00 0.00  ? 81  ASP C CA 1 
ATOM 388 C CA . ALA C 1 82  ? 7.434   0.336   20.698  1.00 0.00  ? 82  ALA C CA 1 
ATOM 389 C CA . THR C 1 83  ? 9.079   -0.669  17.380  1.00 0.00  ? 83  THR C CA 1 
ATOM 390 C CA . ILE C 1 84  ? 6.756   1.761   15.740  1.00 0.00  ? 84  ILE C CA 1 
ATOM 391 C CA . VAL C 1 85  ? 9.648   2.090   13.306  1.00 0.00  ? 85  VAL C CA 1 
ATOM 392 C CA . PRO C 1 86  ? 12.861  0.164   12.696  1.00 0.00  ? 86  PRO C CA 1 
ATOM 393 C CA . ASP C 1 87  ? 14.544  3.519   13.059  1.00 0.00  ? 87  ASP C CA 1 
ATOM 394 C CA . LEU C 1 88  ? 14.345  3.793   16.844  1.00 0.00  ? 88  LEU C CA 1 
ATOM 395 C CA . LEU C 1 89  ? 16.863  0.988   17.183  1.00 0.00  ? 89  LEU C CA 1 
ATOM 396 C CA . PRO C 1 90  ? 20.045  2.986   17.663  1.00 0.00  ? 90  PRO C CA 1 
ATOM 397 C CA . ARG C 1 91  ? 22.437  1.012   15.538  1.00 0.00  ? 91  ARG C CA 1 
ATOM 398 C CA . LEU C 1 92  ? 20.301  -0.042  12.637  1.00 0.00  ? 92  LEU C CA 1 
ATOM 399 C CA . GLY C 1 93  ? 18.904  3.413   12.203  1.00 0.00  ? 93  GLY C CA 1 
ATOM 400 C CA . HIS C 1 94  ? 21.861  4.864   10.365  1.00 0.00  ? 94  HIS C CA 1 
ATOM 401 C CA . ALA C 1 95  ? 22.409  1.763   8.288   1.00 0.00  ? 95  ALA C CA 1 
ATOM 402 C CA . ALA C 1 96  ? 18.817  1.895   7.187   1.00 0.00  ? 96  ALA C CA 1 
ATOM 403 C CA . ARG C 1 97  ? 19.082  5.122   5.265   1.00 0.00  ? 97  ARG C CA 1 
ATOM 404 C CA . ILE C 1 98  ? 21.500  3.702   2.730   1.00 0.00  ? 98  ILE C CA 1 
ATOM 405 C CA . PHE C 1 99  ? 19.051  1.027   1.628   1.00 0.00  ? 99  PHE C CA 1 
ATOM 406 C CA . GLN C 1 100 ? 15.566  1.777   0.436   1.00 0.00  ? 100 GLN C CA 1 
ATOM 407 C CA . ARG C 1 101 ? 13.783  -1.184  2.030   1.00 0.00  ? 101 ARG C CA 1 
ATOM 408 C CA . TYR C 1 102 ? 14.256  -4.190  4.320   1.00 0.00  ? 102 TYR C CA 1 
ATOM 409 C CA . ALA C 1 103 ? 13.074  -7.513  5.633   1.00 0.00  ? 103 ALA C CA 1 
ATOM 410 C CA . VAL C 1 104 ? 12.759  -8.625  9.241   1.00 0.00  ? 104 VAL C CA 1 
ATOM 411 C CA . GLU C 1 105 ? 13.968  -12.154 9.645   1.00 0.00  ? 105 GLU C CA 1 
ATOM 412 C CA . THR C 1 106 ? 14.249  -13.008 13.296  1.00 0.00  ? 106 THR C CA 1 
ATOM 413 C CA . LEU C 1 107 ? 12.838  -11.333 16.339  1.00 0.00  ? 107 LEU C CA 1 
ATOM 414 C CA . GLU C 1 108 ? 12.694  -11.878 20.075  1.00 0.00  ? 108 GLU C CA 1 
ATOM 415 C CA . PHE C 1 109 ? 11.695  -9.671  22.945  1.00 0.00  ? 109 PHE C CA 1 
ATOM 416 C CA . GLU C 1 110 ? 13.271  -10.071 26.334  1.00 0.00  ? 110 GLU C CA 1 
ATOM 417 C CA . ILE C 1 111 ? 12.118  -8.322  29.459  1.00 0.00  ? 111 ILE C CA 1 
ATOM 418 C CA . GLN C 1 112 ? 13.353  -7.777  32.945  1.00 0.00  ? 112 GLN C CA 1 
ATOM 419 C CA . PRO C 1 113 ? 12.900  -5.357  35.803  1.00 0.00  ? 113 PRO C CA 1 
ATOM 420 C CA . MET C 1 114 ? 14.322  -5.209  39.306  1.00 0.00  ? 114 MET C CA 1 
ATOM 421 C CA . CYS C 1 115 ? 13.229  -6.957  42.511  1.00 0.00  ? 115 CYS C CA 1 
ATOM 422 C CA . PRO C 1 116 ? 13.237  -7.314  45.857  1.00 0.00  ? 116 PRO C CA 1 
ATOM 423 C CA . ALA C 1 117 ? 10.451  -9.719  46.660  1.00 0.00  ? 117 ALA C CA 1 
ATOM 424 C CA . ASN C 1 118 ? 7.942   -9.591  48.129  1.00 0.00  ? 118 ASN C CA 1 
ATOM 425 C CA . THR C 1 119 ? 6.165   -6.961  46.068  1.00 0.00  ? 119 THR C CA 1 
ATOM 426 C CA . GLY C 1 120 ? 2.666   -6.379  44.742  1.00 0.00  ? 120 GLY C CA 1 
ATOM 427 C CA . GLY C 1 121 ? 2.859   -7.705  41.199  1.00 0.00  ? 121 GLY C CA 1 
ATOM 428 C CA . GLY C 1 122 ? 2.505   -8.017  38.386  1.00 0.00  ? 122 GLY C CA 1 
ATOM 429 C CA . TYR C 1 123 ? 3.044   -7.090  34.762  1.00 0.00  ? 123 TYR C CA 1 
ATOM 430 C CA . VAL C 1 124 ? 1.484   -8.448  31.606  1.00 0.00  ? 124 VAL C CA 1 
ATOM 431 C CA . ALA C 1 125 ? 3.267   -8.115  28.291  1.00 0.00  ? 125 ALA C CA 1 
ATOM 432 C CA . GLY C 1 126 ? 3.047   -9.004  24.636  1.00 0.00  ? 126 GLY C CA 1 
ATOM 433 C CA . PHE C 1 127 ? 3.081   -7.350  21.254  1.00 0.00  ? 127 PHE C CA 1 
ATOM 434 C CA . LEU C 1 128 ? 0.372   -6.534  18.765  1.00 0.00  ? 128 LEU C CA 1 
ATOM 435 C CA . PRO C 1 129 ? 1.118   -7.190  15.049  1.00 0.00  ? 129 PRO C CA 1 
ATOM 436 C CA . ASP C 1 130 ? -1.257  -4.484  13.787  1.00 0.00  ? 130 ASP C CA 1 
ATOM 437 C CA . PRO C 1 131 ? 0.433   -1.099  14.159  1.00 0.00  ? 131 PRO C CA 1 
ATOM 438 C CA . THR C 1 132 ? -2.595  0.998   13.316  1.00 0.00  ? 132 THR C CA 1 
ATOM 439 C CA . ASP C 1 133 ? -4.473  -0.603  16.204  1.00 0.00  ? 133 ASP C CA 1 
ATOM 440 C CA . ASN C 1 134 ? -4.600  1.511   19.349  1.00 0.00  ? 134 ASN C CA 1 
ATOM 441 C CA . ASP C 1 135 ? -6.719  -0.336  21.888  1.00 0.00  ? 135 ASP C CA 1 
ATOM 442 C CA . HIS C 1 136 ? -5.241  -1.737  25.088  1.00 0.00  ? 136 HIS C CA 1 
ATOM 443 C CA . THR C 1 137 ? -6.352  -3.290  28.384  1.00 0.00  ? 137 THR C CA 1 
ATOM 444 C CA . PHE C 1 138 ? -5.585  -6.790  29.631  1.00 0.00  ? 138 PHE C CA 1 
ATOM 445 C CA . ASP C 1 139 ? -8.060  -8.989  27.790  1.00 0.00  ? 139 ASP C CA 1 
ATOM 446 C CA . ALA C 1 140 ? -7.055  -7.401  24.567  1.00 0.00  ? 140 ALA C CA 1 
ATOM 447 C CA . LEU C 1 141 ? -3.322  -7.750  24.790  1.00 0.00  ? 141 LEU C CA 1 
ATOM 448 C CA . GLN C 1 142 ? -3.828  -11.256 26.065  1.00 0.00  ? 142 GLN C CA 1 
ATOM 449 C CA . ALA C 1 143 ? -4.946  -12.816 22.826  1.00 0.00  ? 143 ALA C CA 1 
ATOM 450 C CA . THR C 1 144 ? -1.710  -12.907 20.861  1.00 0.00  ? 144 THR C CA 1 
ATOM 451 C CA . ARG C 1 145 ? 0.749   -15.649 19.939  1.00 0.00  ? 145 ARG C CA 1 
ATOM 452 C CA . GLY C 1 146 ? 3.191   -15.096 22.758  1.00 0.00  ? 146 GLY C CA 1 
ATOM 453 C CA . ALA C 1 147 ? 1.397   -13.430 25.617  1.00 0.00  ? 147 ALA C CA 1 
ATOM 454 C CA . VAL C 1 148 ? 3.238   -13.428 28.915  1.00 0.00  ? 148 VAL C CA 1 
ATOM 455 C CA . VAL C 1 149 ? 2.040   -12.790 32.469  1.00 0.00  ? 149 VAL C CA 1 
ATOM 456 C CA . ALA C 1 150 ? 4.217   -12.600 35.580  1.00 0.00  ? 150 ALA C CA 1 
ATOM 457 C CA . LYS C 1 151 ? 5.225   -11.133 38.940  1.00 0.00  ? 151 LYS C CA 1 
ATOM 458 C CA . TRP C 1 152 ? 7.696   -8.286  38.922  1.00 0.00  ? 152 TRP C CA 1 
ATOM 459 C CA . TRP C 1 153 ? 10.498  -10.136 40.647  1.00 0.00  ? 153 TRP C CA 1 
ATOM 460 C CA . GLU C 1 154 ? 10.232  -12.684 37.860  1.00 0.00  ? 154 GLU C CA 1 
ATOM 461 C CA . SER C 1 155 ? 11.932  -11.916 34.528  1.00 0.00  ? 155 SER C CA 1 
ATOM 462 C CA . ARG C 1 156 ? 10.894  -13.442 31.215  1.00 0.00  ? 156 ARG C CA 1 
ATOM 463 C CA . THR C 1 157 ? 10.883  -13.794 27.459  1.00 0.00  ? 157 THR C CA 1 
ATOM 464 C CA . VAL C 1 158 ? 8.535   -13.111 24.555  1.00 0.00  ? 158 VAL C CA 1 
ATOM 465 C CA . ARG C 1 159 ? 8.567   -15.102 21.340  1.00 0.00  ? 159 ARG C CA 1 
ATOM 466 C CA . PRO C 1 160 ? 6.899   -13.122 18.493  1.00 0.00  ? 160 PRO C CA 1 
ATOM 467 C CA . GLN C 1 161 ? 4.525   -13.575 15.600  1.00 0.00  ? 161 GLN C CA 1 
ATOM 468 C CA . TYR C 1 162 ? 6.525   -11.677 12.963  1.00 0.00  ? 162 TYR C CA 1 
ATOM 469 C CA . THR C 1 163 ? 5.467   -11.318 9.335   1.00 0.00  ? 163 THR C CA 1 
ATOM 470 C CA . ARG C 1 164 ? 8.386   -12.131 7.061   1.00 0.00  ? 164 ARG C CA 1 
ATOM 471 C CA . THR C 1 165 ? 7.255   -10.198 3.984   1.00 0.00  ? 165 THR C CA 1 
ATOM 472 C CA . LEU C 1 166 ? 9.475   -7.386  2.613   1.00 0.00  ? 166 LEU C CA 1 
ATOM 473 C CA . LEU C 1 167 ? 8.651   -3.794  3.612   1.00 0.00  ? 167 LEU C CA 1 
ATOM 474 C CA . TRP C 1 168 ? 9.716   -0.193  2.999   1.00 0.00  ? 168 TRP C CA 1 
ATOM 475 C CA . THR C 1 169 ? 12.097  1.935   5.027   1.00 0.00  ? 169 THR C CA 1 
ATOM 476 C CA . SER C 1 170 ? 10.858  5.486   4.642   1.00 0.00  ? 170 SER C CA 1 
ATOM 477 C CA . SER C 1 171 ? 7.669   6.480   6.396   1.00 0.00  ? 171 SER C CA 1 
ATOM 478 C CA . GLY C 1 172 ? 4.874   7.783   4.199   1.00 0.00  ? 172 GLY C CA 1 
ATOM 479 C CA . LYS C 1 173 ? 1.150   8.362   4.605   1.00 0.00  ? 173 LYS C CA 1 
ATOM 480 C CA . GLU C 1 174 ? 0.209   5.092   6.260   1.00 0.00  ? 174 GLU C CA 1 
ATOM 481 C CA . GLN C 1 175 ? 2.282   3.475   8.942   1.00 0.00  ? 175 GLN C CA 1 
ATOM 482 C CA . ARG C 1 176 ? 0.571   0.221   8.131   1.00 0.00  ? 176 ARG C CA 1 
ATOM 483 C CA . LEU C 1 177 ? 2.932   -0.863  5.415   1.00 0.00  ? 177 LEU C CA 1 
ATOM 484 C CA . THR C 1 178 ? 6.053   -0.074  7.393   1.00 0.00  ? 178 THR C CA 1 
ATOM 485 C CA . SER C 1 179 ? 6.686   -2.005  10.583  1.00 0.00  ? 179 SER C CA 1 
ATOM 486 C CA . PRO C 1 180 ? 6.057   -5.439  12.154  1.00 0.00  ? 180 PRO C CA 1 
ATOM 487 C CA . GLY C 1 181 ? 4.105   -4.189  15.154  1.00 0.00  ? 181 GLY C CA 1 
ATOM 488 C CA . ARG C 1 182 ? 3.954   -2.480  18.527  1.00 0.00  ? 182 ARG C CA 1 
ATOM 489 C CA . LEU C 1 183 ? 5.124   -3.830  21.886  1.00 0.00  ? 183 LEU C CA 1 
ATOM 490 C CA . ILE C 1 184 ? 3.135   -3.423  25.090  1.00 0.00  ? 184 ILE C CA 1 
ATOM 491 C CA . LEU C 1 185 ? 3.414   -3.645  28.861  1.00 0.00  ? 185 LEU C CA 1 
ATOM 492 C CA . LEU C 1 186 ? 0.541   -3.260  31.296  1.00 0.00  ? 186 LEU C CA 1 
ATOM 493 C CA . CYS C 1 187 ? 0.379   -3.223  35.064  1.00 0.00  ? 187 CYS C CA 1 
ATOM 494 C CA . VAL C 1 188 ? -2.211  -4.948  37.203  1.00 0.00  ? 188 VAL C CA 1 
ATOM 495 C CA . GLY C 1 189 ? -1.068  -4.032  40.675  1.00 0.00  ? 189 GLY C CA 1 
ATOM 496 C CA . ASN C 1 190 ? -1.159  -2.433  42.954  1.00 0.00  ? 190 ASN C CA 1 
ATOM 497 C CA . ASN C 1 191 ? 1.498   -1.483  43.734  1.00 0.00  ? 191 ASN C CA 1 
ATOM 498 C CA . THR C 1 192 ? 3.687   -1.055  46.808  1.00 0.00  ? 192 THR C CA 1 
ATOM 499 C CA . ASP C 1 193 ? 7.310   0.052   46.565  1.00 0.00  ? 193 ASP C CA 1 
ATOM 500 C CA . VAL C 1 194 ? 8.913   1.698   43.557  1.00 0.00  ? 194 VAL C CA 1 
ATOM 501 C CA . VAL C 1 195 ? 9.904   -0.527  40.672  1.00 0.00  ? 195 VAL C CA 1 
ATOM 502 C CA . ASN C 1 196 ? 12.409  -0.019  37.884  1.00 0.00  ? 196 ASN C CA 1 
ATOM 503 C CA . VAL C 1 197 ? 11.684  -1.651  34.526  1.00 0.00  ? 197 VAL C CA 1 
ATOM 504 C CA . SER C 1 198 ? 13.496  -2.457  31.300  1.00 0.00  ? 198 SER C CA 1 
ATOM 505 C CA . VAL C 1 199 ? 12.799  -4.047  27.940  1.00 0.00  ? 199 VAL C CA 1 
ATOM 506 C CA . LEU C 1 200 ? 15.168  -5.047  25.218  1.00 0.00  ? 200 LEU C CA 1 
ATOM 507 C CA . CYS C 1 201 ? 14.995  -6.388  21.693  1.00 0.00  ? 201 CYS C CA 1 
ATOM 508 C CA . ARG C 1 202 ? 16.974  -9.101  19.979  1.00 0.00  ? 202 ARG C CA 1 
ATOM 509 C CA . TRP C 1 203 ? 16.897  -8.589  16.244  1.00 0.00  ? 203 TRP C CA 1 
ATOM 510 C CA . SER C 1 204 ? 18.261  -9.924  12.989  1.00 0.00  ? 204 SER C CA 1 
ATOM 511 C CA . VAL C 1 205 ? 17.492  -8.214  9.712   1.00 0.00  ? 205 VAL C CA 1 
ATOM 512 C CA . ARG C 1 206 ? 18.211  -8.511  5.996   1.00 0.00  ? 206 ARG C CA 1 
ATOM 513 C CA . LEU C 1 207 ? 18.747  -5.374  3.907   1.00 0.00  ? 207 LEU C CA 1 
ATOM 514 C CA . SER C 1 208 ? 18.806  -4.770  0.165   1.00 0.00  ? 208 SER C CA 1 
ATOM 515 C CA . VAL C 1 209 ? 18.523  -2.302  -2.740  1.00 0.00  ? 209 VAL C CA 1 
ATOM 516 C CA . PRO C 1 210 ? 20.983  0.649   -2.686  1.00 0.00  ? 210 PRO C CA 1 
ATOM 517 C CA . SER C 1 211 ? 19.913  4.263   -2.325  1.00 0.00  ? 211 SER C CA 1 
ATOM 518 C CA . LEU C 1 212 ? 20.899  7.489   -0.632  1.00 0.00  ? 212 LEU C CA 1 
ATOM 519 C CA . GLU C 1 213 ? 17.636  8.624   0.923   1.00 0.00  ? 213 GLU C CA 1 
ATOM 520 C CA . THR C 1 214 ? 18.377  11.229  2.692   1.00 0.00  ? 214 THR C CA 1 
ATOM 521 C CA . PRO C 1 215 ? 16.610  12.540  5.766   1.00 0.00  ? 215 PRO C CA 1 
ATOM 522 C CA . GLU C 1 216 ? 12.855  12.486  6.181   1.00 0.00  ? 216 GLU C CA 1 
ATOM 523 C CA . GLU C 1 217 ? 12.629  15.725  8.149   1.00 0.00  ? 217 GLU C CA 1 
ATOM 524 C CA . THR C 1 218 ? 9.503   16.444  10.219  1.00 0.00  ? 218 THR C CA 1 
ATOM 525 C CA . THR C 1 219 ? 7.604   18.644  9.151   1.00 0.00  ? 219 THR C CA 1 
ATOM 526 C CA . ALA C 1 220 ? 4.333   17.172  10.434  1.00 0.00  ? 220 ALA C CA 1 
# 
